data_2A7O
#
_entry.id   2A7O
#
_entity_poly.entity_id   1
_entity_poly.type   'polypeptide(L)'
_entity_poly.pdbx_seq_one_letter_code
;GSHMTAEADTSSELAKKSKEVFRKEMSQFIVQCLNPYRKPDCKVGRITTTEDFKHLARKLTHGVMNKELKYCKNPEDLEC
NENVKHKTKEYIKKYMQKFGAVYKPKEDTELE
;
_entity_poly.pdbx_strand_id   A
#
# COMPACT_ATOMS: atom_id res chain seq x y z
N THR A 10 -15.60 15.85 -15.08
CA THR A 10 -14.27 16.48 -14.86
C THR A 10 -13.19 15.50 -14.35
N SER A 11 -13.44 14.21 -14.50
CA SER A 11 -12.67 13.21 -13.83
C SER A 11 -11.46 12.78 -14.54
N SER A 12 -11.26 13.23 -15.70
CA SER A 12 -10.08 12.88 -16.35
C SER A 12 -8.92 13.64 -15.68
N GLU A 13 -9.11 14.94 -15.53
CA GLU A 13 -8.13 15.81 -14.88
C GLU A 13 -8.24 15.77 -13.36
N LEU A 14 -9.45 15.61 -12.84
CA LEU A 14 -9.70 15.52 -11.38
C LEU A 14 -8.87 14.38 -10.86
N ALA A 15 -8.81 13.36 -11.66
CA ALA A 15 -8.14 12.18 -11.29
C ALA A 15 -6.67 12.28 -11.51
N LYS A 16 -6.22 13.17 -12.39
CA LYS A 16 -4.80 13.40 -12.56
C LYS A 16 -4.23 13.83 -11.24
N LYS A 17 -4.97 14.69 -10.61
CA LYS A 17 -4.61 15.18 -9.33
C LYS A 17 -5.00 14.18 -8.24
N SER A 18 -6.12 13.48 -8.42
CA SER A 18 -6.60 12.59 -7.39
C SER A 18 -5.70 11.35 -7.26
N LYS A 19 -5.10 10.86 -8.35
CA LYS A 19 -4.25 9.68 -8.28
C LYS A 19 -2.98 10.00 -7.56
N GLU A 20 -2.40 11.15 -7.86
CA GLU A 20 -1.16 11.55 -7.21
C GLU A 20 -1.40 11.85 -5.73
N VAL A 21 -2.50 12.53 -5.42
CA VAL A 21 -2.85 12.80 -4.04
C VAL A 21 -3.14 11.49 -3.34
N PHE A 22 -3.95 10.65 -3.97
CA PHE A 22 -4.32 9.35 -3.41
C PHE A 22 -3.12 8.51 -3.14
N ARG A 23 -2.29 8.36 -4.15
CA ARG A 23 -1.12 7.55 -4.01
C ARG A 23 -0.18 8.11 -2.95
N LYS A 24 -0.19 9.42 -2.76
CA LYS A 24 0.62 10.06 -1.74
C LYS A 24 0.06 9.76 -0.35
N GLU A 25 -1.27 9.95 -0.18
CA GLU A 25 -1.95 9.74 1.10
C GLU A 25 -1.74 8.34 1.52
N MET A 26 -2.02 7.49 0.58
CA MET A 26 -1.94 6.08 0.76
C MET A 26 -0.52 5.59 0.98
N SER A 27 0.45 6.16 0.29
CA SER A 27 1.81 5.81 0.56
C SER A 27 2.15 6.18 1.99
N GLN A 28 1.60 7.28 2.47
CA GLN A 28 1.83 7.71 3.85
C GLN A 28 1.12 6.79 4.83
N PHE A 29 -0.11 6.44 4.50
CA PHE A 29 -0.91 5.51 5.28
C PHE A 29 -0.24 4.13 5.33
N ILE A 30 0.18 3.65 4.19
CA ILE A 30 0.88 2.38 4.07
C ILE A 30 2.18 2.45 4.82
N VAL A 31 2.91 3.55 4.66
CA VAL A 31 4.13 3.76 5.45
C VAL A 31 3.83 3.58 6.94
N GLN A 32 2.77 4.21 7.40
CA GLN A 32 2.32 4.15 8.79
C GLN A 32 2.02 2.69 9.19
N CYS A 33 1.36 2.00 8.30
CA CYS A 33 0.98 0.61 8.47
C CYS A 33 2.19 -0.31 8.50
N LEU A 34 3.19 0.00 7.68
CA LEU A 34 4.41 -0.79 7.59
C LEU A 34 5.39 -0.49 8.71
N ASN A 35 5.28 0.70 9.32
CA ASN A 35 6.09 1.06 10.50
C ASN A 35 6.35 -0.05 11.55
N PRO A 36 5.33 -0.80 12.01
CA PRO A 36 5.55 -1.90 12.97
C PRO A 36 6.30 -3.09 12.36
N TYR A 37 6.33 -3.16 11.05
CA TYR A 37 6.94 -4.28 10.35
C TYR A 37 8.43 -4.08 10.21
N ARG A 38 8.87 -2.85 10.21
CA ARG A 38 10.30 -2.57 10.03
C ARG A 38 11.06 -2.63 11.35
N LYS A 39 10.33 -2.89 12.39
CA LYS A 39 10.88 -3.00 13.71
C LYS A 39 11.59 -4.35 13.85
N PRO A 40 12.75 -4.39 14.54
CA PRO A 40 13.57 -5.62 14.66
C PRO A 40 12.86 -6.77 15.40
N ASP A 41 11.76 -6.47 16.05
CA ASP A 41 11.01 -7.48 16.79
C ASP A 41 9.69 -7.83 16.06
N CYS A 42 9.57 -7.39 14.83
CA CYS A 42 8.41 -7.74 14.05
C CYS A 42 8.45 -9.24 13.76
N LYS A 43 7.38 -9.91 14.11
CA LYS A 43 7.29 -11.33 13.95
C LYS A 43 6.96 -11.70 12.51
N VAL A 44 6.14 -10.92 11.87
CA VAL A 44 5.67 -11.28 10.55
C VAL A 44 5.89 -10.16 9.57
N GLY A 45 6.58 -10.45 8.51
CA GLY A 45 6.84 -9.50 7.47
C GLY A 45 7.77 -8.40 7.97
N ARG A 46 8.81 -8.77 8.68
CA ARG A 46 9.74 -7.81 9.19
C ARG A 46 10.54 -7.24 8.05
N ILE A 47 10.46 -5.95 7.89
CA ILE A 47 11.14 -5.27 6.86
C ILE A 47 12.62 -5.14 7.18
N THR A 48 13.39 -5.63 6.27
CA THR A 48 14.81 -5.67 6.35
C THR A 48 15.45 -4.29 6.36
N THR A 49 15.19 -3.52 5.35
CA THR A 49 15.87 -2.26 5.21
C THR A 49 14.88 -1.17 4.84
N THR A 50 15.26 0.05 5.11
CA THR A 50 14.50 1.22 4.78
C THR A 50 14.14 1.27 3.30
N GLU A 51 15.09 0.92 2.46
CA GLU A 51 14.87 0.89 1.02
C GLU A 51 13.79 -0.12 0.66
N ASP A 52 13.73 -1.20 1.42
CA ASP A 52 12.73 -2.24 1.24
C ASP A 52 11.41 -1.77 1.75
N PHE A 53 11.46 -1.07 2.87
CA PHE A 53 10.30 -0.47 3.49
C PHE A 53 9.61 0.48 2.48
N LYS A 54 10.40 1.38 1.95
CA LYS A 54 9.95 2.37 1.00
C LYS A 54 9.45 1.75 -0.27
N HIS A 55 10.15 0.72 -0.73
CA HIS A 55 9.80 0.01 -1.96
C HIS A 55 8.48 -0.66 -1.78
N LEU A 56 8.32 -1.31 -0.65
CA LEU A 56 7.11 -2.00 -0.38
C LEU A 56 5.97 -1.01 -0.23
N ALA A 57 6.17 0.09 0.50
CA ALA A 57 5.12 1.11 0.66
C ALA A 57 4.63 1.57 -0.72
N ARG A 58 5.58 1.75 -1.61
CA ARG A 58 5.30 2.18 -2.99
C ARG A 58 4.47 1.15 -3.71
N LYS A 59 4.96 -0.03 -3.65
CA LYS A 59 4.41 -1.19 -4.32
C LYS A 59 2.98 -1.49 -3.85
N LEU A 60 2.76 -1.42 -2.55
CA LEU A 60 1.44 -1.66 -1.97
C LEU A 60 0.47 -0.60 -2.37
N THR A 61 0.96 0.65 -2.37
CA THR A 61 0.14 1.77 -2.81
C THR A 61 -0.31 1.50 -4.21
N HIS A 62 0.62 1.00 -4.99
CA HIS A 62 0.41 0.77 -6.39
C HIS A 62 -0.59 -0.40 -6.61
N GLY A 63 -0.57 -1.40 -5.75
CA GLY A 63 -1.47 -2.53 -5.91
C GLY A 63 -2.88 -2.22 -5.46
N VAL A 64 -3.02 -1.45 -4.37
CA VAL A 64 -4.36 -1.03 -3.89
C VAL A 64 -4.98 -0.17 -4.97
N MET A 65 -4.15 0.67 -5.51
CA MET A 65 -4.49 1.63 -6.54
C MET A 65 -4.99 0.92 -7.78
N ASN A 66 -4.24 -0.04 -8.24
CA ASN A 66 -4.57 -0.79 -9.42
C ASN A 66 -5.84 -1.61 -9.24
N LYS A 67 -5.97 -2.25 -8.10
CA LYS A 67 -7.13 -3.08 -7.84
C LYS A 67 -8.40 -2.27 -7.74
N GLU A 68 -8.34 -1.11 -7.13
CA GLU A 68 -9.51 -0.32 -7.07
C GLU A 68 -9.77 0.36 -8.37
N LEU A 69 -8.74 0.79 -9.07
CA LEU A 69 -8.93 1.30 -10.43
C LEU A 69 -9.60 0.28 -11.32
N LYS A 70 -9.39 -1.01 -11.05
CA LYS A 70 -10.06 -2.05 -11.82
C LYS A 70 -11.52 -2.14 -11.44
N TYR A 71 -11.77 -2.20 -10.15
CA TYR A 71 -13.13 -2.39 -9.59
C TYR A 71 -13.91 -1.09 -9.38
N CYS A 72 -13.36 0.00 -9.80
CA CYS A 72 -14.00 1.30 -9.69
C CYS A 72 -14.08 1.93 -11.03
N LYS A 73 -12.94 1.92 -11.76
CA LYS A 73 -12.83 2.39 -13.16
C LYS A 73 -12.91 3.92 -13.30
N ASN A 74 -13.65 4.54 -12.42
CA ASN A 74 -13.77 5.97 -12.42
C ASN A 74 -13.04 6.53 -11.21
N PRO A 75 -11.89 7.18 -11.45
CA PRO A 75 -11.00 7.67 -10.39
C PRO A 75 -11.47 8.87 -9.60
N GLU A 76 -12.67 9.24 -9.82
CA GLU A 76 -13.34 10.25 -9.04
C GLU A 76 -13.55 9.68 -7.62
N ASP A 77 -13.40 8.37 -7.55
CA ASP A 77 -13.56 7.62 -6.31
C ASP A 77 -12.26 7.02 -5.90
N LEU A 78 -11.22 7.36 -6.61
CA LEU A 78 -9.93 6.90 -6.30
C LEU A 78 -9.36 7.88 -5.31
N GLU A 79 -9.49 7.52 -4.10
CA GLU A 79 -9.15 8.32 -3.00
C GLU A 79 -8.65 7.41 -1.93
N CYS A 80 -7.78 7.90 -1.11
CA CYS A 80 -7.33 7.18 0.02
C CYS A 80 -8.31 7.44 1.11
N ASN A 81 -9.48 6.88 0.93
CA ASN A 81 -10.54 7.12 1.86
C ASN A 81 -10.58 6.00 2.82
N GLU A 82 -11.48 6.11 3.69
CA GLU A 82 -11.77 5.19 4.75
C GLU A 82 -11.87 3.73 4.23
N ASN A 83 -12.73 3.54 3.24
CA ASN A 83 -12.97 2.27 2.56
C ASN A 83 -11.66 1.78 2.02
N VAL A 84 -10.96 2.68 1.31
CA VAL A 84 -9.68 2.32 0.73
C VAL A 84 -8.66 1.95 1.80
N LYS A 85 -8.58 2.75 2.85
CA LYS A 85 -7.68 2.51 3.98
C LYS A 85 -7.93 1.17 4.56
N HIS A 86 -9.19 0.91 4.82
CA HIS A 86 -9.69 -0.35 5.40
C HIS A 86 -9.12 -1.52 4.58
N LYS A 87 -9.36 -1.43 3.30
CA LYS A 87 -8.97 -2.42 2.32
C LYS A 87 -7.46 -2.56 2.29
N THR A 88 -6.81 -1.48 2.47
CA THR A 88 -5.43 -1.38 2.37
C THR A 88 -4.74 -2.01 3.53
N LYS A 89 -5.00 -1.53 4.72
CA LYS A 89 -4.32 -2.04 5.87
C LYS A 89 -4.63 -3.52 6.10
N GLU A 90 -5.86 -3.94 5.75
CA GLU A 90 -6.20 -5.36 5.82
C GLU A 90 -5.45 -6.16 4.76
N TYR A 91 -5.29 -5.54 3.58
CA TYR A 91 -4.56 -6.15 2.50
C TYR A 91 -3.11 -6.28 2.91
N ILE A 92 -2.57 -5.19 3.43
CA ILE A 92 -1.19 -5.12 3.92
C ILE A 92 -0.88 -6.25 4.86
N LYS A 93 -1.67 -6.37 5.91
CA LYS A 93 -1.43 -7.43 6.86
C LYS A 93 -1.42 -8.76 6.16
N LYS A 94 -2.45 -9.01 5.40
CA LYS A 94 -2.59 -10.31 4.78
C LYS A 94 -1.44 -10.54 3.81
N TYR A 95 -1.03 -9.48 3.17
CA TYR A 95 0.05 -9.52 2.27
C TYR A 95 1.34 -9.88 2.96
N MET A 96 1.68 -9.17 4.01
CA MET A 96 2.92 -9.41 4.68
C MET A 96 2.99 -10.78 5.33
N GLN A 97 1.82 -11.39 5.53
CA GLN A 97 1.77 -12.74 6.10
C GLN A 97 2.41 -13.77 5.17
N LYS A 98 2.56 -13.42 3.90
CA LYS A 98 3.12 -14.34 2.92
C LYS A 98 4.64 -14.37 2.99
N PHE A 99 5.23 -13.31 3.52
CA PHE A 99 6.69 -13.21 3.59
C PHE A 99 7.25 -14.08 4.70
N GLY A 100 6.51 -14.23 5.76
CA GLY A 100 6.94 -15.03 6.84
C GLY A 100 7.45 -14.16 7.93
N ALA A 101 8.60 -14.46 8.37
CA ALA A 101 9.26 -13.71 9.41
C ALA A 101 9.76 -12.40 8.83
N VAL A 102 10.49 -12.48 7.73
CA VAL A 102 11.06 -11.33 7.11
C VAL A 102 10.49 -11.08 5.74
N TYR A 103 10.47 -9.82 5.39
CA TYR A 103 9.98 -9.34 4.14
C TYR A 103 10.99 -9.62 3.05
N LYS A 104 10.62 -10.51 2.18
CA LYS A 104 11.44 -10.91 1.09
C LYS A 104 10.69 -10.70 -0.26
N PRO A 105 10.84 -9.50 -0.84
CA PRO A 105 10.13 -9.09 -2.07
C PRO A 105 10.52 -9.91 -3.29
N LYS A 106 11.74 -10.41 -3.30
CA LYS A 106 12.19 -11.32 -4.36
C LYS A 106 11.49 -12.68 -4.31
N GLU A 107 10.66 -12.85 -3.30
CA GLU A 107 9.87 -14.03 -3.14
C GLU A 107 8.41 -13.63 -2.93
N ASP A 108 8.10 -12.42 -3.37
CA ASP A 108 6.79 -11.86 -3.30
C ASP A 108 5.91 -12.42 -4.46
N THR A 109 4.65 -12.13 -4.44
CA THR A 109 3.70 -12.55 -5.44
C THR A 109 3.90 -11.73 -6.77
N THR A 10 -14.72 15.82 -17.00
CA THR A 10 -13.29 15.96 -16.95
C THR A 10 -12.69 15.26 -15.69
N SER A 11 -13.14 14.05 -15.42
CA SER A 11 -12.65 13.24 -14.31
C SER A 11 -11.30 12.73 -14.62
N SER A 12 -10.94 12.84 -15.84
CA SER A 12 -9.68 12.48 -16.29
C SER A 12 -8.63 13.41 -15.67
N GLU A 13 -8.87 14.72 -15.72
CA GLU A 13 -7.94 15.69 -15.17
C GLU A 13 -8.10 15.83 -13.66
N LEU A 14 -9.33 15.67 -13.19
CA LEU A 14 -9.64 15.77 -11.76
C LEU A 14 -8.89 14.70 -11.02
N ALA A 15 -8.74 13.62 -11.71
CA ALA A 15 -8.08 12.50 -11.20
C ALA A 15 -6.59 12.59 -11.34
N LYS A 16 -6.10 13.49 -12.18
CA LYS A 16 -4.66 13.69 -12.27
C LYS A 16 -4.18 14.17 -10.94
N LYS A 17 -5.00 14.98 -10.32
CA LYS A 17 -4.74 15.42 -9.01
C LYS A 17 -5.17 14.39 -7.99
N SER A 18 -6.33 13.76 -8.19
CA SER A 18 -6.84 12.82 -7.21
C SER A 18 -5.93 11.58 -7.08
N LYS A 19 -5.31 11.13 -8.18
CA LYS A 19 -4.43 9.97 -8.12
C LYS A 19 -3.19 10.32 -7.35
N GLU A 20 -2.64 11.51 -7.56
CA GLU A 20 -1.43 11.86 -6.86
C GLU A 20 -1.72 12.14 -5.39
N VAL A 21 -2.85 12.79 -5.12
CA VAL A 21 -3.24 13.06 -3.75
C VAL A 21 -3.51 11.75 -3.04
N PHE A 22 -4.32 10.90 -3.68
CA PHE A 22 -4.63 9.57 -3.14
C PHE A 22 -3.38 8.78 -2.91
N ARG A 23 -2.54 8.67 -3.94
CA ARG A 23 -1.32 7.91 -3.79
C ARG A 23 -0.44 8.51 -2.70
N LYS A 24 -0.48 9.82 -2.51
CA LYS A 24 0.31 10.47 -1.47
C LYS A 24 -0.17 10.03 -0.10
N GLU A 25 -1.48 10.16 0.15
CA GLU A 25 -2.02 9.82 1.44
C GLU A 25 -2.01 8.34 1.71
N MET A 26 -2.14 7.56 0.68
CA MET A 26 -2.09 6.14 0.83
C MET A 26 -0.66 5.64 1.00
N SER A 27 0.29 6.30 0.36
CA SER A 27 1.68 5.97 0.57
C SER A 27 2.01 6.25 1.99
N GLN A 28 1.46 7.33 2.52
CA GLN A 28 1.71 7.69 3.91
C GLN A 28 1.04 6.70 4.85
N PHE A 29 -0.20 6.37 4.54
CA PHE A 29 -0.98 5.43 5.31
C PHE A 29 -0.28 4.06 5.31
N ILE A 30 0.13 3.61 4.15
CA ILE A 30 0.85 2.35 4.00
C ILE A 30 2.18 2.41 4.71
N VAL A 31 2.90 3.51 4.55
CA VAL A 31 4.14 3.72 5.31
C VAL A 31 3.89 3.53 6.80
N GLN A 32 2.84 4.14 7.28
CA GLN A 32 2.41 4.06 8.67
C GLN A 32 2.13 2.62 9.07
N CYS A 33 1.45 1.93 8.17
CA CYS A 33 1.09 0.55 8.33
C CYS A 33 2.31 -0.36 8.34
N LEU A 34 3.29 -0.05 7.52
CA LEU A 34 4.51 -0.85 7.42
C LEU A 34 5.50 -0.53 8.53
N ASN A 35 5.40 0.65 9.12
CA ASN A 35 6.23 1.01 10.30
C ASN A 35 6.47 -0.10 11.35
N PRO A 36 5.43 -0.83 11.83
CA PRO A 36 5.63 -1.91 12.81
C PRO A 36 6.35 -3.12 12.20
N TYR A 37 6.41 -3.18 10.89
CA TYR A 37 7.02 -4.31 10.23
C TYR A 37 8.50 -4.13 10.10
N ARG A 38 8.94 -2.91 10.09
CA ARG A 38 10.38 -2.65 9.95
C ARG A 38 11.05 -2.64 11.30
N LYS A 39 10.26 -2.85 12.31
CA LYS A 39 10.74 -2.97 13.66
C LYS A 39 11.49 -4.29 13.79
N PRO A 40 12.62 -4.30 14.49
CA PRO A 40 13.42 -5.52 14.65
C PRO A 40 12.68 -6.63 15.39
N ASP A 41 11.60 -6.29 16.08
CA ASP A 41 10.87 -7.27 16.85
C ASP A 41 9.64 -7.75 16.05
N CYS A 42 9.58 -7.35 14.80
CA CYS A 42 8.52 -7.79 13.94
C CYS A 42 8.68 -9.26 13.70
N LYS A 43 7.60 -9.97 13.77
CA LYS A 43 7.61 -11.41 13.65
C LYS A 43 7.07 -11.85 12.32
N VAL A 44 6.25 -11.03 11.73
CA VAL A 44 5.69 -11.36 10.44
C VAL A 44 5.88 -10.24 9.45
N GLY A 45 6.64 -10.54 8.42
CA GLY A 45 6.92 -9.57 7.38
C GLY A 45 7.84 -8.47 7.88
N ARG A 46 8.92 -8.82 8.57
CA ARG A 46 9.84 -7.83 9.09
C ARG A 46 10.66 -7.21 7.97
N ILE A 47 10.51 -5.93 7.80
CA ILE A 47 11.19 -5.21 6.77
C ILE A 47 12.62 -4.96 7.14
N THR A 48 13.47 -5.50 6.33
CA THR A 48 14.89 -5.42 6.45
C THR A 48 15.44 -4.01 6.37
N THR A 49 15.25 -3.40 5.24
CA THR A 49 15.92 -2.18 4.95
C THR A 49 14.91 -1.09 4.68
N THR A 50 15.30 0.12 4.91
CA THR A 50 14.52 1.27 4.61
C THR A 50 14.18 1.30 3.12
N GLU A 51 15.15 0.92 2.30
CA GLU A 51 14.96 0.84 0.87
C GLU A 51 13.92 -0.21 0.52
N ASP A 52 13.88 -1.25 1.31
CA ASP A 52 12.90 -2.31 1.14
C ASP A 52 11.57 -1.84 1.59
N PHE A 53 11.57 -1.13 2.69
CA PHE A 53 10.39 -0.51 3.26
C PHE A 53 9.76 0.42 2.21
N LYS A 54 10.59 1.29 1.67
CA LYS A 54 10.21 2.25 0.64
C LYS A 54 9.68 1.56 -0.60
N HIS A 55 10.35 0.49 -1.01
CA HIS A 55 9.96 -0.28 -2.20
C HIS A 55 8.61 -0.91 -1.98
N LEU A 56 8.45 -1.51 -0.85
CA LEU A 56 7.22 -2.17 -0.56
C LEU A 56 6.09 -1.17 -0.40
N ALA A 57 6.32 -0.09 0.37
CA ALA A 57 5.29 0.91 0.60
C ALA A 57 4.78 1.46 -0.71
N ARG A 58 5.70 1.73 -1.63
CA ARG A 58 5.33 2.28 -2.91
C ARG A 58 4.57 1.25 -3.76
N LYS A 59 5.05 0.00 -3.73
CA LYS A 59 4.43 -1.09 -4.43
C LYS A 59 2.97 -1.29 -3.97
N LEU A 60 2.79 -1.34 -2.67
CA LEU A 60 1.48 -1.61 -2.07
C LEU A 60 0.53 -0.51 -2.38
N THR A 61 1.02 0.72 -2.32
CA THR A 61 0.23 1.88 -2.70
C THR A 61 -0.24 1.70 -4.12
N HIS A 62 0.65 1.22 -4.93
CA HIS A 62 0.39 1.06 -6.33
C HIS A 62 -0.58 -0.11 -6.59
N GLY A 63 -0.56 -1.12 -5.74
CA GLY A 63 -1.43 -2.27 -5.91
C GLY A 63 -2.84 -2.00 -5.45
N VAL A 64 -3.00 -1.27 -4.34
CA VAL A 64 -4.36 -0.91 -3.84
C VAL A 64 -5.02 -0.03 -4.88
N MET A 65 -4.19 0.82 -5.43
CA MET A 65 -4.55 1.79 -6.44
C MET A 65 -5.09 1.10 -7.68
N ASN A 66 -4.36 0.12 -8.15
CA ASN A 66 -4.72 -0.64 -9.32
C ASN A 66 -5.98 -1.45 -9.11
N LYS A 67 -6.09 -2.08 -7.97
CA LYS A 67 -7.24 -2.89 -7.65
C LYS A 67 -8.51 -2.04 -7.59
N GLU A 68 -8.44 -0.90 -6.96
CA GLU A 68 -9.59 -0.10 -6.89
C GLU A 68 -9.88 0.59 -8.19
N LEU A 69 -8.87 1.03 -8.89
CA LEU A 69 -9.09 1.55 -10.24
C LEU A 69 -9.68 0.51 -11.17
N LYS A 70 -9.47 -0.77 -10.92
CA LYS A 70 -10.05 -1.75 -11.78
C LYS A 70 -11.46 -2.12 -11.35
N TYR A 71 -11.76 -1.88 -10.07
CA TYR A 71 -13.12 -2.15 -9.54
C TYR A 71 -14.03 -0.91 -9.59
N CYS A 72 -13.44 0.23 -9.44
CA CYS A 72 -14.15 1.50 -9.46
C CYS A 72 -14.25 2.02 -10.88
N LYS A 73 -13.19 1.78 -11.64
CA LYS A 73 -13.02 2.21 -13.04
C LYS A 73 -12.83 3.73 -13.19
N ASN A 74 -13.61 4.48 -12.47
CA ASN A 74 -13.48 5.93 -12.48
C ASN A 74 -12.72 6.39 -11.25
N PRO A 75 -11.65 7.14 -11.45
CA PRO A 75 -10.83 7.68 -10.35
C PRO A 75 -11.46 8.80 -9.58
N GLU A 76 -12.64 9.15 -9.95
CA GLU A 76 -13.41 10.10 -9.22
C GLU A 76 -13.86 9.47 -7.89
N ASP A 77 -13.54 8.21 -7.74
CA ASP A 77 -13.84 7.46 -6.51
C ASP A 77 -12.52 6.93 -5.95
N LEU A 78 -11.43 7.27 -6.61
CA LEU A 78 -10.13 6.89 -6.20
C LEU A 78 -9.67 7.90 -5.19
N GLU A 79 -9.85 7.54 -3.97
CA GLU A 79 -9.59 8.35 -2.85
C GLU A 79 -9.01 7.47 -1.79
N CYS A 80 -8.14 8.00 -0.99
CA CYS A 80 -7.58 7.25 0.11
C CYS A 80 -8.54 7.41 1.25
N ASN A 81 -9.68 6.81 1.09
CA ASN A 81 -10.72 7.01 2.03
C ASN A 81 -10.71 5.88 3.01
N GLU A 82 -11.62 5.94 3.90
CA GLU A 82 -11.87 4.94 4.93
C GLU A 82 -11.95 3.51 4.41
N ASN A 83 -12.82 3.32 3.45
CA ASN A 83 -13.01 2.06 2.73
C ASN A 83 -11.69 1.64 2.19
N VAL A 84 -11.03 2.58 1.49
CA VAL A 84 -9.76 2.28 0.90
C VAL A 84 -8.73 1.91 1.95
N LYS A 85 -8.68 2.68 3.03
CA LYS A 85 -7.77 2.42 4.15
C LYS A 85 -7.99 1.05 4.67
N HIS A 86 -9.25 0.72 4.87
CA HIS A 86 -9.67 -0.58 5.37
C HIS A 86 -9.09 -1.68 4.50
N LYS A 87 -9.34 -1.56 3.22
CA LYS A 87 -8.92 -2.52 2.22
C LYS A 87 -7.40 -2.62 2.22
N THR A 88 -6.78 -1.53 2.48
CA THR A 88 -5.41 -1.40 2.41
C THR A 88 -4.73 -2.07 3.54
N LYS A 89 -5.01 -1.65 4.74
CA LYS A 89 -4.35 -2.21 5.88
C LYS A 89 -4.66 -3.69 6.05
N GLU A 90 -5.87 -4.09 5.65
CA GLU A 90 -6.24 -5.52 5.63
C GLU A 90 -5.41 -6.27 4.60
N TYR A 91 -5.22 -5.63 3.43
CA TYR A 91 -4.46 -6.23 2.36
C TYR A 91 -3.02 -6.33 2.78
N ILE A 92 -2.51 -5.24 3.31
CA ILE A 92 -1.15 -5.14 3.83
C ILE A 92 -0.83 -6.26 4.77
N LYS A 93 -1.63 -6.40 5.81
CA LYS A 93 -1.37 -7.44 6.78
C LYS A 93 -1.35 -8.77 6.09
N LYS A 94 -2.36 -9.03 5.31
CA LYS A 94 -2.51 -10.34 4.71
C LYS A 94 -1.37 -10.59 3.71
N TYR A 95 -0.91 -9.51 3.12
CA TYR A 95 0.17 -9.56 2.22
C TYR A 95 1.47 -9.90 2.95
N MET A 96 1.76 -9.20 4.01
CA MET A 96 2.98 -9.40 4.76
C MET A 96 3.04 -10.79 5.34
N GLN A 97 1.87 -11.39 5.56
CA GLN A 97 1.80 -12.74 6.10
C GLN A 97 2.42 -13.75 5.16
N LYS A 98 2.53 -13.41 3.89
CA LYS A 98 3.07 -14.34 2.92
C LYS A 98 4.60 -14.42 2.98
N PHE A 99 5.23 -13.40 3.54
CA PHE A 99 6.69 -13.39 3.62
C PHE A 99 7.18 -14.29 4.73
N GLY A 100 6.43 -14.34 5.78
CA GLY A 100 6.80 -15.14 6.89
C GLY A 100 7.36 -14.29 7.94
N ALA A 101 8.55 -14.56 8.32
CA ALA A 101 9.19 -13.82 9.37
C ALA A 101 9.79 -12.52 8.83
N VAL A 102 10.49 -12.61 7.73
CA VAL A 102 11.18 -11.44 7.21
C VAL A 102 10.62 -11.11 5.84
N TYR A 103 10.72 -9.87 5.50
CA TYR A 103 10.26 -9.38 4.26
C TYR A 103 11.28 -9.68 3.20
N LYS A 104 10.99 -10.70 2.45
CA LYS A 104 11.79 -11.12 1.34
C LYS A 104 11.00 -10.95 0.04
N PRO A 105 11.09 -9.75 -0.58
CA PRO A 105 10.30 -9.40 -1.81
C PRO A 105 10.64 -10.32 -2.98
N LYS A 106 11.85 -10.81 -2.99
CA LYS A 106 12.33 -11.78 -3.98
C LYS A 106 11.51 -13.07 -3.98
N GLU A 107 10.68 -13.22 -2.98
CA GLU A 107 9.81 -14.34 -2.81
C GLU A 107 8.38 -13.84 -2.56
N ASP A 108 8.05 -12.68 -3.13
CA ASP A 108 6.73 -12.09 -2.95
C ASP A 108 5.71 -12.77 -3.89
N THR A 109 4.55 -12.20 -4.02
CA THR A 109 3.47 -12.78 -4.80
C THR A 109 3.55 -12.36 -6.29
N THR A 10 -15.56 16.27 -13.81
CA THR A 10 -14.32 16.72 -14.42
C THR A 10 -13.30 15.66 -14.08
N SER A 11 -13.81 14.48 -13.96
CA SER A 11 -13.14 13.37 -13.34
C SER A 11 -12.07 12.78 -14.16
N SER A 12 -12.05 13.15 -15.37
CA SER A 12 -11.04 12.76 -16.25
C SER A 12 -9.75 13.48 -15.84
N GLU A 13 -9.84 14.78 -15.74
CA GLU A 13 -8.74 15.63 -15.41
C GLU A 13 -8.49 15.68 -13.90
N LEU A 14 -9.58 15.55 -13.13
CA LEU A 14 -9.57 15.57 -11.65
C LEU A 14 -8.68 14.47 -11.15
N ALA A 15 -8.64 13.45 -11.94
CA ALA A 15 -7.97 12.26 -11.62
C ALA A 15 -6.48 12.41 -11.72
N LYS A 16 -6.02 13.39 -12.48
CA LYS A 16 -4.60 13.63 -12.57
C LYS A 16 -4.14 14.08 -11.19
N LYS A 17 -5.00 14.82 -10.53
CA LYS A 17 -4.73 15.28 -9.20
C LYS A 17 -5.05 14.17 -8.20
N SER A 18 -6.17 13.44 -8.41
CA SER A 18 -6.59 12.50 -7.41
C SER A 18 -5.61 11.38 -7.24
N LYS A 19 -5.13 10.83 -8.32
CA LYS A 19 -4.16 9.75 -8.26
C LYS A 19 -2.91 10.13 -7.48
N GLU A 20 -2.39 11.33 -7.68
CA GLU A 20 -1.19 11.74 -6.97
C GLU A 20 -1.48 12.05 -5.50
N VAL A 21 -2.57 12.76 -5.24
CA VAL A 21 -2.95 13.07 -3.88
C VAL A 21 -3.28 11.78 -3.13
N PHE A 22 -4.03 10.90 -3.80
CA PHE A 22 -4.43 9.60 -3.26
C PHE A 22 -3.23 8.78 -2.96
N ARG A 23 -2.36 8.62 -3.97
CA ARG A 23 -1.18 7.83 -3.77
C ARG A 23 -0.33 8.40 -2.66
N LYS A 24 -0.35 9.71 -2.47
CA LYS A 24 0.45 10.28 -1.42
C LYS A 24 -0.11 9.89 -0.06
N GLU A 25 -1.45 9.99 0.08
CA GLU A 25 -2.13 9.70 1.35
C GLU A 25 -1.86 8.28 1.68
N MET A 26 -2.09 7.47 0.67
CA MET A 26 -1.99 6.04 0.80
C MET A 26 -0.57 5.57 0.98
N SER A 27 0.38 6.17 0.32
CA SER A 27 1.76 5.85 0.54
C SER A 27 2.10 6.15 1.97
N GLN A 28 1.56 7.23 2.50
CA GLN A 28 1.83 7.59 3.89
C GLN A 28 1.11 6.65 4.85
N PHE A 29 -0.12 6.31 4.51
CA PHE A 29 -0.92 5.37 5.27
C PHE A 29 -0.23 4.00 5.31
N ILE A 30 0.18 3.53 4.14
CA ILE A 30 0.90 2.29 4.00
C ILE A 30 2.22 2.35 4.72
N VAL A 31 2.93 3.45 4.55
CA VAL A 31 4.16 3.67 5.30
C VAL A 31 3.92 3.46 6.78
N GLN A 32 2.87 4.07 7.30
CA GLN A 32 2.51 3.95 8.69
C GLN A 32 2.16 2.52 9.05
N CYS A 33 1.48 1.87 8.14
CA CYS A 33 1.12 0.49 8.31
C CYS A 33 2.34 -0.41 8.35
N LEU A 34 3.34 -0.08 7.55
CA LEU A 34 4.60 -0.82 7.50
C LEU A 34 5.56 -0.41 8.61
N ASN A 35 5.30 0.75 9.24
CA ASN A 35 6.05 1.20 10.44
C ASN A 35 6.38 0.10 11.46
N PRO A 36 5.38 -0.73 11.90
CA PRO A 36 5.66 -1.84 12.83
C PRO A 36 6.42 -3.01 12.20
N TYR A 37 6.40 -3.09 10.89
CA TYR A 37 7.01 -4.21 10.20
C TYR A 37 8.49 -4.02 10.06
N ARG A 38 8.93 -2.78 10.06
CA ARG A 38 10.36 -2.49 9.90
C ARG A 38 11.09 -2.60 11.23
N LYS A 39 10.34 -2.89 12.26
CA LYS A 39 10.87 -3.03 13.60
C LYS A 39 11.51 -4.40 13.73
N PRO A 40 12.64 -4.52 14.44
CA PRO A 40 13.35 -5.78 14.57
C PRO A 40 12.63 -6.83 15.42
N ASP A 41 11.55 -6.43 16.07
CA ASP A 41 10.77 -7.29 16.89
C ASP A 41 9.54 -7.77 16.14
N CYS A 42 9.38 -7.29 14.92
CA CYS A 42 8.23 -7.62 14.12
C CYS A 42 8.08 -9.13 13.98
N LYS A 43 6.89 -9.60 14.19
CA LYS A 43 6.61 -11.01 14.21
C LYS A 43 6.50 -11.59 12.82
N VAL A 44 6.02 -10.80 11.90
CA VAL A 44 5.75 -11.29 10.58
C VAL A 44 5.98 -10.17 9.56
N GLY A 45 6.72 -10.47 8.53
CA GLY A 45 6.99 -9.52 7.47
C GLY A 45 7.90 -8.39 7.91
N ARG A 46 8.98 -8.70 8.63
CA ARG A 46 9.91 -7.69 9.07
C ARG A 46 10.67 -7.10 7.91
N ILE A 47 10.53 -5.83 7.73
CA ILE A 47 11.21 -5.12 6.69
C ILE A 47 12.68 -4.92 7.05
N THR A 48 13.50 -5.50 6.24
CA THR A 48 14.93 -5.53 6.39
C THR A 48 15.58 -4.17 6.27
N THR A 49 15.27 -3.47 5.23
CA THR A 49 15.94 -2.22 4.96
C THR A 49 14.93 -1.12 4.72
N THR A 50 15.34 0.11 4.93
CA THR A 50 14.56 1.27 4.63
C THR A 50 14.20 1.32 3.14
N GLU A 51 15.17 0.94 2.31
CA GLU A 51 14.97 0.85 0.87
C GLU A 51 13.89 -0.15 0.56
N ASP A 52 13.87 -1.23 1.32
CA ASP A 52 12.88 -2.27 1.16
C ASP A 52 11.55 -1.79 1.62
N PHE A 53 11.57 -1.05 2.71
CA PHE A 53 10.41 -0.45 3.30
C PHE A 53 9.72 0.47 2.28
N LYS A 54 10.52 1.31 1.69
CA LYS A 54 10.07 2.25 0.70
C LYS A 54 9.58 1.56 -0.56
N HIS A 55 10.28 0.50 -0.95
CA HIS A 55 9.93 -0.30 -2.13
C HIS A 55 8.59 -0.94 -1.91
N LEU A 56 8.41 -1.49 -0.76
CA LEU A 56 7.19 -2.15 -0.45
C LEU A 56 6.06 -1.15 -0.29
N ALA A 57 6.30 -0.05 0.43
CA ALA A 57 5.26 0.96 0.63
C ALA A 57 4.72 1.45 -0.71
N ARG A 58 5.63 1.64 -1.65
CA ARG A 58 5.23 2.13 -2.96
C ARG A 58 4.52 1.02 -3.76
N LYS A 59 5.01 -0.21 -3.61
CA LYS A 59 4.44 -1.39 -4.26
C LYS A 59 2.98 -1.56 -3.83
N LEU A 60 2.76 -1.49 -2.54
CA LEU A 60 1.44 -1.69 -1.97
C LEU A 60 0.51 -0.58 -2.35
N THR A 61 1.05 0.65 -2.36
CA THR A 61 0.27 1.80 -2.78
C THR A 61 -0.21 1.54 -4.18
N HIS A 62 0.70 1.03 -4.97
CA HIS A 62 0.47 0.83 -6.37
C HIS A 62 -0.55 -0.29 -6.59
N GLY A 63 -0.52 -1.31 -5.76
CA GLY A 63 -1.45 -2.41 -5.90
C GLY A 63 -2.85 -2.04 -5.49
N VAL A 64 -3.02 -1.27 -4.41
CA VAL A 64 -4.37 -0.84 -3.95
C VAL A 64 -4.94 0.13 -4.98
N MET A 65 -4.07 0.94 -5.50
CA MET A 65 -4.36 1.94 -6.52
C MET A 65 -4.89 1.26 -7.76
N ASN A 66 -4.14 0.33 -8.26
CA ASN A 66 -4.49 -0.43 -9.44
C ASN A 66 -5.68 -1.34 -9.21
N LYS A 67 -5.83 -1.80 -7.98
CA LYS A 67 -6.96 -2.61 -7.56
C LYS A 67 -8.23 -1.84 -7.73
N GLU A 68 -8.24 -0.63 -7.28
CA GLU A 68 -9.39 0.13 -7.44
C GLU A 68 -9.51 0.74 -8.79
N LEU A 69 -8.44 1.06 -9.43
CA LEU A 69 -8.55 1.47 -10.84
C LEU A 69 -9.18 0.36 -11.66
N LYS A 70 -8.97 -0.89 -11.30
CA LYS A 70 -9.57 -1.97 -12.03
C LYS A 70 -11.00 -2.25 -11.56
N TYR A 71 -11.25 -2.06 -10.27
CA TYR A 71 -12.58 -2.36 -9.68
C TYR A 71 -13.40 -1.11 -9.38
N CYS A 72 -13.00 -0.01 -9.92
CA CYS A 72 -13.72 1.26 -9.79
C CYS A 72 -13.82 1.90 -11.13
N LYS A 73 -12.65 1.98 -11.80
CA LYS A 73 -12.50 2.54 -13.15
C LYS A 73 -12.63 4.05 -13.19
N ASN A 74 -13.48 4.58 -12.37
CA ASN A 74 -13.68 5.99 -12.27
C ASN A 74 -12.84 6.50 -11.13
N PRO A 75 -11.77 7.24 -11.42
CA PRO A 75 -10.86 7.76 -10.40
C PRO A 75 -11.40 8.89 -9.59
N GLU A 76 -12.58 9.28 -9.91
CA GLU A 76 -13.37 10.18 -9.08
C GLU A 76 -13.61 9.49 -7.73
N ASP A 77 -13.49 8.19 -7.77
CA ASP A 77 -13.74 7.33 -6.63
C ASP A 77 -12.45 6.94 -6.01
N LEU A 78 -11.39 7.26 -6.71
CA LEU A 78 -10.08 6.95 -6.31
C LEU A 78 -9.67 7.99 -5.30
N GLU A 79 -9.77 7.62 -4.11
CA GLU A 79 -9.50 8.43 -3.01
C GLU A 79 -8.95 7.53 -1.96
N CYS A 80 -8.07 8.03 -1.16
CA CYS A 80 -7.57 7.27 -0.06
C CYS A 80 -8.52 7.47 1.07
N ASN A 81 -9.66 6.88 0.92
CA ASN A 81 -10.70 7.08 1.88
C ASN A 81 -10.69 5.92 2.83
N GLU A 82 -11.61 5.95 3.71
CA GLU A 82 -11.84 4.94 4.73
C GLU A 82 -11.97 3.52 4.18
N ASN A 83 -12.81 3.37 3.20
CA ASN A 83 -13.03 2.13 2.46
C ASN A 83 -11.70 1.68 1.92
N VAL A 84 -11.02 2.60 1.26
CA VAL A 84 -9.71 2.28 0.69
C VAL A 84 -8.70 1.90 1.77
N LYS A 85 -8.65 2.69 2.84
CA LYS A 85 -7.76 2.44 3.97
C LYS A 85 -8.00 1.09 4.51
N HIS A 86 -9.26 0.76 4.67
CA HIS A 86 -9.65 -0.52 5.20
C HIS A 86 -9.08 -1.65 4.35
N LYS A 87 -9.32 -1.56 3.04
CA LYS A 87 -8.86 -2.61 2.12
C LYS A 87 -7.35 -2.70 2.17
N THR A 88 -6.75 -1.58 2.39
CA THR A 88 -5.38 -1.46 2.34
C THR A 88 -4.72 -2.10 3.49
N LYS A 89 -5.02 -1.64 4.69
CA LYS A 89 -4.36 -2.17 5.84
C LYS A 89 -4.65 -3.66 6.03
N GLU A 90 -5.86 -4.08 5.63
CA GLU A 90 -6.22 -5.51 5.68
C GLU A 90 -5.42 -6.29 4.64
N TYR A 91 -5.23 -5.70 3.47
CA TYR A 91 -4.48 -6.33 2.42
C TYR A 91 -3.05 -6.42 2.86
N ILE A 92 -2.54 -5.32 3.38
CA ILE A 92 -1.18 -5.21 3.91
C ILE A 92 -0.87 -6.30 4.88
N LYS A 93 -1.64 -6.41 5.94
CA LYS A 93 -1.37 -7.42 6.93
C LYS A 93 -1.39 -8.79 6.31
N LYS A 94 -2.40 -9.06 5.50
CA LYS A 94 -2.54 -10.39 4.95
C LYS A 94 -1.37 -10.64 3.97
N TYR A 95 -0.95 -9.59 3.31
CA TYR A 95 0.14 -9.64 2.41
C TYR A 95 1.43 -9.96 3.12
N MET A 96 1.74 -9.23 4.17
CA MET A 96 2.95 -9.41 4.91
C MET A 96 3.02 -10.81 5.51
N GLN A 97 1.85 -11.42 5.72
CA GLN A 97 1.81 -12.78 6.26
C GLN A 97 2.40 -13.79 5.30
N LYS A 98 2.53 -13.41 4.04
CA LYS A 98 3.06 -14.33 3.06
C LYS A 98 4.59 -14.38 3.10
N PHE A 99 5.20 -13.34 3.64
CA PHE A 99 6.65 -13.26 3.70
C PHE A 99 7.23 -14.16 4.78
N GLY A 100 6.58 -14.19 5.91
CA GLY A 100 7.05 -14.99 6.98
C GLY A 100 7.64 -14.12 8.03
N ALA A 101 8.85 -14.38 8.38
CA ALA A 101 9.52 -13.63 9.41
C ALA A 101 9.97 -12.29 8.88
N VAL A 102 10.58 -12.30 7.72
CA VAL A 102 11.08 -11.12 7.12
C VAL A 102 10.46 -10.89 5.78
N TYR A 103 10.52 -9.67 5.39
CA TYR A 103 10.03 -9.23 4.14
C TYR A 103 11.03 -9.58 3.06
N LYS A 104 10.67 -10.57 2.30
CA LYS A 104 11.45 -11.08 1.23
C LYS A 104 10.70 -10.92 -0.10
N PRO A 105 10.82 -9.74 -0.75
CA PRO A 105 10.07 -9.41 -1.99
C PRO A 105 10.39 -10.34 -3.16
N LYS A 106 11.58 -10.92 -3.13
CA LYS A 106 11.95 -11.93 -4.12
C LYS A 106 11.02 -13.15 -4.01
N GLU A 107 10.42 -13.34 -2.85
CA GLU A 107 9.52 -14.44 -2.62
C GLU A 107 8.09 -13.93 -2.57
N ASP A 108 7.88 -12.72 -3.05
CA ASP A 108 6.58 -12.10 -3.07
C ASP A 108 5.65 -12.81 -4.09
N THR A 109 4.39 -12.42 -4.09
CA THR A 109 3.39 -12.95 -4.98
C THR A 109 3.73 -12.59 -6.45
N THR A 10 -15.94 16.35 -13.27
CA THR A 10 -14.72 16.96 -13.76
C THR A 10 -13.61 15.99 -13.46
N SER A 11 -14.01 14.77 -13.38
CA SER A 11 -13.22 13.70 -12.86
C SER A 11 -12.28 13.13 -13.85
N SER A 12 -12.32 13.64 -15.01
CA SER A 12 -11.39 13.28 -15.95
C SER A 12 -10.11 14.05 -15.63
N GLU A 13 -10.24 15.36 -15.43
CA GLU A 13 -9.11 16.21 -15.09
C GLU A 13 -8.76 16.11 -13.61
N LEU A 14 -9.81 16.01 -12.75
CA LEU A 14 -9.69 15.92 -11.29
C LEU A 14 -8.79 14.77 -10.94
N ALA A 15 -8.87 13.76 -11.76
CA ALA A 15 -8.22 12.52 -11.54
C ALA A 15 -6.75 12.59 -11.79
N LYS A 16 -6.34 13.53 -12.61
CA LYS A 16 -4.94 13.71 -12.88
C LYS A 16 -4.28 14.14 -11.57
N LYS A 17 -5.03 14.92 -10.81
CA LYS A 17 -4.62 15.36 -9.50
C LYS A 17 -4.91 14.27 -8.45
N SER A 18 -6.09 13.61 -8.55
CA SER A 18 -6.54 12.73 -7.49
C SER A 18 -5.63 11.56 -7.30
N LYS A 19 -5.23 10.93 -8.36
CA LYS A 19 -4.37 9.76 -8.30
C LYS A 19 -3.05 10.07 -7.61
N GLU A 20 -2.58 11.29 -7.75
CA GLU A 20 -1.33 11.71 -7.12
C GLU A 20 -1.56 11.96 -5.66
N VAL A 21 -2.61 12.71 -5.36
CA VAL A 21 -2.97 13.00 -4.01
C VAL A 21 -3.31 11.70 -3.29
N PHE A 22 -4.00 10.84 -3.99
CA PHE A 22 -4.44 9.55 -3.48
C PHE A 22 -3.26 8.70 -3.18
N ARG A 23 -2.39 8.54 -4.16
CA ARG A 23 -1.21 7.73 -3.95
C ARG A 23 -0.36 8.32 -2.83
N LYS A 24 -0.39 9.63 -2.66
CA LYS A 24 0.38 10.30 -1.61
C LYS A 24 -0.17 9.94 -0.23
N GLU A 25 -1.50 10.06 -0.08
CA GLU A 25 -2.18 9.77 1.19
C GLU A 25 -1.87 8.36 1.54
N MET A 26 -2.13 7.53 0.57
CA MET A 26 -1.97 6.12 0.72
C MET A 26 -0.51 5.69 0.92
N SER A 27 0.43 6.40 0.31
CA SER A 27 1.82 6.08 0.52
C SER A 27 2.14 6.34 1.96
N GLN A 28 1.59 7.40 2.48
CA GLN A 28 1.85 7.79 3.84
C GLN A 28 1.16 6.82 4.79
N PHE A 29 -0.06 6.50 4.46
CA PHE A 29 -0.86 5.55 5.19
C PHE A 29 -0.19 4.17 5.21
N ILE A 30 0.24 3.70 4.06
CA ILE A 30 0.94 2.43 3.92
C ILE A 30 2.25 2.48 4.66
N VAL A 31 2.98 3.57 4.51
CA VAL A 31 4.21 3.77 5.28
C VAL A 31 3.92 3.59 6.77
N GLN A 32 2.86 4.21 7.25
CA GLN A 32 2.43 4.10 8.63
C GLN A 32 2.15 2.64 8.98
N CYS A 33 1.46 1.98 8.08
CA CYS A 33 1.11 0.60 8.22
C CYS A 33 2.34 -0.32 8.24
N LEU A 34 3.33 0.01 7.45
CA LEU A 34 4.57 -0.76 7.37
C LEU A 34 5.53 -0.46 8.51
N ASN A 35 5.40 0.72 9.12
CA ASN A 35 6.20 1.08 10.30
C ASN A 35 6.40 -0.02 11.35
N PRO A 36 5.35 -0.74 11.82
CA PRO A 36 5.53 -1.83 12.80
C PRO A 36 6.30 -3.02 12.24
N TYR A 37 6.38 -3.11 10.93
CA TYR A 37 7.04 -4.24 10.27
C TYR A 37 8.51 -3.99 10.15
N ARG A 38 8.90 -2.73 10.12
CA ARG A 38 10.32 -2.41 9.93
C ARG A 38 11.09 -2.48 11.23
N LYS A 39 10.36 -2.68 12.28
CA LYS A 39 10.93 -2.77 13.60
C LYS A 39 11.45 -4.17 13.84
N PRO A 40 12.45 -4.32 14.71
CA PRO A 40 13.06 -5.62 15.05
C PRO A 40 12.14 -6.44 15.96
N ASP A 41 10.96 -5.93 16.16
CA ASP A 41 9.96 -6.54 17.02
C ASP A 41 8.93 -7.28 16.18
N CYS A 42 8.99 -7.04 14.90
CA CYS A 42 8.05 -7.62 13.95
C CYS A 42 8.23 -9.13 13.83
N LYS A 43 7.18 -9.85 14.13
CA LYS A 43 7.18 -11.30 14.09
C LYS A 43 6.95 -11.80 12.67
N VAL A 44 6.13 -11.08 11.93
CA VAL A 44 5.71 -11.51 10.60
C VAL A 44 5.86 -10.37 9.60
N GLY A 45 6.66 -10.62 8.59
CA GLY A 45 6.92 -9.64 7.58
C GLY A 45 7.81 -8.54 8.09
N ARG A 46 8.90 -8.87 8.74
CA ARG A 46 9.79 -7.83 9.20
C ARG A 46 10.59 -7.25 8.05
N ILE A 47 10.47 -5.97 7.87
CA ILE A 47 11.17 -5.28 6.85
C ILE A 47 12.62 -5.08 7.24
N THR A 48 13.45 -5.64 6.45
CA THR A 48 14.89 -5.63 6.60
C THR A 48 15.50 -4.24 6.61
N THR A 49 15.31 -3.53 5.54
CA THR A 49 16.01 -2.29 5.34
C THR A 49 15.03 -1.20 4.93
N THR A 50 15.46 0.03 5.03
CA THR A 50 14.70 1.18 4.66
C THR A 50 14.37 1.17 3.18
N GLU A 51 15.35 0.77 2.36
CA GLU A 51 15.15 0.65 0.93
C GLU A 51 14.08 -0.37 0.63
N ASP A 52 14.02 -1.40 1.44
CA ASP A 52 13.03 -2.44 1.28
C ASP A 52 11.70 -1.94 1.70
N PHE A 53 11.70 -1.19 2.77
CA PHE A 53 10.53 -0.56 3.32
C PHE A 53 9.90 0.37 2.24
N LYS A 54 10.74 1.19 1.64
CA LYS A 54 10.33 2.12 0.62
C LYS A 54 9.84 1.40 -0.63
N HIS A 55 10.54 0.33 -0.99
CA HIS A 55 10.19 -0.47 -2.17
C HIS A 55 8.81 -1.04 -1.98
N LEU A 56 8.59 -1.60 -0.83
CA LEU A 56 7.34 -2.20 -0.54
C LEU A 56 6.23 -1.16 -0.43
N ALA A 57 6.48 -0.04 0.26
CA ALA A 57 5.47 1.02 0.38
C ALA A 57 5.00 1.45 -1.02
N ARG A 58 5.96 1.52 -1.93
CA ARG A 58 5.66 1.89 -3.32
C ARG A 58 4.78 0.85 -3.96
N LYS A 59 5.21 -0.41 -3.85
CA LYS A 59 4.50 -1.54 -4.43
C LYS A 59 3.04 -1.59 -3.96
N LEU A 60 2.87 -1.52 -2.67
CA LEU A 60 1.55 -1.66 -2.05
C LEU A 60 0.63 -0.54 -2.42
N THR A 61 1.16 0.68 -2.39
CA THR A 61 0.40 1.85 -2.79
C THR A 61 -0.06 1.67 -4.21
N HIS A 62 0.83 1.13 -5.00
CA HIS A 62 0.59 0.94 -6.41
C HIS A 62 -0.45 -0.17 -6.65
N GLY A 63 -0.42 -1.21 -5.83
CA GLY A 63 -1.34 -2.31 -5.98
C GLY A 63 -2.76 -1.97 -5.59
N VAL A 64 -2.95 -1.29 -4.45
CA VAL A 64 -4.32 -0.93 -4.00
C VAL A 64 -4.92 0.01 -5.02
N MET A 65 -4.07 0.88 -5.51
CA MET A 65 -4.39 1.90 -6.50
C MET A 65 -4.88 1.25 -7.77
N ASN A 66 -4.13 0.30 -8.24
CA ASN A 66 -4.45 -0.42 -9.44
C ASN A 66 -5.69 -1.27 -9.30
N LYS A 67 -5.83 -1.95 -8.17
CA LYS A 67 -6.99 -2.77 -7.93
C LYS A 67 -8.26 -1.96 -7.94
N GLU A 68 -8.24 -0.81 -7.31
CA GLU A 68 -9.40 -0.02 -7.30
C GLU A 68 -9.60 0.71 -8.59
N LEU A 69 -8.54 1.18 -9.22
CA LEU A 69 -8.68 1.77 -10.56
C LEU A 69 -9.33 0.79 -11.54
N LYS A 70 -9.16 -0.50 -11.31
CA LYS A 70 -9.85 -1.48 -12.12
C LYS A 70 -11.30 -1.57 -11.73
N TYR A 71 -11.51 -1.80 -10.44
CA TYR A 71 -12.85 -2.09 -9.90
C TYR A 71 -13.73 -0.85 -9.84
N CYS A 72 -13.12 0.28 -9.78
CA CYS A 72 -13.83 1.55 -9.74
C CYS A 72 -14.01 2.10 -11.13
N LYS A 73 -13.05 1.75 -12.00
CA LYS A 73 -12.96 2.16 -13.41
C LYS A 73 -12.66 3.65 -13.55
N ASN A 74 -13.43 4.44 -12.86
CA ASN A 74 -13.32 5.88 -12.89
C ASN A 74 -12.69 6.36 -11.58
N PRO A 75 -11.62 7.17 -11.66
CA PRO A 75 -10.91 7.70 -10.47
C PRO A 75 -11.65 8.73 -9.68
N GLU A 76 -12.81 9.02 -10.12
CA GLU A 76 -13.75 9.86 -9.38
C GLU A 76 -14.10 9.13 -8.07
N ASP A 77 -13.84 7.86 -8.10
CA ASP A 77 -14.18 6.97 -7.02
C ASP A 77 -12.88 6.49 -6.37
N LEU A 78 -11.78 7.07 -6.81
CA LEU A 78 -10.48 6.79 -6.33
C LEU A 78 -10.11 7.87 -5.34
N GLU A 79 -10.08 7.50 -4.13
CA GLU A 79 -9.76 8.33 -3.04
C GLU A 79 -9.16 7.46 -1.99
N CYS A 80 -8.23 7.98 -1.25
CA CYS A 80 -7.68 7.26 -0.15
C CYS A 80 -8.59 7.51 1.02
N ASN A 81 -9.71 6.85 0.96
CA ASN A 81 -10.72 7.02 1.96
C ASN A 81 -10.65 5.85 2.89
N GLU A 82 -11.55 5.84 3.80
CA GLU A 82 -11.75 4.80 4.80
C GLU A 82 -11.83 3.39 4.22
N ASN A 83 -12.71 3.22 3.26
CA ASN A 83 -12.90 1.97 2.50
C ASN A 83 -11.55 1.57 1.96
N VAL A 84 -10.90 2.54 1.33
CA VAL A 84 -9.60 2.26 0.75
C VAL A 84 -8.56 1.91 1.82
N LYS A 85 -8.54 2.69 2.89
CA LYS A 85 -7.63 2.46 4.01
C LYS A 85 -7.84 1.09 4.57
N HIS A 86 -9.09 0.75 4.76
CA HIS A 86 -9.51 -0.54 5.30
C HIS A 86 -8.90 -1.67 4.49
N LYS A 87 -9.13 -1.58 3.21
CA LYS A 87 -8.65 -2.58 2.26
C LYS A 87 -7.17 -2.65 2.33
N THR A 88 -6.57 -1.52 2.46
CA THR A 88 -5.21 -1.38 2.37
C THR A 88 -4.51 -1.97 3.53
N LYS A 89 -4.79 -1.48 4.71
CA LYS A 89 -4.10 -1.95 5.85
C LYS A 89 -4.34 -3.44 6.11
N GLU A 90 -5.55 -3.90 5.82
CA GLU A 90 -5.86 -5.32 5.94
C GLU A 90 -5.17 -6.15 4.86
N TYR A 91 -5.03 -5.56 3.67
CA TYR A 91 -4.35 -6.22 2.56
C TYR A 91 -2.91 -6.33 2.92
N ILE A 92 -2.34 -5.22 3.39
CA ILE A 92 -0.96 -5.16 3.87
C ILE A 92 -0.70 -6.27 4.87
N LYS A 93 -1.56 -6.38 5.88
CA LYS A 93 -1.44 -7.43 6.89
C LYS A 93 -1.25 -8.76 6.19
N LYS A 94 -2.25 -9.09 5.40
CA LYS A 94 -2.32 -10.40 4.80
C LYS A 94 -1.18 -10.60 3.83
N TYR A 95 -0.79 -9.54 3.20
CA TYR A 95 0.26 -9.55 2.29
C TYR A 95 1.57 -9.88 2.98
N MET A 96 1.88 -9.20 4.03
CA MET A 96 3.12 -9.42 4.70
C MET A 96 3.17 -10.78 5.37
N GLN A 97 1.99 -11.35 5.61
CA GLN A 97 1.91 -12.68 6.18
C GLN A 97 2.46 -13.73 5.21
N LYS A 98 2.51 -13.39 3.93
CA LYS A 98 2.96 -14.34 2.92
C LYS A 98 4.48 -14.41 2.86
N PHE A 99 5.14 -13.46 3.50
CA PHE A 99 6.58 -13.45 3.54
C PHE A 99 7.08 -14.39 4.60
N GLY A 100 6.45 -14.34 5.73
CA GLY A 100 6.84 -15.16 6.81
C GLY A 100 7.36 -14.31 7.91
N ALA A 101 8.51 -14.61 8.36
CA ALA A 101 9.12 -13.86 9.43
C ALA A 101 9.72 -12.57 8.90
N VAL A 102 10.44 -12.67 7.80
CA VAL A 102 11.12 -11.50 7.27
C VAL A 102 10.53 -11.17 5.91
N TYR A 103 10.57 -9.91 5.56
CA TYR A 103 10.10 -9.44 4.31
C TYR A 103 11.15 -9.74 3.26
N LYS A 104 10.86 -10.73 2.52
CA LYS A 104 11.67 -11.20 1.45
C LYS A 104 10.89 -11.05 0.17
N PRO A 105 11.04 -9.93 -0.55
CA PRO A 105 10.29 -9.66 -1.79
C PRO A 105 10.58 -10.68 -2.91
N LYS A 106 11.71 -11.34 -2.81
CA LYS A 106 12.01 -12.46 -3.69
C LYS A 106 11.04 -13.63 -3.43
N GLU A 107 10.43 -13.62 -2.25
CA GLU A 107 9.45 -14.61 -1.82
C GLU A 107 8.05 -14.02 -1.90
N ASP A 108 7.93 -12.89 -2.59
CA ASP A 108 6.67 -12.21 -2.83
C ASP A 108 5.92 -12.98 -3.91
N THR A 109 4.74 -12.56 -4.23
CA THR A 109 3.96 -13.21 -5.23
C THR A 109 4.59 -12.90 -6.57
N THR A 10 -14.99 16.52 -15.55
CA THR A 10 -13.90 15.98 -16.29
C THR A 10 -12.97 15.28 -15.32
N SER A 11 -13.22 14.03 -15.12
CA SER A 11 -12.49 13.23 -14.16
C SER A 11 -11.18 12.80 -14.65
N SER A 12 -10.93 13.04 -15.87
CA SER A 12 -9.69 12.78 -16.42
C SER A 12 -8.65 13.69 -15.73
N GLU A 13 -8.94 14.98 -15.73
CA GLU A 13 -8.09 15.97 -15.10
C GLU A 13 -8.30 16.07 -13.59
N LEU A 14 -9.56 15.95 -13.15
CA LEU A 14 -9.93 16.04 -11.72
C LEU A 14 -9.16 14.99 -10.96
N ALA A 15 -9.15 13.84 -11.55
CA ALA A 15 -8.58 12.72 -10.93
C ALA A 15 -7.12 12.64 -11.18
N LYS A 16 -6.61 13.44 -12.11
CA LYS A 16 -5.17 13.49 -12.34
C LYS A 16 -4.53 14.01 -11.07
N LYS A 17 -5.20 14.94 -10.44
CA LYS A 17 -4.78 15.46 -9.18
C LYS A 17 -5.12 14.47 -8.07
N SER A 18 -6.28 13.82 -8.18
CA SER A 18 -6.68 12.83 -7.19
C SER A 18 -5.72 11.63 -7.16
N LYS A 19 -5.07 11.32 -8.29
CA LYS A 19 -4.09 10.23 -8.36
C LYS A 19 -2.94 10.54 -7.45
N GLU A 20 -2.37 11.73 -7.58
CA GLU A 20 -1.24 12.08 -6.76
C GLU A 20 -1.65 12.30 -5.31
N VAL A 21 -2.82 12.87 -5.08
CA VAL A 21 -3.32 13.10 -3.74
C VAL A 21 -3.58 11.77 -3.06
N PHE A 22 -4.33 10.91 -3.72
CA PHE A 22 -4.65 9.60 -3.21
C PHE A 22 -3.42 8.78 -2.98
N ARG A 23 -2.57 8.67 -4.02
CA ARG A 23 -1.36 7.89 -3.87
C ARG A 23 -0.50 8.43 -2.73
N LYS A 24 -0.51 9.74 -2.53
CA LYS A 24 0.28 10.37 -1.49
C LYS A 24 -0.22 9.94 -0.11
N GLU A 25 -1.53 10.05 0.11
CA GLU A 25 -2.09 9.70 1.39
C GLU A 25 -2.10 8.22 1.64
N MET A 26 -2.16 7.46 0.60
CA MET A 26 -2.07 6.04 0.75
C MET A 26 -0.63 5.59 0.97
N SER A 27 0.32 6.26 0.32
CA SER A 27 1.70 5.95 0.51
C SER A 27 2.05 6.18 1.95
N GLN A 28 1.53 7.26 2.51
CA GLN A 28 1.85 7.57 3.89
C GLN A 28 1.17 6.62 4.83
N PHE A 29 -0.08 6.39 4.57
CA PHE A 29 -0.90 5.41 5.29
C PHE A 29 -0.21 4.05 5.31
N ILE A 30 0.19 3.57 4.15
CA ILE A 30 0.89 2.31 4.02
C ILE A 30 2.21 2.37 4.73
N VAL A 31 2.95 3.44 4.53
CA VAL A 31 4.21 3.64 5.25
C VAL A 31 3.99 3.48 6.77
N GLN A 32 2.96 4.14 7.27
CA GLN A 32 2.62 4.13 8.69
C GLN A 32 2.29 2.67 9.11
N CYS A 33 1.54 1.99 8.25
CA CYS A 33 1.16 0.60 8.45
C CYS A 33 2.37 -0.33 8.46
N LEU A 34 3.35 -0.04 7.63
CA LEU A 34 4.57 -0.82 7.54
C LEU A 34 5.56 -0.49 8.65
N ASN A 35 5.42 0.67 9.26
CA ASN A 35 6.23 1.06 10.45
C ASN A 35 6.46 -0.06 11.50
N PRO A 36 5.41 -0.78 11.97
CA PRO A 36 5.59 -1.89 12.91
C PRO A 36 6.30 -3.11 12.30
N TYR A 37 6.40 -3.14 10.98
CA TYR A 37 7.02 -4.25 10.28
C TYR A 37 8.50 -4.04 10.14
N ARG A 38 8.93 -2.81 10.17
CA ARG A 38 10.36 -2.53 10.03
C ARG A 38 11.06 -2.59 11.36
N LYS A 39 10.29 -2.81 12.38
CA LYS A 39 10.81 -2.97 13.72
C LYS A 39 11.53 -4.30 13.82
N PRO A 40 12.66 -4.37 14.51
CA PRO A 40 13.40 -5.64 14.70
C PRO A 40 12.61 -6.62 15.59
N ASP A 41 11.50 -6.14 16.11
CA ASP A 41 10.62 -6.90 16.98
C ASP A 41 9.45 -7.48 16.17
N CYS A 42 9.44 -7.15 14.89
CA CYS A 42 8.36 -7.58 14.01
C CYS A 42 8.33 -9.10 13.93
N LYS A 43 7.16 -9.66 14.08
CA LYS A 43 7.01 -11.09 14.14
C LYS A 43 6.80 -11.66 12.76
N VAL A 44 6.17 -10.89 11.92
CA VAL A 44 5.81 -11.36 10.60
C VAL A 44 6.03 -10.26 9.57
N GLY A 45 6.81 -10.58 8.57
CA GLY A 45 7.12 -9.64 7.53
C GLY A 45 8.01 -8.52 8.03
N ARG A 46 9.11 -8.85 8.70
CA ARG A 46 10.00 -7.83 9.17
C ARG A 46 10.78 -7.22 8.01
N ILE A 47 10.62 -5.95 7.81
CA ILE A 47 11.29 -5.25 6.75
C ILE A 47 12.77 -5.11 7.05
N THR A 48 13.55 -5.67 6.17
CA THR A 48 14.99 -5.72 6.23
C THR A 48 15.63 -4.35 6.27
N THR A 49 15.30 -3.53 5.30
CA THR A 49 15.91 -2.25 5.18
C THR A 49 14.93 -1.21 4.69
N THR A 50 15.29 0.01 4.87
CA THR A 50 14.49 1.13 4.52
C THR A 50 14.17 1.19 3.03
N GLU A 51 15.12 0.82 2.18
CA GLU A 51 14.91 0.77 0.74
C GLU A 51 13.82 -0.24 0.44
N ASP A 52 13.82 -1.32 1.19
CA ASP A 52 12.85 -2.39 1.03
C ASP A 52 11.51 -1.93 1.51
N PHE A 53 11.54 -1.21 2.60
CA PHE A 53 10.38 -0.58 3.19
C PHE A 53 9.73 0.33 2.13
N LYS A 54 10.56 1.17 1.51
CA LYS A 54 10.12 2.10 0.48
C LYS A 54 9.60 1.39 -0.75
N HIS A 55 10.27 0.30 -1.12
CA HIS A 55 9.90 -0.52 -2.27
C HIS A 55 8.53 -1.11 -2.03
N LEU A 56 8.38 -1.71 -0.90
CA LEU A 56 7.15 -2.34 -0.57
C LEU A 56 6.05 -1.32 -0.42
N ALA A 57 6.29 -0.24 0.35
CA ALA A 57 5.27 0.77 0.57
C ALA A 57 4.75 1.31 -0.75
N ARG A 58 5.66 1.55 -1.67
CA ARG A 58 5.28 2.12 -2.95
C ARG A 58 4.51 1.10 -3.79
N LYS A 59 4.95 -0.15 -3.75
CA LYS A 59 4.33 -1.22 -4.51
C LYS A 59 2.92 -1.51 -4.01
N LEU A 60 2.76 -1.51 -2.71
CA LEU A 60 1.46 -1.77 -2.08
C LEU A 60 0.50 -0.67 -2.40
N THR A 61 1.01 0.57 -2.36
CA THR A 61 0.23 1.73 -2.75
C THR A 61 -0.25 1.53 -4.16
N HIS A 62 0.66 1.07 -4.98
CA HIS A 62 0.40 0.93 -6.39
C HIS A 62 -0.58 -0.21 -6.68
N GLY A 63 -0.56 -1.24 -5.86
CA GLY A 63 -1.45 -2.36 -6.06
C GLY A 63 -2.87 -2.07 -5.61
N VAL A 64 -3.02 -1.33 -4.49
CA VAL A 64 -4.35 -0.92 -4.00
C VAL A 64 -4.97 0.00 -5.02
N MET A 65 -4.12 0.90 -5.48
CA MET A 65 -4.45 1.93 -6.46
C MET A 65 -4.97 1.29 -7.72
N ASN A 66 -4.21 0.39 -8.25
CA ASN A 66 -4.57 -0.30 -9.46
C ASN A 66 -5.77 -1.17 -9.30
N LYS A 67 -5.86 -1.85 -8.17
CA LYS A 67 -6.97 -2.74 -7.91
C LYS A 67 -8.26 -1.93 -7.93
N GLU A 68 -8.27 -0.79 -7.28
CA GLU A 68 -9.42 -0.02 -7.27
C GLU A 68 -9.65 0.65 -8.57
N LEU A 69 -8.61 1.07 -9.26
CA LEU A 69 -8.76 1.57 -10.64
C LEU A 69 -9.47 0.54 -11.52
N LYS A 70 -9.25 -0.73 -11.25
CA LYS A 70 -9.87 -1.80 -12.02
C LYS A 70 -11.31 -1.98 -11.67
N TYR A 71 -11.59 -1.84 -10.42
CA TYR A 71 -12.95 -2.04 -9.92
C TYR A 71 -13.80 -0.76 -10.05
N CYS A 72 -13.15 0.34 -9.88
CA CYS A 72 -13.80 1.64 -9.87
C CYS A 72 -14.03 2.12 -11.27
N LYS A 73 -12.98 2.03 -12.11
CA LYS A 73 -13.02 2.41 -13.52
C LYS A 73 -13.04 3.94 -13.72
N ASN A 74 -13.70 4.61 -12.82
CA ASN A 74 -13.69 6.04 -12.77
C ASN A 74 -12.93 6.45 -11.51
N PRO A 75 -11.85 7.22 -11.64
CA PRO A 75 -11.08 7.68 -10.48
C PRO A 75 -11.74 8.75 -9.65
N GLU A 76 -12.95 9.05 -9.96
CA GLU A 76 -13.77 9.94 -9.18
C GLU A 76 -14.11 9.21 -7.87
N ASP A 77 -13.84 7.93 -7.90
CA ASP A 77 -14.12 7.02 -6.82
C ASP A 77 -12.80 6.60 -6.19
N LEU A 78 -11.73 7.21 -6.67
CA LEU A 78 -10.41 6.95 -6.22
C LEU A 78 -10.03 8.00 -5.20
N GLU A 79 -10.10 7.63 -3.99
CA GLU A 79 -9.80 8.46 -2.88
C GLU A 79 -9.18 7.58 -1.84
N CYS A 80 -8.27 8.10 -1.06
CA CYS A 80 -7.70 7.35 0.02
C CYS A 80 -8.62 7.50 1.19
N ASN A 81 -9.72 6.85 1.09
CA ASN A 81 -10.72 7.01 2.09
C ASN A 81 -10.67 5.84 3.01
N GLU A 82 -11.55 5.85 3.93
CA GLU A 82 -11.76 4.82 4.94
C GLU A 82 -11.86 3.42 4.38
N ASN A 83 -12.74 3.25 3.42
CA ASN A 83 -12.94 2.00 2.68
C ASN A 83 -11.62 1.56 2.14
N VAL A 84 -10.95 2.50 1.45
CA VAL A 84 -9.66 2.20 0.87
C VAL A 84 -8.64 1.83 1.95
N LYS A 85 -8.58 2.66 2.99
CA LYS A 85 -7.65 2.46 4.11
C LYS A 85 -7.82 1.10 4.69
N HIS A 86 -9.06 0.79 4.97
CA HIS A 86 -9.45 -0.45 5.58
C HIS A 86 -8.93 -1.62 4.78
N LYS A 87 -9.27 -1.63 3.52
CA LYS A 87 -8.91 -2.74 2.65
C LYS A 87 -7.40 -2.84 2.49
N THR A 88 -6.77 -1.71 2.56
CA THR A 88 -5.41 -1.58 2.35
C THR A 88 -4.63 -2.20 3.45
N LYS A 89 -4.84 -1.73 4.64
CA LYS A 89 -4.10 -2.24 5.74
C LYS A 89 -4.42 -3.71 6.01
N GLU A 90 -5.67 -4.11 5.71
CA GLU A 90 -6.03 -5.56 5.77
C GLU A 90 -5.22 -6.34 4.74
N TYR A 91 -5.07 -5.75 3.55
CA TYR A 91 -4.35 -6.40 2.47
C TYR A 91 -2.91 -6.49 2.86
N ILE A 92 -2.40 -5.37 3.35
CA ILE A 92 -1.03 -5.27 3.85
C ILE A 92 -0.70 -6.35 4.83
N LYS A 93 -1.49 -6.47 5.88
CA LYS A 93 -1.26 -7.48 6.88
C LYS A 93 -1.19 -8.82 6.22
N LYS A 94 -2.21 -9.14 5.44
CA LYS A 94 -2.31 -10.46 4.89
C LYS A 94 -1.19 -10.70 3.91
N TYR A 95 -0.79 -9.65 3.25
CA TYR A 95 0.26 -9.70 2.35
C TYR A 95 1.59 -10.03 3.05
N MET A 96 1.92 -9.30 4.07
CA MET A 96 3.16 -9.51 4.74
C MET A 96 3.23 -10.84 5.45
N GLN A 97 2.05 -11.44 5.70
CA GLN A 97 2.00 -12.74 6.35
C GLN A 97 2.66 -13.82 5.50
N LYS A 98 2.75 -13.58 4.20
CA LYS A 98 3.29 -14.57 3.31
C LYS A 98 4.80 -14.62 3.34
N PHE A 99 5.43 -13.53 3.74
CA PHE A 99 6.89 -13.50 3.80
C PHE A 99 7.40 -14.37 4.93
N GLY A 100 6.72 -14.35 6.03
CA GLY A 100 7.11 -15.13 7.15
C GLY A 100 7.67 -14.27 8.21
N ALA A 101 8.87 -14.53 8.59
CA ALA A 101 9.50 -13.77 9.62
C ALA A 101 10.08 -12.50 9.05
N VAL A 102 10.74 -12.60 7.92
CA VAL A 102 11.39 -11.44 7.34
C VAL A 102 10.77 -11.16 5.98
N TYR A 103 10.87 -9.94 5.56
CA TYR A 103 10.35 -9.50 4.32
C TYR A 103 11.36 -9.78 3.23
N LYS A 104 11.09 -10.83 2.54
CA LYS A 104 11.87 -11.28 1.42
C LYS A 104 11.04 -11.11 0.15
N PRO A 105 11.16 -9.97 -0.55
CA PRO A 105 10.35 -9.66 -1.75
C PRO A 105 10.57 -10.65 -2.91
N LYS A 106 11.60 -11.46 -2.80
CA LYS A 106 11.78 -12.60 -3.70
C LYS A 106 10.57 -13.55 -3.61
N GLU A 107 9.83 -13.44 -2.52
CA GLU A 107 8.62 -14.20 -2.30
C GLU A 107 7.38 -13.38 -2.72
N ASP A 108 7.57 -12.12 -3.06
CA ASP A 108 6.47 -11.20 -3.40
C ASP A 108 5.57 -11.71 -4.54
N THR A 109 4.31 -11.31 -4.50
CA THR A 109 3.27 -11.82 -5.35
C THR A 109 3.23 -11.14 -6.70
N THR A 10 -14.60 15.55 -16.58
CA THR A 10 -13.46 16.16 -15.99
C THR A 10 -12.84 15.24 -14.97
N SER A 11 -13.37 14.05 -14.87
CA SER A 11 -12.93 13.10 -13.87
C SER A 11 -11.72 12.36 -14.30
N SER A 12 -11.29 12.65 -15.45
CA SER A 12 -10.09 12.14 -15.90
C SER A 12 -8.96 13.09 -15.46
N GLU A 13 -9.19 14.40 -15.65
CA GLU A 13 -8.23 15.45 -15.32
C GLU A 13 -8.22 15.80 -13.82
N LEU A 14 -9.42 15.95 -13.23
CA LEU A 14 -9.60 16.29 -11.80
C LEU A 14 -8.93 15.23 -10.98
N ALA A 15 -9.08 14.04 -11.47
CA ALA A 15 -8.66 12.89 -10.81
C ALA A 15 -7.24 12.62 -11.06
N LYS A 16 -6.64 13.30 -12.00
CA LYS A 16 -5.21 13.17 -12.23
C LYS A 16 -4.51 13.79 -11.03
N LYS A 17 -5.14 14.80 -10.47
CA LYS A 17 -4.71 15.42 -9.25
C LYS A 17 -5.11 14.51 -8.10
N SER A 18 -6.28 13.90 -8.19
CA SER A 18 -6.74 12.98 -7.17
C SER A 18 -5.84 11.74 -7.10
N LYS A 19 -5.25 11.34 -8.22
CA LYS A 19 -4.32 10.21 -8.29
C LYS A 19 -3.14 10.52 -7.42
N GLU A 20 -2.52 11.65 -7.64
CA GLU A 20 -1.34 12.03 -6.89
C GLU A 20 -1.65 12.30 -5.42
N VAL A 21 -2.78 12.94 -5.15
CA VAL A 21 -3.17 13.21 -3.79
C VAL A 21 -3.49 11.89 -3.07
N PHE A 22 -4.28 11.04 -3.72
CA PHE A 22 -4.64 9.72 -3.19
C PHE A 22 -3.42 8.89 -2.96
N ARG A 23 -2.60 8.74 -4.00
CA ARG A 23 -1.39 7.95 -3.88
C ARG A 23 -0.51 8.49 -2.75
N LYS A 24 -0.51 9.80 -2.53
CA LYS A 24 0.29 10.38 -1.48
C LYS A 24 -0.24 9.98 -0.10
N GLU A 25 -1.55 10.12 0.11
CA GLU A 25 -2.13 9.79 1.40
C GLU A 25 -2.12 8.30 1.66
N MET A 26 -2.17 7.54 0.63
CA MET A 26 -2.08 6.13 0.78
C MET A 26 -0.64 5.68 0.99
N SER A 27 0.30 6.35 0.36
CA SER A 27 1.70 6.06 0.58
C SER A 27 2.02 6.30 2.02
N GLN A 28 1.49 7.36 2.58
CA GLN A 28 1.77 7.66 3.99
C GLN A 28 1.10 6.70 4.91
N PHE A 29 -0.15 6.45 4.62
CA PHE A 29 -0.93 5.45 5.33
C PHE A 29 -0.26 4.07 5.30
N ILE A 30 0.17 3.64 4.12
CA ILE A 30 0.89 2.38 3.95
C ILE A 30 2.21 2.43 4.67
N VAL A 31 2.93 3.53 4.54
CA VAL A 31 4.15 3.72 5.32
C VAL A 31 3.88 3.50 6.80
N GLN A 32 2.80 4.08 7.28
CA GLN A 32 2.35 3.95 8.66
C GLN A 32 2.07 2.49 9.00
N CYS A 33 1.45 1.81 8.06
CA CYS A 33 1.12 0.43 8.17
C CYS A 33 2.36 -0.46 8.23
N LEU A 34 3.35 -0.11 7.43
CA LEU A 34 4.60 -0.87 7.35
C LEU A 34 5.56 -0.54 8.50
N ASN A 35 5.39 0.63 9.11
CA ASN A 35 6.14 1.02 10.31
C ASN A 35 6.39 -0.11 11.35
N PRO A 36 5.34 -0.85 11.81
CA PRO A 36 5.53 -1.94 12.79
C PRO A 36 6.30 -3.13 12.20
N TYR A 37 6.34 -3.20 10.90
CA TYR A 37 6.97 -4.32 10.24
C TYR A 37 8.45 -4.11 10.12
N ARG A 38 8.87 -2.88 10.09
CA ARG A 38 10.30 -2.62 9.94
C ARG A 38 11.00 -2.64 11.28
N LYS A 39 10.22 -2.81 12.31
CA LYS A 39 10.75 -2.88 13.66
C LYS A 39 11.48 -4.20 13.80
N PRO A 40 12.64 -4.24 14.44
CA PRO A 40 13.41 -5.47 14.60
C PRO A 40 12.69 -6.53 15.43
N ASP A 41 11.66 -6.12 16.16
CA ASP A 41 10.91 -7.01 16.98
C ASP A 41 9.71 -7.58 16.22
N CYS A 42 9.59 -7.21 14.95
CA CYS A 42 8.53 -7.71 14.12
C CYS A 42 8.72 -9.20 13.86
N LYS A 43 7.68 -9.95 14.09
CA LYS A 43 7.71 -11.39 13.92
C LYS A 43 7.20 -11.81 12.56
N VAL A 44 6.33 -11.02 11.98
CA VAL A 44 5.74 -11.36 10.70
C VAL A 44 5.93 -10.25 9.68
N GLY A 45 6.67 -10.55 8.65
CA GLY A 45 6.92 -9.60 7.59
C GLY A 45 7.83 -8.48 8.03
N ARG A 46 8.89 -8.79 8.77
CA ARG A 46 9.81 -7.76 9.20
C ARG A 46 10.61 -7.18 8.04
N ILE A 47 10.49 -5.90 7.85
CA ILE A 47 11.20 -5.21 6.82
C ILE A 47 12.66 -5.03 7.20
N THR A 48 13.48 -5.58 6.37
CA THR A 48 14.90 -5.55 6.47
C THR A 48 15.52 -4.17 6.40
N THR A 49 15.28 -3.49 5.31
CA THR A 49 15.96 -2.24 5.03
C THR A 49 14.97 -1.17 4.60
N THR A 50 15.39 0.07 4.70
CA THR A 50 14.64 1.21 4.25
C THR A 50 14.31 1.10 2.76
N GLU A 51 15.29 0.64 1.97
CA GLU A 51 15.09 0.39 0.56
C GLU A 51 13.96 -0.58 0.34
N ASP A 52 13.87 -1.56 1.20
CA ASP A 52 12.84 -2.58 1.09
C ASP A 52 11.53 -2.01 1.51
N PHE A 53 11.58 -1.25 2.58
CA PHE A 53 10.43 -0.57 3.13
C PHE A 53 9.80 0.35 2.04
N LYS A 54 10.63 1.13 1.40
CA LYS A 54 10.23 2.04 0.34
C LYS A 54 9.72 1.31 -0.88
N HIS A 55 10.37 0.19 -1.20
CA HIS A 55 10.00 -0.66 -2.34
C HIS A 55 8.61 -1.20 -2.10
N LEU A 56 8.41 -1.69 -0.93
CA LEU A 56 7.15 -2.24 -0.59
C LEU A 56 6.08 -1.17 -0.49
N ALA A 57 6.35 -0.06 0.23
CA ALA A 57 5.36 0.99 0.40
C ALA A 57 4.87 1.48 -0.96
N ARG A 58 5.80 1.60 -1.90
CA ARG A 58 5.44 2.07 -3.25
C ARG A 58 4.60 1.02 -3.97
N LYS A 59 5.03 -0.25 -3.90
CA LYS A 59 4.32 -1.35 -4.54
C LYS A 59 2.88 -1.43 -4.06
N LEU A 60 2.72 -1.38 -2.74
CA LEU A 60 1.41 -1.57 -2.12
C LEU A 60 0.51 -0.41 -2.43
N THR A 61 1.08 0.81 -2.42
CA THR A 61 0.32 2.00 -2.79
C THR A 61 -0.22 1.81 -4.18
N HIS A 62 0.64 1.29 -5.01
CA HIS A 62 0.35 1.14 -6.41
C HIS A 62 -0.68 0.02 -6.65
N GLY A 63 -0.60 -1.05 -5.89
CA GLY A 63 -1.52 -2.17 -6.09
C GLY A 63 -2.93 -1.90 -5.64
N VAL A 64 -3.10 -1.21 -4.48
CA VAL A 64 -4.46 -0.89 -4.00
C VAL A 64 -5.09 0.07 -4.98
N MET A 65 -4.25 0.97 -5.43
CA MET A 65 -4.60 2.01 -6.37
C MET A 65 -5.10 1.42 -7.66
N ASN A 66 -4.33 0.53 -8.20
CA ASN A 66 -4.63 -0.12 -9.44
C ASN A 66 -5.82 -1.03 -9.34
N LYS A 67 -5.92 -1.72 -8.22
CA LYS A 67 -7.00 -2.63 -8.00
C LYS A 67 -8.33 -1.87 -7.97
N GLU A 68 -8.36 -0.76 -7.25
CA GLU A 68 -9.55 -0.02 -7.18
C GLU A 68 -9.82 0.72 -8.45
N LEU A 69 -8.79 1.23 -9.09
CA LEU A 69 -8.96 1.82 -10.42
C LEU A 69 -9.55 0.83 -11.42
N LYS A 70 -9.31 -0.46 -11.22
CA LYS A 70 -9.96 -1.46 -12.06
C LYS A 70 -11.41 -1.54 -11.74
N TYR A 71 -11.68 -1.70 -10.48
CA TYR A 71 -13.05 -1.93 -10.01
C TYR A 71 -13.90 -0.69 -10.09
N CYS A 72 -13.27 0.45 -9.99
CA CYS A 72 -13.96 1.71 -10.04
C CYS A 72 -14.03 2.26 -11.47
N LYS A 73 -12.93 2.10 -12.21
CA LYS A 73 -12.79 2.57 -13.62
C LYS A 73 -12.67 4.07 -13.76
N ASN A 74 -13.36 4.78 -12.93
CA ASN A 74 -13.24 6.20 -12.87
C ASN A 74 -12.71 6.59 -11.52
N PRO A 75 -11.62 7.33 -11.50
CA PRO A 75 -10.96 7.75 -10.27
C PRO A 75 -11.68 8.80 -9.47
N GLU A 76 -12.89 9.05 -9.83
CA GLU A 76 -13.76 9.95 -9.12
C GLU A 76 -14.24 9.24 -7.83
N ASP A 77 -13.79 8.00 -7.72
CA ASP A 77 -14.11 7.14 -6.60
C ASP A 77 -12.80 6.68 -5.97
N LEU A 78 -11.71 7.26 -6.47
CA LEU A 78 -10.41 6.98 -6.02
C LEU A 78 -10.02 8.02 -4.99
N GLU A 79 -10.09 7.64 -3.79
CA GLU A 79 -9.81 8.46 -2.68
C GLU A 79 -9.20 7.57 -1.63
N CYS A 80 -8.29 8.08 -0.86
CA CYS A 80 -7.73 7.30 0.23
C CYS A 80 -8.66 7.47 1.39
N ASN A 81 -9.80 6.85 1.25
CA ASN A 81 -10.83 7.01 2.21
C ASN A 81 -10.77 5.86 3.16
N GLU A 82 -11.73 5.80 4.02
CA GLU A 82 -11.90 4.80 5.04
C GLU A 82 -11.92 3.38 4.48
N ASN A 83 -12.78 3.18 3.50
CA ASN A 83 -12.92 1.96 2.73
C ASN A 83 -11.59 1.59 2.17
N VAL A 84 -10.97 2.55 1.50
CA VAL A 84 -9.67 2.28 0.90
C VAL A 84 -8.64 1.93 1.96
N LYS A 85 -8.64 2.69 3.06
CA LYS A 85 -7.73 2.41 4.17
C LYS A 85 -7.94 1.02 4.67
N HIS A 86 -9.19 0.67 4.88
CA HIS A 86 -9.59 -0.65 5.38
C HIS A 86 -8.99 -1.73 4.50
N LYS A 87 -9.22 -1.57 3.21
CA LYS A 87 -8.76 -2.51 2.19
C LYS A 87 -7.27 -2.63 2.26
N THR A 88 -6.66 -1.53 2.45
CA THR A 88 -5.28 -1.40 2.37
C THR A 88 -4.60 -2.04 3.52
N LYS A 89 -4.88 -1.60 4.71
CA LYS A 89 -4.21 -2.13 5.85
C LYS A 89 -4.48 -3.63 6.05
N GLU A 90 -5.71 -4.05 5.71
CA GLU A 90 -6.04 -5.48 5.79
C GLU A 90 -5.32 -6.27 4.70
N TYR A 91 -5.14 -5.64 3.54
CA TYR A 91 -4.44 -6.26 2.44
C TYR A 91 -2.99 -6.38 2.83
N ILE A 92 -2.44 -5.28 3.31
CA ILE A 92 -1.06 -5.20 3.80
C ILE A 92 -0.75 -6.30 4.76
N LYS A 93 -1.51 -6.39 5.84
CA LYS A 93 -1.21 -7.40 6.81
C LYS A 93 -1.28 -8.77 6.18
N LYS A 94 -2.32 -9.02 5.39
CA LYS A 94 -2.49 -10.33 4.81
C LYS A 94 -1.37 -10.63 3.83
N TYR A 95 -0.89 -9.60 3.19
CA TYR A 95 0.20 -9.70 2.30
C TYR A 95 1.48 -10.05 3.03
N MET A 96 1.80 -9.30 4.07
CA MET A 96 3.03 -9.50 4.81
C MET A 96 3.07 -10.89 5.44
N GLN A 97 1.88 -11.47 5.64
CA GLN A 97 1.79 -12.80 6.21
C GLN A 97 2.41 -13.86 5.31
N LYS A 98 2.55 -13.53 4.03
CA LYS A 98 3.09 -14.49 3.08
C LYS A 98 4.63 -14.54 3.17
N PHE A 99 5.24 -13.48 3.68
CA PHE A 99 6.69 -13.42 3.79
C PHE A 99 7.16 -14.27 4.95
N GLY A 100 6.36 -14.31 5.98
CA GLY A 100 6.68 -15.09 7.11
C GLY A 100 7.26 -14.23 8.17
N ALA A 101 8.46 -14.51 8.53
CA ALA A 101 9.13 -13.79 9.56
C ALA A 101 9.73 -12.49 9.05
N VAL A 102 10.35 -12.54 7.89
CA VAL A 102 11.04 -11.37 7.38
C VAL A 102 10.50 -11.07 6.00
N TYR A 103 10.61 -9.84 5.61
CA TYR A 103 10.17 -9.38 4.35
C TYR A 103 11.20 -9.73 3.31
N LYS A 104 10.90 -10.78 2.62
CA LYS A 104 11.71 -11.24 1.55
C LYS A 104 10.94 -11.06 0.24
N PRO A 105 11.09 -9.90 -0.45
CA PRO A 105 10.36 -9.62 -1.71
C PRO A 105 10.81 -10.57 -2.81
N LYS A 106 11.99 -11.11 -2.63
CA LYS A 106 12.53 -12.16 -3.48
C LYS A 106 11.59 -13.40 -3.43
N GLU A 107 10.80 -13.50 -2.37
CA GLU A 107 9.85 -14.59 -2.19
C GLU A 107 8.42 -14.06 -2.41
N ASP A 108 8.30 -12.82 -2.86
CA ASP A 108 7.03 -12.17 -3.07
C ASP A 108 6.28 -12.79 -4.22
N THR A 109 5.02 -12.55 -4.23
CA THR A 109 4.08 -13.16 -5.10
C THR A 109 4.10 -12.51 -6.48
N THR A 10 -14.55 17.56 -15.58
CA THR A 10 -13.63 16.65 -16.21
C THR A 10 -12.87 15.78 -15.21
N SER A 11 -13.38 14.59 -15.01
CA SER A 11 -12.84 13.64 -14.06
C SER A 11 -11.60 12.99 -14.56
N SER A 12 -11.24 13.34 -15.73
CA SER A 12 -10.04 12.91 -16.28
C SER A 12 -8.88 13.68 -15.64
N GLU A 13 -8.99 15.01 -15.57
CA GLU A 13 -7.93 15.83 -14.97
C GLU A 13 -8.02 15.78 -13.45
N LEU A 14 -9.26 15.71 -12.95
CA LEU A 14 -9.56 15.64 -11.53
C LEU A 14 -8.85 14.43 -10.96
N ALA A 15 -8.81 13.41 -11.76
CA ALA A 15 -8.25 12.19 -11.38
C ALA A 15 -6.77 12.16 -11.58
N LYS A 16 -6.27 12.87 -12.61
CA LYS A 16 -4.83 12.97 -12.81
C LYS A 16 -4.20 13.49 -11.54
N LYS A 17 -4.86 14.45 -10.94
CA LYS A 17 -4.46 15.02 -9.68
C LYS A 17 -4.89 14.16 -8.50
N SER A 18 -6.05 13.50 -8.61
CA SER A 18 -6.54 12.72 -7.50
C SER A 18 -5.66 11.51 -7.28
N LYS A 19 -5.08 10.96 -8.35
CA LYS A 19 -4.20 9.81 -8.22
C LYS A 19 -2.92 10.21 -7.52
N GLU A 20 -2.52 11.46 -7.71
CA GLU A 20 -1.30 11.97 -7.06
C GLU A 20 -1.57 12.11 -5.59
N VAL A 21 -2.65 12.82 -5.28
CA VAL A 21 -3.06 13.06 -3.93
C VAL A 21 -3.31 11.75 -3.24
N PHE A 22 -4.00 10.87 -3.94
CA PHE A 22 -4.35 9.57 -3.41
C PHE A 22 -3.14 8.73 -3.13
N ARG A 23 -2.27 8.61 -4.12
CA ARG A 23 -1.08 7.82 -3.95
C ARG A 23 -0.21 8.37 -2.82
N LYS A 24 -0.26 9.68 -2.59
CA LYS A 24 0.47 10.27 -1.50
C LYS A 24 -0.13 9.89 -0.14
N GLU A 25 -1.46 10.04 0.00
CA GLU A 25 -2.13 9.72 1.24
C GLU A 25 -2.10 8.25 1.54
N MET A 26 -2.13 7.46 0.51
CA MET A 26 -2.04 6.04 0.69
C MET A 26 -0.60 5.59 0.94
N SER A 27 0.37 6.20 0.29
CA SER A 27 1.74 5.88 0.54
C SER A 27 2.06 6.19 1.97
N GLN A 28 1.51 7.28 2.50
CA GLN A 28 1.80 7.62 3.87
C GLN A 28 1.10 6.72 4.84
N PHE A 29 -0.14 6.44 4.55
CA PHE A 29 -0.93 5.46 5.29
C PHE A 29 -0.24 4.08 5.30
N ILE A 30 0.18 3.63 4.14
CA ILE A 30 0.90 2.37 3.99
C ILE A 30 2.21 2.43 4.72
N VAL A 31 2.94 3.52 4.57
CA VAL A 31 4.16 3.74 5.34
C VAL A 31 3.89 3.54 6.83
N GLN A 32 2.82 4.15 7.32
CA GLN A 32 2.41 4.05 8.71
C GLN A 32 2.12 2.58 9.06
N CYS A 33 1.44 1.92 8.17
CA CYS A 33 1.07 0.52 8.31
C CYS A 33 2.29 -0.39 8.30
N LEU A 34 3.28 -0.06 7.49
CA LEU A 34 4.51 -0.82 7.40
C LEU A 34 5.48 -0.51 8.54
N ASN A 35 5.31 0.64 9.18
CA ASN A 35 6.07 1.00 10.37
C ASN A 35 6.31 -0.13 11.38
N PRO A 36 5.27 -0.87 11.84
CA PRO A 36 5.48 -1.97 12.79
C PRO A 36 6.27 -3.13 12.18
N TYR A 37 6.34 -3.19 10.88
CA TYR A 37 6.99 -4.28 10.21
C TYR A 37 8.47 -4.05 10.10
N ARG A 38 8.88 -2.81 10.11
CA ARG A 38 10.30 -2.50 9.99
C ARG A 38 10.97 -2.50 11.35
N LYS A 39 10.19 -2.70 12.37
CA LYS A 39 10.71 -2.73 13.72
C LYS A 39 11.34 -4.09 13.97
N PRO A 40 12.44 -4.14 14.72
CA PRO A 40 13.15 -5.41 14.98
C PRO A 40 12.36 -6.37 15.89
N ASP A 41 11.25 -5.92 16.39
CA ASP A 41 10.38 -6.71 17.20
C ASP A 41 9.23 -7.26 16.35
N CYS A 42 9.28 -6.99 15.05
CA CYS A 42 8.28 -7.47 14.14
C CYS A 42 8.38 -8.99 14.01
N LYS A 43 7.29 -9.65 14.26
CA LYS A 43 7.24 -11.08 14.20
C LYS A 43 6.88 -11.57 12.80
N VAL A 44 6.09 -10.80 12.10
CA VAL A 44 5.63 -11.21 10.79
C VAL A 44 5.86 -10.14 9.74
N GLY A 45 6.61 -10.49 8.74
CA GLY A 45 6.92 -9.58 7.67
C GLY A 45 7.87 -8.48 8.12
N ARG A 46 8.93 -8.82 8.85
CA ARG A 46 9.88 -7.82 9.28
C ARG A 46 10.67 -7.30 8.10
N ILE A 47 10.56 -6.03 7.89
CA ILE A 47 11.21 -5.39 6.79
C ILE A 47 12.71 -5.34 6.98
N THR A 48 13.36 -5.91 6.03
CA THR A 48 14.79 -6.00 5.93
C THR A 48 15.46 -4.64 5.91
N THR A 49 15.17 -3.89 4.90
CA THR A 49 15.90 -2.67 4.66
C THR A 49 14.92 -1.54 4.50
N THR A 50 15.36 -0.37 4.79
CA THR A 50 14.60 0.83 4.61
C THR A 50 14.20 0.99 3.14
N GLU A 51 15.12 0.66 2.25
CA GLU A 51 14.86 0.71 0.82
C GLU A 51 13.80 -0.31 0.43
N ASP A 52 13.76 -1.40 1.16
CA ASP A 52 12.77 -2.43 0.92
C ASP A 52 11.45 -2.00 1.46
N PHE A 53 11.50 -1.33 2.59
CA PHE A 53 10.34 -0.71 3.22
C PHE A 53 9.68 0.24 2.20
N LYS A 54 10.50 1.11 1.63
CA LYS A 54 10.08 2.07 0.64
C LYS A 54 9.56 1.40 -0.61
N HIS A 55 10.24 0.33 -1.03
CA HIS A 55 9.87 -0.45 -2.22
C HIS A 55 8.49 -1.01 -2.03
N LEU A 56 8.28 -1.60 -0.89
CA LEU A 56 7.03 -2.18 -0.59
C LEU A 56 5.96 -1.14 -0.44
N ALA A 57 6.21 -0.07 0.33
CA ALA A 57 5.21 0.97 0.56
C ALA A 57 4.68 1.50 -0.76
N ARG A 58 5.60 1.71 -1.67
CA ARG A 58 5.27 2.25 -2.99
C ARG A 58 4.47 1.25 -3.79
N LYS A 59 4.96 0.02 -3.82
CA LYS A 59 4.33 -1.00 -4.60
C LYS A 59 2.90 -1.29 -4.09
N LEU A 60 2.75 -1.34 -2.79
CA LEU A 60 1.46 -1.62 -2.17
C LEU A 60 0.49 -0.50 -2.46
N THR A 61 1.01 0.73 -2.44
CA THR A 61 0.21 1.90 -2.81
C THR A 61 -0.29 1.70 -4.21
N HIS A 62 0.61 1.23 -5.02
CA HIS A 62 0.37 1.06 -6.42
C HIS A 62 -0.62 -0.09 -6.68
N GLY A 63 -0.55 -1.13 -5.87
CA GLY A 63 -1.43 -2.26 -6.03
C GLY A 63 -2.84 -1.94 -5.64
N VAL A 64 -3.04 -1.27 -4.49
CA VAL A 64 -4.41 -0.93 -4.01
C VAL A 64 -5.04 0.04 -5.00
N MET A 65 -4.19 0.88 -5.51
CA MET A 65 -4.55 1.88 -6.49
C MET A 65 -5.10 1.19 -7.72
N ASN A 66 -4.37 0.23 -8.22
CA ASN A 66 -4.75 -0.55 -9.38
C ASN A 66 -5.99 -1.36 -9.12
N LYS A 67 -6.10 -1.92 -7.93
CA LYS A 67 -7.26 -2.71 -7.54
C LYS A 67 -8.50 -1.88 -7.62
N GLU A 68 -8.46 -0.70 -7.07
CA GLU A 68 -9.60 0.11 -7.12
C GLU A 68 -9.80 0.73 -8.47
N LEU A 69 -8.75 1.07 -9.14
CA LEU A 69 -8.90 1.52 -10.54
C LEU A 69 -9.53 0.43 -11.42
N LYS A 70 -9.37 -0.84 -11.04
CA LYS A 70 -9.94 -1.90 -11.82
C LYS A 70 -11.34 -2.32 -11.31
N TYR A 71 -11.65 -2.01 -10.06
CA TYR A 71 -12.98 -2.33 -9.49
C TYR A 71 -13.90 -1.12 -9.55
N CYS A 72 -13.33 0.03 -9.36
CA CYS A 72 -14.05 1.30 -9.30
C CYS A 72 -14.19 1.85 -10.66
N LYS A 73 -13.05 1.88 -11.38
CA LYS A 73 -12.95 2.36 -12.76
C LYS A 73 -13.09 3.88 -12.87
N ASN A 74 -13.91 4.46 -12.02
CA ASN A 74 -14.06 5.90 -11.97
C ASN A 74 -13.19 6.44 -10.85
N PRO A 75 -12.12 7.18 -11.17
CA PRO A 75 -11.22 7.76 -10.15
C PRO A 75 -11.82 8.94 -9.41
N GLU A 76 -12.99 9.26 -9.79
CA GLU A 76 -13.82 10.22 -9.11
C GLU A 76 -14.26 9.62 -7.75
N ASP A 77 -13.88 8.37 -7.57
CA ASP A 77 -14.14 7.58 -6.38
C ASP A 77 -12.80 7.24 -5.72
N LEU A 78 -11.71 7.59 -6.39
CA LEU A 78 -10.38 7.25 -5.98
C LEU A 78 -9.88 8.27 -4.97
N GLU A 79 -9.98 7.89 -3.76
CA GLU A 79 -9.63 8.64 -2.59
C GLU A 79 -9.04 7.65 -1.63
N CYS A 80 -8.10 8.06 -0.84
CA CYS A 80 -7.56 7.20 0.17
C CYS A 80 -8.46 7.34 1.36
N ASN A 81 -9.62 6.76 1.23
CA ASN A 81 -10.64 6.92 2.21
C ASN A 81 -10.65 5.72 3.10
N GLU A 82 -11.61 5.72 3.97
CA GLU A 82 -11.89 4.68 4.93
C GLU A 82 -11.98 3.28 4.31
N ASN A 83 -12.82 3.15 3.29
CA ASN A 83 -12.97 1.93 2.47
C ASN A 83 -11.62 1.53 2.00
N VAL A 84 -10.93 2.50 1.42
CA VAL A 84 -9.63 2.22 0.83
C VAL A 84 -8.64 1.78 1.90
N LYS A 85 -8.61 2.51 3.00
CA LYS A 85 -7.74 2.19 4.14
C LYS A 85 -7.99 0.79 4.58
N HIS A 86 -9.28 0.48 4.74
CA HIS A 86 -9.75 -0.83 5.20
C HIS A 86 -9.10 -1.92 4.39
N LYS A 87 -9.29 -1.78 3.10
CA LYS A 87 -8.79 -2.75 2.13
C LYS A 87 -7.29 -2.82 2.19
N THR A 88 -6.70 -1.69 2.39
CA THR A 88 -5.33 -1.54 2.31
C THR A 88 -4.63 -2.16 3.44
N LYS A 89 -4.91 -1.72 4.63
CA LYS A 89 -4.22 -2.25 5.75
C LYS A 89 -4.49 -3.74 5.96
N GLU A 90 -5.73 -4.18 5.63
CA GLU A 90 -6.03 -5.61 5.66
C GLU A 90 -5.23 -6.36 4.58
N TYR A 91 -5.05 -5.71 3.43
CA TYR A 91 -4.30 -6.31 2.33
C TYR A 91 -2.87 -6.40 2.73
N ILE A 92 -2.37 -5.29 3.23
CA ILE A 92 -0.99 -5.17 3.72
C ILE A 92 -0.64 -6.25 4.69
N LYS A 93 -1.42 -6.36 5.76
CA LYS A 93 -1.12 -7.37 6.72
C LYS A 93 -1.13 -8.72 6.07
N LYS A 94 -2.15 -8.99 5.29
CA LYS A 94 -2.31 -10.32 4.73
C LYS A 94 -1.20 -10.59 3.73
N TYR A 95 -0.77 -9.54 3.08
CA TYR A 95 0.30 -9.61 2.17
C TYR A 95 1.60 -9.97 2.88
N MET A 96 1.94 -9.25 3.91
CA MET A 96 3.17 -9.46 4.61
C MET A 96 3.20 -10.80 5.32
N GLN A 97 2.02 -11.37 5.59
CA GLN A 97 1.94 -12.68 6.24
C GLN A 97 2.52 -13.77 5.32
N LYS A 98 2.64 -13.46 4.03
CA LYS A 98 3.16 -14.42 3.08
C LYS A 98 4.67 -14.55 3.19
N PHE A 99 5.33 -13.47 3.59
CA PHE A 99 6.79 -13.49 3.68
C PHE A 99 7.22 -14.35 4.86
N GLY A 100 6.44 -14.30 5.91
CA GLY A 100 6.70 -15.06 7.07
C GLY A 100 7.28 -14.21 8.13
N ALA A 101 8.43 -14.57 8.58
CA ALA A 101 9.07 -13.82 9.64
C ALA A 101 9.72 -12.56 9.10
N VAL A 102 10.37 -12.66 7.97
CA VAL A 102 11.09 -11.52 7.42
C VAL A 102 10.52 -11.22 6.05
N TYR A 103 10.58 -10.00 5.67
CA TYR A 103 10.12 -9.52 4.41
C TYR A 103 11.21 -9.73 3.37
N LYS A 104 11.03 -10.74 2.60
CA LYS A 104 11.92 -11.08 1.54
C LYS A 104 11.21 -10.86 0.20
N PRO A 105 11.34 -9.67 -0.41
CA PRO A 105 10.63 -9.32 -1.66
C PRO A 105 11.05 -10.21 -2.83
N LYS A 106 12.19 -10.85 -2.69
CA LYS A 106 12.67 -11.88 -3.61
C LYS A 106 11.60 -12.96 -3.82
N GLU A 107 10.72 -13.11 -2.84
CA GLU A 107 9.67 -14.08 -2.97
C GLU A 107 8.29 -13.41 -3.08
N ASP A 108 8.29 -12.13 -3.37
CA ASP A 108 7.07 -11.36 -3.53
C ASP A 108 6.20 -11.88 -4.69
N THR A 109 4.96 -11.46 -4.69
CA THR A 109 3.85 -11.96 -5.51
C THR A 109 4.04 -11.84 -7.07
N THR A 10 -15.71 16.01 -15.08
CA THR A 10 -14.33 16.46 -15.02
C THR A 10 -13.41 15.45 -14.32
N SER A 11 -13.75 14.18 -14.36
CA SER A 11 -12.99 13.19 -13.61
C SER A 11 -11.72 12.87 -14.28
N SER A 12 -11.64 13.18 -15.51
CA SER A 12 -10.46 13.00 -16.23
C SER A 12 -9.38 13.89 -15.63
N GLU A 13 -9.68 15.17 -15.51
CA GLU A 13 -8.73 16.15 -15.01
C GLU A 13 -8.62 16.12 -13.49
N LEU A 14 -9.75 15.91 -12.82
CA LEU A 14 -9.84 15.86 -11.36
C LEU A 14 -8.94 14.77 -10.85
N ALA A 15 -8.88 13.73 -11.61
CA ALA A 15 -8.16 12.59 -11.25
C ALA A 15 -6.74 12.63 -11.73
N LYS A 16 -6.38 13.64 -12.50
CA LYS A 16 -4.97 13.84 -12.80
C LYS A 16 -4.31 14.24 -11.51
N LYS A 17 -5.04 15.03 -10.74
CA LYS A 17 -4.60 15.43 -9.43
C LYS A 17 -4.92 14.34 -8.38
N SER A 18 -6.15 13.81 -8.42
CA SER A 18 -6.63 12.89 -7.38
C SER A 18 -5.79 11.62 -7.23
N LYS A 19 -5.26 11.06 -8.32
CA LYS A 19 -4.46 9.82 -8.20
C LYS A 19 -3.16 10.11 -7.51
N GLU A 20 -2.71 11.32 -7.67
CA GLU A 20 -1.45 11.73 -7.09
C GLU A 20 -1.67 11.96 -5.64
N VAL A 21 -2.70 12.73 -5.33
CA VAL A 21 -3.05 13.01 -3.96
C VAL A 21 -3.35 11.70 -3.27
N PHE A 22 -4.08 10.83 -3.96
CA PHE A 22 -4.44 9.52 -3.43
C PHE A 22 -3.22 8.70 -3.15
N ARG A 23 -2.37 8.56 -4.15
CA ARG A 23 -1.16 7.77 -3.99
C ARG A 23 -0.28 8.32 -2.86
N LYS A 24 -0.30 9.63 -2.64
CA LYS A 24 0.50 10.26 -1.59
C LYS A 24 -0.05 9.95 -0.20
N GLU A 25 -1.38 10.05 -0.06
CA GLU A 25 -2.05 9.80 1.21
C GLU A 25 -1.78 8.39 1.58
N MET A 26 -2.05 7.55 0.62
CA MET A 26 -1.92 6.13 0.78
C MET A 26 -0.47 5.70 0.98
N SER A 27 0.47 6.41 0.39
CA SER A 27 1.85 6.16 0.64
C SER A 27 2.11 6.38 2.10
N GLN A 28 1.53 7.44 2.63
CA GLN A 28 1.72 7.77 4.05
C GLN A 28 1.07 6.70 4.91
N PHE A 29 -0.15 6.37 4.56
CA PHE A 29 -0.93 5.37 5.27
C PHE A 29 -0.24 4.00 5.25
N ILE A 30 0.22 3.59 4.09
CA ILE A 30 0.96 2.35 3.93
C ILE A 30 2.25 2.39 4.67
N VAL A 31 2.97 3.50 4.55
CA VAL A 31 4.19 3.69 5.33
C VAL A 31 3.90 3.48 6.82
N GLN A 32 2.82 4.07 7.29
CA GLN A 32 2.35 3.95 8.66
C GLN A 32 2.09 2.48 9.00
N CYS A 33 1.44 1.80 8.08
CA CYS A 33 1.10 0.41 8.21
C CYS A 33 2.32 -0.50 8.20
N LEU A 34 3.31 -0.15 7.43
CA LEU A 34 4.56 -0.91 7.34
C LEU A 34 5.50 -0.62 8.50
N ASN A 35 5.32 0.52 9.14
CA ASN A 35 6.06 0.86 10.36
C ASN A 35 6.28 -0.25 11.38
N PRO A 36 5.24 -1.02 11.80
CA PRO A 36 5.44 -2.11 12.76
C PRO A 36 6.26 -3.26 12.18
N TYR A 37 6.32 -3.31 10.87
CA TYR A 37 7.00 -4.39 10.20
C TYR A 37 8.46 -4.11 10.09
N ARG A 38 8.83 -2.85 10.07
CA ARG A 38 10.25 -2.50 9.90
C ARG A 38 10.99 -2.54 11.22
N LYS A 39 10.25 -2.77 12.27
CA LYS A 39 10.83 -2.84 13.59
C LYS A 39 11.34 -4.24 13.85
N PRO A 40 12.39 -4.39 14.65
CA PRO A 40 13.01 -5.70 14.92
C PRO A 40 12.13 -6.60 15.78
N ASP A 41 11.01 -6.07 16.23
CA ASP A 41 10.08 -6.82 17.07
C ASP A 41 8.97 -7.43 16.21
N CYS A 42 9.02 -7.10 14.93
CA CYS A 42 8.08 -7.63 13.97
C CYS A 42 8.23 -9.14 13.86
N LYS A 43 7.14 -9.84 14.04
CA LYS A 43 7.14 -11.27 13.99
C LYS A 43 6.90 -11.76 12.58
N VAL A 44 6.09 -11.05 11.84
CA VAL A 44 5.70 -11.48 10.53
C VAL A 44 5.89 -10.38 9.51
N GLY A 45 6.68 -10.67 8.50
CA GLY A 45 6.98 -9.70 7.47
C GLY A 45 7.86 -8.57 7.98
N ARG A 46 8.95 -8.88 8.66
CA ARG A 46 9.83 -7.84 9.14
C ARG A 46 10.64 -7.23 8.01
N ILE A 47 10.48 -5.95 7.83
CA ILE A 47 11.20 -5.23 6.83
C ILE A 47 12.60 -4.98 7.31
N THR A 48 13.53 -5.46 6.54
CA THR A 48 14.92 -5.36 6.81
C THR A 48 15.43 -3.94 6.87
N THR A 49 15.30 -3.25 5.79
CA THR A 49 15.94 -1.99 5.68
C THR A 49 15.02 -0.98 5.00
N THR A 50 15.42 0.26 5.04
CA THR A 50 14.67 1.37 4.54
C THR A 50 14.37 1.26 3.05
N GLU A 51 15.35 0.86 2.25
CA GLU A 51 15.15 0.72 0.83
C GLU A 51 14.10 -0.34 0.54
N ASP A 52 14.06 -1.36 1.38
CA ASP A 52 13.09 -2.42 1.25
C ASP A 52 11.74 -1.93 1.65
N PHE A 53 11.74 -1.17 2.74
CA PHE A 53 10.56 -0.55 3.26
C PHE A 53 9.91 0.35 2.19
N LYS A 54 10.72 1.17 1.58
CA LYS A 54 10.30 2.09 0.55
C LYS A 54 9.79 1.36 -0.67
N HIS A 55 10.49 0.28 -1.05
CA HIS A 55 10.14 -0.54 -2.20
C HIS A 55 8.74 -1.10 -2.03
N LEU A 56 8.52 -1.70 -0.90
CA LEU A 56 7.27 -2.32 -0.65
C LEU A 56 6.18 -1.31 -0.46
N ALA A 57 6.46 -0.21 0.26
CA ALA A 57 5.45 0.85 0.45
C ALA A 57 4.94 1.30 -0.92
N ARG A 58 5.87 1.44 -1.85
CA ARG A 58 5.55 1.84 -3.23
C ARG A 58 4.69 0.77 -3.88
N LYS A 59 5.11 -0.49 -3.72
CA LYS A 59 4.45 -1.58 -4.39
C LYS A 59 3.01 -1.73 -3.93
N LEU A 60 2.81 -1.59 -2.64
CA LEU A 60 1.49 -1.73 -2.05
C LEU A 60 0.59 -0.58 -2.42
N THR A 61 1.16 0.63 -2.42
CA THR A 61 0.41 1.82 -2.80
C THR A 61 -0.10 1.64 -4.20
N HIS A 62 0.76 1.09 -5.01
CA HIS A 62 0.44 0.92 -6.40
C HIS A 62 -0.56 -0.23 -6.62
N GLY A 63 -0.50 -1.26 -5.81
CA GLY A 63 -1.42 -2.38 -5.97
C GLY A 63 -2.82 -2.06 -5.51
N VAL A 64 -2.95 -1.32 -4.39
CA VAL A 64 -4.29 -0.92 -3.89
C VAL A 64 -4.93 -0.06 -4.96
N MET A 65 -4.09 0.77 -5.52
CA MET A 65 -4.44 1.73 -6.54
C MET A 65 -4.96 1.02 -7.78
N ASN A 66 -4.21 0.05 -8.25
CA ASN A 66 -4.58 -0.73 -9.41
C ASN A 66 -5.86 -1.48 -9.20
N LYS A 67 -5.98 -2.14 -8.06
CA LYS A 67 -7.15 -2.94 -7.79
C LYS A 67 -8.40 -2.10 -7.78
N GLU A 68 -8.35 -0.95 -7.16
CA GLU A 68 -9.49 -0.15 -7.12
C GLU A 68 -9.74 0.57 -8.39
N LEU A 69 -8.70 1.01 -9.08
CA LEU A 69 -8.88 1.56 -10.42
C LEU A 69 -9.63 0.58 -11.32
N LYS A 70 -9.42 -0.70 -11.11
CA LYS A 70 -10.15 -1.72 -11.86
C LYS A 70 -11.60 -1.74 -11.44
N TYR A 71 -11.80 -1.89 -10.15
CA TYR A 71 -13.15 -2.11 -9.61
C TYR A 71 -13.98 -0.83 -9.57
N CYS A 72 -13.32 0.29 -9.55
CA CYS A 72 -13.97 1.59 -9.50
C CYS A 72 -14.22 2.11 -10.88
N LYS A 73 -13.26 1.87 -11.78
CA LYS A 73 -13.27 2.31 -13.18
C LYS A 73 -13.03 3.81 -13.31
N ASN A 74 -13.76 4.57 -12.56
CA ASN A 74 -13.61 6.01 -12.56
C ASN A 74 -12.78 6.42 -11.33
N PRO A 75 -11.70 7.16 -11.55
CA PRO A 75 -10.84 7.65 -10.47
C PRO A 75 -11.42 8.76 -9.63
N GLU A 76 -12.63 9.13 -9.91
CA GLU A 76 -13.36 10.07 -9.10
C GLU A 76 -13.74 9.38 -7.79
N ASP A 77 -13.50 8.10 -7.76
CA ASP A 77 -13.79 7.27 -6.62
C ASP A 77 -12.47 6.70 -6.08
N LEU A 78 -11.39 7.14 -6.71
CA LEU A 78 -10.09 6.77 -6.33
C LEU A 78 -9.58 7.81 -5.36
N GLU A 79 -9.70 7.50 -4.13
CA GLU A 79 -9.36 8.35 -3.06
C GLU A 79 -8.85 7.48 -1.95
N CYS A 80 -7.95 7.98 -1.17
CA CYS A 80 -7.46 7.25 -0.03
C CYS A 80 -8.41 7.50 1.12
N ASN A 81 -9.59 6.96 0.97
CA ASN A 81 -10.64 7.19 1.92
C ASN A 81 -10.64 6.04 2.89
N GLU A 82 -11.65 6.00 3.70
CA GLU A 82 -11.86 4.99 4.71
C GLU A 82 -11.90 3.58 4.14
N ASN A 83 -12.76 3.40 3.16
CA ASN A 83 -12.92 2.16 2.40
C ASN A 83 -11.57 1.75 1.91
N VAL A 84 -10.88 2.69 1.31
CA VAL A 84 -9.58 2.39 0.78
C VAL A 84 -8.58 2.02 1.87
N LYS A 85 -8.57 2.80 2.94
CA LYS A 85 -7.71 2.51 4.09
C LYS A 85 -7.97 1.12 4.61
N HIS A 86 -9.25 0.81 4.74
CA HIS A 86 -9.78 -0.45 5.25
C HIS A 86 -9.15 -1.59 4.46
N LYS A 87 -9.33 -1.51 3.16
CA LYS A 87 -8.86 -2.53 2.22
C LYS A 87 -7.36 -2.64 2.31
N THR A 88 -6.75 -1.54 2.51
CA THR A 88 -5.37 -1.42 2.46
C THR A 88 -4.72 -2.05 3.62
N LYS A 89 -5.02 -1.60 4.80
CA LYS A 89 -4.40 -2.15 5.96
C LYS A 89 -4.70 -3.65 6.14
N GLU A 90 -5.94 -4.04 5.76
CA GLU A 90 -6.31 -5.48 5.74
C GLU A 90 -5.39 -6.23 4.77
N TYR A 91 -5.20 -5.62 3.61
CA TYR A 91 -4.44 -6.20 2.53
C TYR A 91 -3.02 -6.32 2.94
N ILE A 92 -2.48 -5.21 3.40
CA ILE A 92 -1.09 -5.12 3.86
C ILE A 92 -0.76 -6.19 4.86
N LYS A 93 -1.58 -6.35 5.89
CA LYS A 93 -1.32 -7.37 6.86
C LYS A 93 -1.27 -8.72 6.19
N LYS A 94 -2.30 -9.02 5.43
CA LYS A 94 -2.43 -10.33 4.83
C LYS A 94 -1.34 -10.55 3.81
N TYR A 95 -0.92 -9.46 3.21
CA TYR A 95 0.11 -9.45 2.26
C TYR A 95 1.40 -9.89 2.93
N MET A 96 1.81 -9.17 3.95
CA MET A 96 3.07 -9.41 4.58
C MET A 96 3.14 -10.75 5.25
N GLN A 97 1.98 -11.35 5.52
CA GLN A 97 1.93 -12.70 6.09
C GLN A 97 2.58 -13.72 5.17
N LYS A 98 2.67 -13.37 3.89
CA LYS A 98 3.21 -14.26 2.89
C LYS A 98 4.74 -14.36 3.01
N PHE A 99 5.36 -13.35 3.59
CA PHE A 99 6.82 -13.34 3.67
C PHE A 99 7.32 -14.25 4.76
N GLY A 100 6.57 -14.36 5.81
CA GLY A 100 6.96 -15.19 6.88
C GLY A 100 7.48 -14.36 7.98
N ALA A 101 8.71 -14.53 8.30
CA ALA A 101 9.32 -13.80 9.37
C ALA A 101 9.90 -12.50 8.87
N VAL A 102 10.58 -12.56 7.74
CA VAL A 102 11.26 -11.39 7.23
C VAL A 102 10.70 -11.08 5.86
N TYR A 103 10.80 -9.85 5.49
CA TYR A 103 10.35 -9.39 4.24
C TYR A 103 11.39 -9.68 3.17
N LYS A 104 11.10 -10.70 2.42
CA LYS A 104 11.89 -11.12 1.30
C LYS A 104 11.09 -10.95 0.02
N PRO A 105 11.20 -9.78 -0.64
CA PRO A 105 10.42 -9.45 -1.88
C PRO A 105 10.74 -10.38 -3.06
N LYS A 106 11.91 -10.95 -3.01
CA LYS A 106 12.31 -11.97 -3.98
C LYS A 106 11.42 -13.21 -3.91
N GLU A 107 10.68 -13.34 -2.83
CA GLU A 107 9.76 -14.44 -2.64
C GLU A 107 8.30 -13.93 -2.72
N ASP A 108 8.13 -12.66 -3.09
CA ASP A 108 6.85 -11.96 -3.02
C ASP A 108 5.76 -12.48 -4.01
N THR A 109 4.52 -12.05 -3.74
CA THR A 109 3.30 -12.36 -4.47
C THR A 109 3.36 -11.86 -5.92
N THR A 10 -14.88 15.97 -16.31
CA THR A 10 -13.57 16.42 -15.98
C THR A 10 -12.89 15.50 -15.00
N SER A 11 -13.41 14.30 -14.90
CA SER A 11 -12.89 13.31 -13.95
C SER A 11 -11.61 12.76 -14.45
N SER A 12 -11.38 12.94 -15.69
CA SER A 12 -10.19 12.57 -16.31
C SER A 12 -9.05 13.42 -15.73
N GLU A 13 -9.24 14.73 -15.71
CA GLU A 13 -8.26 15.66 -15.20
C GLU A 13 -8.27 15.79 -13.69
N LEU A 14 -9.46 15.88 -13.11
CA LEU A 14 -9.66 16.05 -11.66
C LEU A 14 -8.94 14.96 -10.92
N ALA A 15 -9.08 13.80 -11.45
CA ALA A 15 -8.60 12.65 -10.83
C ALA A 15 -7.18 12.39 -11.19
N LYS A 16 -6.67 13.10 -12.18
CA LYS A 16 -5.26 12.99 -12.54
C LYS A 16 -4.47 13.54 -11.37
N LYS A 17 -5.05 14.54 -10.73
CA LYS A 17 -4.50 15.13 -9.54
C LYS A 17 -4.86 14.27 -8.35
N SER A 18 -6.08 13.75 -8.34
CA SER A 18 -6.55 12.90 -7.26
C SER A 18 -5.71 11.65 -7.11
N LYS A 19 -5.17 11.12 -8.20
CA LYS A 19 -4.30 9.94 -8.13
C LYS A 19 -3.04 10.26 -7.38
N GLU A 20 -2.56 11.47 -7.54
CA GLU A 20 -1.35 11.95 -6.87
C GLU A 20 -1.66 12.11 -5.40
N VAL A 21 -2.76 12.79 -5.13
CA VAL A 21 -3.22 13.03 -3.78
C VAL A 21 -3.50 11.69 -3.11
N PHE A 22 -4.09 10.81 -3.85
CA PHE A 22 -4.49 9.51 -3.36
C PHE A 22 -3.29 8.67 -3.05
N ARG A 23 -2.41 8.53 -4.02
CA ARG A 23 -1.22 7.73 -3.81
C ARG A 23 -0.36 8.32 -2.70
N LYS A 24 -0.44 9.62 -2.52
CA LYS A 24 0.36 10.30 -1.55
C LYS A 24 -0.13 9.98 -0.13
N GLU A 25 -1.47 10.05 0.05
CA GLU A 25 -2.08 9.75 1.33
C GLU A 25 -1.77 8.36 1.68
N MET A 26 -2.08 7.52 0.74
CA MET A 26 -1.94 6.10 0.87
C MET A 26 -0.50 5.66 1.07
N SER A 27 0.45 6.27 0.41
CA SER A 27 1.82 5.98 0.66
C SER A 27 2.14 6.31 2.09
N GLN A 28 1.59 7.42 2.56
CA GLN A 28 1.84 7.80 3.95
C GLN A 28 1.19 6.82 4.91
N PHE A 29 -0.04 6.45 4.59
CA PHE A 29 -0.83 5.50 5.36
C PHE A 29 -0.14 4.14 5.38
N ILE A 30 0.28 3.67 4.23
CA ILE A 30 0.98 2.41 4.12
C ILE A 30 2.31 2.48 4.83
N VAL A 31 3.05 3.55 4.63
CA VAL A 31 4.28 3.78 5.39
C VAL A 31 4.02 3.62 6.88
N GLN A 32 2.96 4.26 7.36
CA GLN A 32 2.54 4.20 8.75
C GLN A 32 2.24 2.76 9.16
N CYS A 33 1.55 2.07 8.28
CA CYS A 33 1.19 0.69 8.47
C CYS A 33 2.39 -0.25 8.49
N LEU A 34 3.37 0.05 7.67
CA LEU A 34 4.59 -0.75 7.58
C LEU A 34 5.58 -0.42 8.69
N ASN A 35 5.44 0.75 9.31
CA ASN A 35 6.23 1.11 10.49
C ASN A 35 6.47 0.00 11.53
N PRO A 36 5.42 -0.74 12.00
CA PRO A 36 5.63 -1.84 12.95
C PRO A 36 6.33 -3.06 12.31
N TYR A 37 6.40 -3.07 11.01
CA TYR A 37 7.01 -4.18 10.29
C TYR A 37 8.49 -3.97 10.14
N ARG A 38 8.90 -2.72 10.13
CA ARG A 38 10.32 -2.42 9.95
C ARG A 38 11.05 -2.48 11.27
N LYS A 39 10.33 -2.78 12.30
CA LYS A 39 10.92 -2.96 13.60
C LYS A 39 11.60 -4.32 13.61
N PRO A 40 12.77 -4.43 14.25
CA PRO A 40 13.54 -5.69 14.30
C PRO A 40 12.80 -6.80 15.07
N ASP A 41 11.78 -6.41 15.80
CA ASP A 41 10.99 -7.29 16.59
C ASP A 41 9.69 -7.64 15.89
N CYS A 42 9.60 -7.33 14.60
CA CYS A 42 8.43 -7.72 13.86
C CYS A 42 8.45 -9.23 13.64
N LYS A 43 7.42 -9.89 14.12
CA LYS A 43 7.33 -11.33 14.03
C LYS A 43 7.01 -11.78 12.62
N VAL A 44 6.16 -11.04 11.95
CA VAL A 44 5.69 -11.42 10.63
C VAL A 44 5.84 -10.28 9.67
N GLY A 45 6.62 -10.51 8.63
CA GLY A 45 6.88 -9.51 7.64
C GLY A 45 7.82 -8.44 8.17
N ARG A 46 8.93 -8.85 8.74
CA ARG A 46 9.89 -7.89 9.27
C ARG A 46 10.69 -7.30 8.12
N ILE A 47 10.59 -6.01 7.96
CA ILE A 47 11.28 -5.33 6.90
C ILE A 47 12.75 -5.21 7.20
N THR A 48 13.50 -5.72 6.28
CA THR A 48 14.93 -5.76 6.33
C THR A 48 15.58 -4.38 6.36
N THR A 49 15.31 -3.60 5.36
CA THR A 49 15.99 -2.36 5.20
C THR A 49 15.05 -1.25 4.76
N THR A 50 15.51 -0.04 4.86
CA THR A 50 14.74 1.15 4.56
C THR A 50 14.31 1.18 3.11
N GLU A 51 15.21 0.86 2.22
CA GLU A 51 14.91 0.85 0.81
C GLU A 51 13.85 -0.20 0.50
N ASP A 52 13.85 -1.26 1.29
CA ASP A 52 12.87 -2.32 1.16
C ASP A 52 11.55 -1.88 1.66
N PHE A 53 11.60 -1.19 2.79
CA PHE A 53 10.43 -0.59 3.38
C PHE A 53 9.75 0.35 2.36
N LYS A 54 10.55 1.20 1.76
CA LYS A 54 10.12 2.17 0.78
C LYS A 54 9.57 1.50 -0.47
N HIS A 55 10.23 0.43 -0.89
CA HIS A 55 9.85 -0.32 -2.09
C HIS A 55 8.51 -0.93 -1.90
N LEU A 56 8.35 -1.57 -0.78
CA LEU A 56 7.13 -2.20 -0.48
C LEU A 56 6.03 -1.17 -0.33
N ALA A 57 6.28 -0.10 0.44
CA ALA A 57 5.27 0.93 0.66
C ALA A 57 4.76 1.48 -0.67
N ARG A 58 5.67 1.71 -1.58
CA ARG A 58 5.28 2.29 -2.87
C ARG A 58 4.51 1.29 -3.73
N LYS A 59 4.95 0.03 -3.70
CA LYS A 59 4.30 -1.00 -4.48
C LYS A 59 2.89 -1.26 -3.96
N LEU A 60 2.75 -1.31 -2.66
CA LEU A 60 1.46 -1.57 -2.03
C LEU A 60 0.50 -0.45 -2.30
N THR A 61 1.04 0.78 -2.27
CA THR A 61 0.27 1.96 -2.62
C THR A 61 -0.29 1.77 -3.99
N HIS A 62 0.55 1.28 -4.86
CA HIS A 62 0.17 1.16 -6.24
C HIS A 62 -0.76 -0.05 -6.49
N GLY A 63 -0.63 -1.11 -5.72
CA GLY A 63 -1.47 -2.28 -5.93
C GLY A 63 -2.88 -2.08 -5.41
N VAL A 64 -3.04 -1.32 -4.31
CA VAL A 64 -4.38 -0.98 -3.82
C VAL A 64 -5.03 -0.06 -4.83
N MET A 65 -4.18 0.78 -5.39
CA MET A 65 -4.54 1.77 -6.38
C MET A 65 -5.06 1.09 -7.63
N ASN A 66 -4.30 0.14 -8.11
CA ASN A 66 -4.65 -0.61 -9.29
C ASN A 66 -5.91 -1.41 -9.07
N LYS A 67 -6.00 -2.04 -7.91
CA LYS A 67 -7.14 -2.89 -7.55
C LYS A 67 -8.43 -2.08 -7.65
N GLU A 68 -8.42 -0.91 -7.05
CA GLU A 68 -9.57 -0.11 -7.06
C GLU A 68 -9.79 0.54 -8.37
N LEU A 69 -8.75 0.91 -9.07
CA LEU A 69 -8.89 1.37 -10.45
C LEU A 69 -9.48 0.30 -11.38
N LYS A 70 -9.34 -0.96 -11.02
CA LYS A 70 -9.97 -2.03 -11.80
C LYS A 70 -11.44 -2.07 -11.50
N TYR A 71 -11.76 -1.94 -10.24
CA TYR A 71 -13.17 -2.01 -9.79
C TYR A 71 -13.88 -0.69 -9.97
N CYS A 72 -13.11 0.34 -9.92
CA CYS A 72 -13.52 1.68 -10.12
C CYS A 72 -12.67 2.25 -11.22
N LYS A 73 -13.12 2.03 -12.42
CA LYS A 73 -12.42 2.46 -13.62
C LYS A 73 -12.48 3.97 -13.73
N ASN A 74 -13.37 4.53 -12.96
CA ASN A 74 -13.55 5.93 -12.89
C ASN A 74 -12.96 6.40 -11.59
N PRO A 75 -11.83 7.13 -11.64
CA PRO A 75 -11.10 7.58 -10.44
C PRO A 75 -11.78 8.66 -9.64
N GLU A 76 -12.99 8.91 -9.97
CA GLU A 76 -13.83 9.85 -9.26
C GLU A 76 -14.25 9.18 -7.92
N ASP A 77 -13.81 7.95 -7.77
CA ASP A 77 -14.06 7.18 -6.57
C ASP A 77 -12.72 6.82 -5.95
N LEU A 78 -11.66 7.26 -6.59
CA LEU A 78 -10.35 6.97 -6.18
C LEU A 78 -9.93 8.02 -5.18
N GLU A 79 -10.06 7.68 -3.97
CA GLU A 79 -9.82 8.51 -2.88
C GLU A 79 -9.25 7.63 -1.82
N CYS A 80 -8.31 8.12 -1.07
CA CYS A 80 -7.75 7.36 0.01
C CYS A 80 -8.64 7.57 1.18
N ASN A 81 -9.77 6.94 1.11
CA ASN A 81 -10.78 7.12 2.09
C ASN A 81 -10.75 5.95 3.05
N GLU A 82 -11.75 5.89 3.87
CA GLU A 82 -11.96 4.88 4.89
C GLU A 82 -11.95 3.47 4.31
N ASN A 83 -12.82 3.29 3.33
CA ASN A 83 -13.00 2.07 2.55
C ASN A 83 -11.67 1.65 2.03
N VAL A 84 -10.97 2.58 1.40
CA VAL A 84 -9.68 2.28 0.82
C VAL A 84 -8.67 1.88 1.89
N LYS A 85 -8.61 2.69 2.96
CA LYS A 85 -7.71 2.44 4.06
C LYS A 85 -7.92 1.08 4.62
N HIS A 86 -9.17 0.77 4.85
CA HIS A 86 -9.62 -0.50 5.39
C HIS A 86 -9.02 -1.65 4.57
N LYS A 87 -9.23 -1.56 3.29
CA LYS A 87 -8.78 -2.59 2.36
C LYS A 87 -7.28 -2.65 2.34
N THR A 88 -6.68 -1.52 2.48
CA THR A 88 -5.31 -1.38 2.35
C THR A 88 -4.61 -2.03 3.47
N LYS A 89 -4.88 -1.59 4.65
CA LYS A 89 -4.19 -2.11 5.76
C LYS A 89 -4.49 -3.57 6.01
N GLU A 90 -5.72 -4.01 5.69
CA GLU A 90 -6.04 -5.46 5.78
C GLU A 90 -5.28 -6.24 4.71
N TYR A 91 -5.10 -5.61 3.55
CA TYR A 91 -4.38 -6.22 2.45
C TYR A 91 -2.97 -6.34 2.85
N ILE A 92 -2.43 -5.25 3.36
CA ILE A 92 -1.07 -5.18 3.88
C ILE A 92 -0.79 -6.29 4.85
N LYS A 93 -1.67 -6.44 5.85
CA LYS A 93 -1.53 -7.49 6.84
C LYS A 93 -1.39 -8.80 6.12
N LYS A 94 -2.36 -9.08 5.32
CA LYS A 94 -2.48 -10.38 4.71
C LYS A 94 -1.33 -10.61 3.76
N TYR A 95 -0.89 -9.54 3.15
CA TYR A 95 0.18 -9.60 2.26
C TYR A 95 1.48 -9.94 2.99
N MET A 96 1.80 -9.24 4.03
CA MET A 96 3.03 -9.48 4.72
C MET A 96 3.06 -10.82 5.41
N GLN A 97 1.88 -11.41 5.62
CA GLN A 97 1.79 -12.73 6.22
C GLN A 97 2.40 -13.79 5.31
N LYS A 98 2.50 -13.48 4.03
CA LYS A 98 3.02 -14.44 3.08
C LYS A 98 4.53 -14.57 3.14
N PHE A 99 5.19 -13.52 3.62
CA PHE A 99 6.65 -13.55 3.69
C PHE A 99 7.13 -14.46 4.80
N GLY A 100 6.44 -14.40 5.90
CA GLY A 100 6.80 -15.16 7.02
C GLY A 100 7.39 -14.28 8.06
N ALA A 101 8.55 -14.59 8.49
CA ALA A 101 9.21 -13.82 9.50
C ALA A 101 9.80 -12.54 8.92
N VAL A 102 10.47 -12.64 7.80
CA VAL A 102 11.16 -11.48 7.25
C VAL A 102 10.57 -11.16 5.89
N TYR A 103 10.67 -9.92 5.52
CA TYR A 103 10.20 -9.42 4.27
C TYR A 103 11.23 -9.75 3.21
N LYS A 104 10.93 -10.77 2.49
CA LYS A 104 11.75 -11.22 1.40
C LYS A 104 10.98 -11.02 0.10
N PRO A 105 11.15 -9.87 -0.58
CA PRO A 105 10.40 -9.55 -1.82
C PRO A 105 10.66 -10.55 -2.95
N LYS A 106 11.74 -11.31 -2.86
CA LYS A 106 11.96 -12.43 -3.79
C LYS A 106 10.81 -13.47 -3.69
N GLU A 107 10.13 -13.47 -2.55
CA GLU A 107 8.98 -14.34 -2.33
C GLU A 107 7.68 -13.65 -2.75
N ASP A 108 7.75 -12.35 -3.02
CA ASP A 108 6.61 -11.51 -3.40
C ASP A 108 5.99 -11.96 -4.73
N THR A 109 4.79 -11.46 -5.00
CA THR A 109 4.03 -11.76 -6.21
C THR A 109 4.84 -11.50 -7.51
N THR A 10 -14.58 15.38 -16.84
CA THR A 10 -13.39 16.10 -16.50
C THR A 10 -12.62 15.29 -15.47
N SER A 11 -13.11 14.09 -15.21
CA SER A 11 -12.56 13.20 -14.21
C SER A 11 -11.32 12.52 -14.68
N SER A 12 -10.97 12.77 -15.86
CA SER A 12 -9.79 12.30 -16.39
C SER A 12 -8.65 13.17 -15.86
N GLU A 13 -8.83 14.47 -15.97
CA GLU A 13 -7.87 15.47 -15.50
C GLU A 13 -8.00 15.74 -13.98
N LEU A 14 -9.23 15.86 -13.51
CA LEU A 14 -9.55 16.14 -12.11
C LEU A 14 -8.98 15.05 -11.22
N ALA A 15 -9.12 13.86 -11.70
CA ALA A 15 -8.76 12.73 -10.96
C ALA A 15 -7.34 12.39 -11.16
N LYS A 16 -6.69 13.07 -12.09
CA LYS A 16 -5.28 12.95 -12.24
C LYS A 16 -4.67 13.47 -10.96
N LYS A 17 -5.18 14.63 -10.53
CA LYS A 17 -4.77 15.24 -9.28
C LYS A 17 -5.16 14.35 -8.12
N SER A 18 -6.38 13.80 -8.20
CA SER A 18 -6.89 12.95 -7.15
C SER A 18 -6.03 11.67 -7.00
N LYS A 19 -5.48 11.17 -8.09
CA LYS A 19 -4.62 9.99 -8.05
C LYS A 19 -3.32 10.31 -7.38
N GLU A 20 -2.88 11.53 -7.52
CA GLU A 20 -1.62 11.98 -6.92
C GLU A 20 -1.84 12.12 -5.44
N VAL A 21 -2.94 12.78 -5.10
CA VAL A 21 -3.33 13.00 -3.74
C VAL A 21 -3.57 11.65 -3.08
N PHE A 22 -4.25 10.78 -3.79
CA PHE A 22 -4.59 9.45 -3.30
C PHE A 22 -3.36 8.63 -3.06
N ARG A 23 -2.52 8.52 -4.08
CA ARG A 23 -1.31 7.74 -3.95
C ARG A 23 -0.44 8.28 -2.83
N LYS A 24 -0.52 9.58 -2.61
CA LYS A 24 0.26 10.20 -1.60
C LYS A 24 -0.26 9.86 -0.19
N GLU A 25 -1.58 9.95 0.03
CA GLU A 25 -2.10 9.62 1.33
C GLU A 25 -2.11 8.14 1.60
N MET A 26 -2.23 7.36 0.58
CA MET A 26 -2.19 5.91 0.71
C MET A 26 -0.77 5.46 1.00
N SER A 27 0.21 6.06 0.33
CA SER A 27 1.58 5.72 0.56
C SER A 27 1.96 6.05 1.95
N GLN A 28 1.52 7.19 2.40
CA GLN A 28 1.84 7.60 3.78
C GLN A 28 1.16 6.68 4.78
N PHE A 29 -0.07 6.35 4.48
CA PHE A 29 -0.86 5.42 5.25
C PHE A 29 -0.15 4.05 5.32
N ILE A 30 0.26 3.58 4.17
CA ILE A 30 0.97 2.32 4.05
C ILE A 30 2.30 2.38 4.74
N VAL A 31 3.00 3.48 4.59
CA VAL A 31 4.23 3.71 5.35
C VAL A 31 3.97 3.50 6.85
N GLN A 32 2.91 4.10 7.35
CA GLN A 32 2.51 3.97 8.74
C GLN A 32 2.20 2.52 9.09
N CYS A 33 1.57 1.86 8.15
CA CYS A 33 1.22 0.47 8.29
C CYS A 33 2.44 -0.44 8.29
N LEU A 34 3.42 -0.11 7.50
CA LEU A 34 4.66 -0.87 7.42
C LEU A 34 5.64 -0.54 8.54
N ASN A 35 5.47 0.63 9.15
CA ASN A 35 6.24 1.04 10.33
C ASN A 35 6.53 -0.06 11.35
N PRO A 36 5.52 -0.83 11.85
CA PRO A 36 5.77 -1.91 12.82
C PRO A 36 6.54 -3.09 12.23
N TYR A 37 6.55 -3.19 10.92
CA TYR A 37 7.15 -4.31 10.25
C TYR A 37 8.62 -4.14 10.10
N ARG A 38 9.07 -2.92 10.08
CA ARG A 38 10.50 -2.67 9.89
C ARG A 38 11.24 -2.73 11.21
N LYS A 39 10.51 -2.93 12.26
CA LYS A 39 11.08 -3.02 13.58
C LYS A 39 11.65 -4.41 13.79
N PRO A 40 12.75 -4.54 14.54
CA PRO A 40 13.35 -5.85 14.88
C PRO A 40 12.45 -6.68 15.80
N ASP A 41 11.33 -6.10 16.17
CA ASP A 41 10.35 -6.71 17.04
C ASP A 41 9.25 -7.36 16.21
N CYS A 42 9.30 -7.11 14.92
CA CYS A 42 8.31 -7.62 14.01
C CYS A 42 8.43 -9.14 13.92
N LYS A 43 7.32 -9.79 14.08
CA LYS A 43 7.28 -11.22 14.08
C LYS A 43 7.00 -11.76 12.68
N VAL A 44 6.23 -11.01 11.93
CA VAL A 44 5.81 -11.48 10.63
C VAL A 44 5.99 -10.38 9.58
N GLY A 45 6.75 -10.70 8.55
CA GLY A 45 7.02 -9.75 7.50
C GLY A 45 7.93 -8.63 7.98
N ARG A 46 9.02 -8.95 8.67
CA ARG A 46 9.91 -7.93 9.13
C ARG A 46 10.71 -7.35 7.98
N ILE A 47 10.59 -6.07 7.79
CA ILE A 47 11.29 -5.37 6.76
C ILE A 47 12.77 -5.23 7.10
N THR A 48 13.57 -5.76 6.24
CA THR A 48 15.00 -5.78 6.32
C THR A 48 15.64 -4.41 6.31
N THR A 49 15.36 -3.66 5.28
CA THR A 49 16.05 -2.45 5.04
C THR A 49 15.06 -1.31 4.81
N THR A 50 15.51 -0.12 5.02
CA THR A 50 14.77 1.06 4.73
C THR A 50 14.43 1.12 3.23
N GLU A 51 15.39 0.71 2.39
CA GLU A 51 15.19 0.61 0.95
C GLU A 51 14.05 -0.33 0.67
N ASP A 52 13.99 -1.41 1.42
CA ASP A 52 12.98 -2.43 1.26
C ASP A 52 11.66 -1.93 1.72
N PHE A 53 11.70 -1.18 2.79
CA PHE A 53 10.55 -0.52 3.34
C PHE A 53 9.93 0.43 2.30
N LYS A 54 10.77 1.28 1.72
CA LYS A 54 10.35 2.24 0.70
C LYS A 54 9.81 1.54 -0.54
N HIS A 55 10.47 0.45 -0.91
CA HIS A 55 10.10 -0.36 -2.07
C HIS A 55 8.74 -0.97 -1.84
N LEU A 56 8.58 -1.55 -0.70
CA LEU A 56 7.35 -2.20 -0.39
C LEU A 56 6.22 -1.18 -0.23
N ALA A 57 6.48 -0.08 0.48
CA ALA A 57 5.46 0.95 0.69
C ALA A 57 4.94 1.45 -0.64
N ARG A 58 5.84 1.68 -1.58
CA ARG A 58 5.44 2.20 -2.90
C ARG A 58 4.68 1.12 -3.67
N LYS A 59 5.16 -0.12 -3.56
CA LYS A 59 4.60 -1.28 -4.24
C LYS A 59 3.14 -1.49 -3.83
N LEU A 60 2.90 -1.44 -2.54
CA LEU A 60 1.58 -1.67 -1.97
C LEU A 60 0.65 -0.53 -2.27
N THR A 61 1.20 0.68 -2.20
CA THR A 61 0.44 1.88 -2.54
C THR A 61 -0.09 1.74 -3.93
N HIS A 62 0.76 1.27 -4.78
CA HIS A 62 0.41 1.17 -6.15
C HIS A 62 -0.49 -0.04 -6.41
N GLY A 63 -0.39 -1.06 -5.59
CA GLY A 63 -1.20 -2.24 -5.79
C GLY A 63 -2.64 -2.02 -5.38
N VAL A 64 -2.86 -1.24 -4.32
CA VAL A 64 -4.24 -0.88 -3.91
C VAL A 64 -4.83 -0.03 -5.00
N MET A 65 -3.98 0.85 -5.46
CA MET A 65 -4.30 1.81 -6.48
C MET A 65 -4.72 1.09 -7.77
N ASN A 66 -3.94 0.10 -8.16
CA ASN A 66 -4.23 -0.72 -9.33
C ASN A 66 -5.55 -1.44 -9.21
N LYS A 67 -5.75 -2.13 -8.10
CA LYS A 67 -6.94 -2.92 -7.95
C LYS A 67 -8.18 -2.07 -7.95
N GLU A 68 -8.13 -0.95 -7.27
CA GLU A 68 -9.26 -0.17 -7.24
C GLU A 68 -9.42 0.67 -8.47
N LEU A 69 -8.36 1.05 -9.14
CA LEU A 69 -8.52 1.66 -10.47
C LEU A 69 -9.14 0.70 -11.46
N LYS A 70 -9.00 -0.59 -11.23
CA LYS A 70 -9.70 -1.56 -12.05
C LYS A 70 -11.16 -1.54 -11.73
N TYR A 71 -11.45 -1.58 -10.47
CA TYR A 71 -12.82 -1.71 -9.98
C TYR A 71 -13.54 -0.39 -10.06
N CYS A 72 -12.80 0.65 -9.92
CA CYS A 72 -13.31 1.97 -10.02
C CYS A 72 -13.02 2.43 -11.41
N LYS A 73 -14.03 2.32 -12.20
CA LYS A 73 -13.99 2.56 -13.62
C LYS A 73 -13.87 4.07 -13.90
N ASN A 74 -14.10 4.85 -12.87
CA ASN A 74 -13.86 6.27 -12.87
C ASN A 74 -13.17 6.64 -11.56
N PRO A 75 -11.97 7.24 -11.61
CA PRO A 75 -11.22 7.65 -10.40
C PRO A 75 -11.83 8.79 -9.62
N GLU A 76 -13.03 9.13 -9.96
CA GLU A 76 -13.81 10.10 -9.27
C GLU A 76 -14.33 9.43 -7.97
N ASP A 77 -14.01 8.16 -7.89
CA ASP A 77 -14.38 7.28 -6.80
C ASP A 77 -13.10 6.75 -6.14
N LEU A 78 -11.97 7.21 -6.63
CA LEU A 78 -10.69 6.84 -6.17
C LEU A 78 -10.27 7.88 -5.16
N GLU A 79 -10.27 7.49 -3.96
CA GLU A 79 -10.00 8.31 -2.84
C GLU A 79 -9.35 7.43 -1.81
N CYS A 80 -8.44 7.95 -1.06
CA CYS A 80 -7.85 7.23 0.04
C CYS A 80 -8.78 7.41 1.20
N ASN A 81 -9.88 6.75 1.10
CA ASN A 81 -10.92 6.92 2.09
C ASN A 81 -10.84 5.79 3.07
N GLU A 82 -11.74 5.82 4.01
CA GLU A 82 -11.92 4.80 5.02
C GLU A 82 -11.94 3.38 4.49
N ASN A 83 -12.83 3.15 3.55
CA ASN A 83 -12.99 1.88 2.85
C ASN A 83 -11.70 1.47 2.26
N VAL A 84 -11.04 2.42 1.57
CA VAL A 84 -9.76 2.12 0.97
C VAL A 84 -8.75 1.76 2.04
N LYS A 85 -8.68 2.58 3.07
CA LYS A 85 -7.75 2.38 4.18
C LYS A 85 -7.95 1.04 4.81
N HIS A 86 -9.19 0.74 5.08
CA HIS A 86 -9.62 -0.51 5.70
C HIS A 86 -9.06 -1.69 4.93
N LYS A 87 -9.35 -1.66 3.67
CA LYS A 87 -8.98 -2.68 2.72
C LYS A 87 -7.45 -2.75 2.62
N THR A 88 -6.84 -1.61 2.72
CA THR A 88 -5.46 -1.47 2.52
C THR A 88 -4.68 -2.00 3.65
N LYS A 89 -4.88 -1.49 4.83
CA LYS A 89 -4.14 -1.97 5.96
C LYS A 89 -4.40 -3.44 6.23
N GLU A 90 -5.64 -3.90 5.99
CA GLU A 90 -5.94 -5.32 6.08
C GLU A 90 -5.20 -6.10 5.01
N TYR A 91 -5.09 -5.50 3.82
CA TYR A 91 -4.41 -6.14 2.70
C TYR A 91 -2.96 -6.26 3.06
N ILE A 92 -2.41 -5.16 3.52
CA ILE A 92 -1.02 -5.07 3.97
C ILE A 92 -0.68 -6.15 4.95
N LYS A 93 -1.42 -6.22 6.02
CA LYS A 93 -1.12 -7.20 7.02
C LYS A 93 -1.19 -8.59 6.43
N LYS A 94 -2.24 -8.86 5.68
CA LYS A 94 -2.42 -10.18 5.11
C LYS A 94 -1.33 -10.48 4.10
N TYR A 95 -0.88 -9.44 3.44
CA TYR A 95 0.18 -9.51 2.52
C TYR A 95 1.47 -9.87 3.23
N MET A 96 1.82 -9.14 4.27
CA MET A 96 3.05 -9.36 5.00
C MET A 96 3.11 -10.76 5.58
N GLN A 97 1.92 -11.33 5.83
CA GLN A 97 1.84 -12.68 6.36
C GLN A 97 2.42 -13.71 5.38
N LYS A 98 2.53 -13.34 4.11
CA LYS A 98 3.03 -14.26 3.11
C LYS A 98 4.54 -14.41 3.16
N PHE A 99 5.22 -13.37 3.61
CA PHE A 99 6.69 -13.41 3.63
C PHE A 99 7.21 -14.34 4.71
N GLY A 100 6.48 -14.41 5.78
CA GLY A 100 6.87 -15.24 6.87
C GLY A 100 7.45 -14.41 7.95
N ALA A 101 8.63 -14.71 8.32
CA ALA A 101 9.29 -13.98 9.37
C ALA A 101 9.88 -12.68 8.84
N VAL A 102 10.56 -12.76 7.71
CA VAL A 102 11.25 -11.59 7.19
C VAL A 102 10.67 -11.26 5.83
N TYR A 103 10.76 -10.02 5.47
CA TYR A 103 10.27 -9.52 4.24
C TYR A 103 11.26 -9.79 3.13
N LYS A 104 10.94 -10.78 2.36
CA LYS A 104 11.71 -11.17 1.20
C LYS A 104 10.88 -10.90 -0.06
N PRO A 105 11.00 -9.71 -0.67
CA PRO A 105 10.18 -9.32 -1.84
C PRO A 105 10.43 -10.21 -3.06
N LYS A 106 11.54 -10.92 -3.05
CA LYS A 106 11.84 -11.91 -4.09
C LYS A 106 10.70 -12.94 -4.23
N GLU A 107 9.94 -13.13 -3.18
CA GLU A 107 8.81 -14.04 -3.24
C GLU A 107 7.46 -13.30 -3.31
N ASP A 108 7.53 -11.99 -3.48
CA ASP A 108 6.34 -11.13 -3.60
C ASP A 108 5.51 -11.53 -4.81
N THR A 109 4.25 -11.30 -4.68
CA THR A 109 3.20 -11.78 -5.57
C THR A 109 3.24 -11.18 -6.96
N THR A 10 -15.78 16.76 -15.01
CA THR A 10 -14.68 16.24 -15.73
C THR A 10 -13.73 15.53 -14.77
N SER A 11 -14.01 14.26 -14.58
CA SER A 11 -13.35 13.42 -13.63
C SER A 11 -12.06 12.91 -14.15
N SER A 12 -11.88 13.04 -15.41
CA SER A 12 -10.69 12.63 -16.03
C SER A 12 -9.53 13.48 -15.50
N GLU A 13 -9.72 14.79 -15.51
CA GLU A 13 -8.71 15.72 -15.03
C GLU A 13 -8.74 15.85 -13.51
N LEU A 14 -9.92 15.69 -12.91
CA LEU A 14 -10.09 15.72 -11.44
C LEU A 14 -9.18 14.68 -10.83
N ALA A 15 -9.08 13.62 -11.55
CA ALA A 15 -8.36 12.51 -11.12
C ALA A 15 -6.89 12.63 -11.42
N LYS A 16 -6.52 13.57 -12.27
CA LYS A 16 -5.13 13.80 -12.54
C LYS A 16 -4.48 14.26 -11.25
N LYS A 17 -5.21 15.09 -10.53
CA LYS A 17 -4.79 15.52 -9.22
C LYS A 17 -5.13 14.45 -8.18
N SER A 18 -6.29 13.81 -8.33
CA SER A 18 -6.75 12.87 -7.32
C SER A 18 -5.82 11.66 -7.22
N LYS A 19 -5.24 11.21 -8.35
CA LYS A 19 -4.35 10.07 -8.31
C LYS A 19 -3.10 10.41 -7.57
N GLU A 20 -2.52 11.60 -7.82
CA GLU A 20 -1.30 11.95 -7.14
C GLU A 20 -1.56 12.15 -5.66
N VAL A 21 -2.65 12.83 -5.31
CA VAL A 21 -3.00 13.07 -3.93
C VAL A 21 -3.28 11.74 -3.24
N PHE A 22 -4.06 10.90 -3.88
CA PHE A 22 -4.42 9.58 -3.35
C PHE A 22 -3.19 8.76 -3.16
N ARG A 23 -2.38 8.62 -4.21
CA ARG A 23 -1.19 7.82 -4.12
C ARG A 23 -0.26 8.36 -3.06
N LYS A 24 -0.30 9.67 -2.86
CA LYS A 24 0.53 10.32 -1.87
C LYS A 24 0.08 9.86 -0.47
N GLU A 25 -1.20 10.02 -0.16
CA GLU A 25 -1.70 9.69 1.16
C GLU A 25 -1.75 8.22 1.42
N MET A 26 -1.93 7.44 0.39
CA MET A 26 -1.91 6.02 0.55
C MET A 26 -0.48 5.52 0.72
N SER A 27 0.46 6.16 0.06
CA SER A 27 1.85 5.84 0.26
C SER A 27 2.19 6.12 1.69
N GLN A 28 1.65 7.21 2.22
CA GLN A 28 1.92 7.59 3.61
C GLN A 28 1.22 6.64 4.55
N PHE A 29 -0.01 6.33 4.25
CA PHE A 29 -0.81 5.39 5.02
C PHE A 29 -0.14 4.02 5.04
N ILE A 30 0.29 3.56 3.89
CA ILE A 30 0.99 2.30 3.78
C ILE A 30 2.30 2.37 4.51
N VAL A 31 3.03 3.46 4.34
CA VAL A 31 4.25 3.68 5.12
C VAL A 31 3.96 3.51 6.62
N GLN A 32 2.90 4.14 7.09
CA GLN A 32 2.45 4.06 8.47
C GLN A 32 2.15 2.61 8.85
N CYS A 33 1.51 1.92 7.94
CA CYS A 33 1.15 0.53 8.11
C CYS A 33 2.37 -0.37 8.18
N LEU A 34 3.37 -0.06 7.40
CA LEU A 34 4.61 -0.84 7.35
C LEU A 34 5.55 -0.54 8.51
N ASN A 35 5.39 0.63 9.11
CA ASN A 35 6.15 1.00 10.32
C ASN A 35 6.30 -0.08 11.41
N PRO A 36 5.22 -0.78 11.85
CA PRO A 36 5.35 -1.86 12.85
C PRO A 36 6.09 -3.10 12.30
N TYR A 37 6.20 -3.19 11.00
CA TYR A 37 6.83 -4.32 10.37
C TYR A 37 8.32 -4.12 10.28
N ARG A 38 8.75 -2.89 10.27
CA ARG A 38 10.19 -2.62 10.15
C ARG A 38 10.87 -2.65 11.52
N LYS A 39 10.07 -2.89 12.52
CA LYS A 39 10.54 -3.01 13.89
C LYS A 39 11.31 -4.31 14.04
N PRO A 40 12.35 -4.33 14.89
CA PRO A 40 13.18 -5.52 15.08
C PRO A 40 12.43 -6.65 15.79
N ASP A 41 11.31 -6.34 16.41
CA ASP A 41 10.53 -7.33 17.15
C ASP A 41 9.30 -7.73 16.33
N CYS A 42 9.30 -7.33 15.05
CA CYS A 42 8.22 -7.67 14.14
C CYS A 42 8.04 -9.19 14.08
N LYS A 43 6.81 -9.61 14.21
CA LYS A 43 6.47 -11.00 14.26
C LYS A 43 6.31 -11.59 12.88
N VAL A 44 5.82 -10.79 11.98
CA VAL A 44 5.51 -11.26 10.66
C VAL A 44 5.78 -10.19 9.63
N GLY A 45 6.58 -10.53 8.66
CA GLY A 45 6.93 -9.60 7.61
C GLY A 45 7.84 -8.48 8.13
N ARG A 46 8.91 -8.82 8.82
CA ARG A 46 9.82 -7.82 9.34
C ARG A 46 10.60 -7.18 8.20
N ILE A 47 10.43 -5.90 8.01
CA ILE A 47 11.13 -5.20 6.96
C ILE A 47 12.57 -4.99 7.33
N THR A 48 13.42 -5.58 6.56
CA THR A 48 14.84 -5.56 6.70
C THR A 48 15.45 -4.17 6.63
N THR A 49 15.29 -3.56 5.50
CA THR A 49 16.02 -2.36 5.20
C THR A 49 15.06 -1.27 4.78
N THR A 50 15.50 -0.05 4.89
CA THR A 50 14.73 1.10 4.49
C THR A 50 14.39 1.05 3.00
N GLU A 51 15.34 0.59 2.19
CA GLU A 51 15.14 0.42 0.76
C GLU A 51 14.04 -0.58 0.51
N ASP A 52 13.95 -1.58 1.37
CA ASP A 52 12.95 -2.62 1.25
C ASP A 52 11.63 -2.10 1.67
N PHE A 53 11.66 -1.34 2.75
CA PHE A 53 10.49 -0.68 3.29
C PHE A 53 9.84 0.21 2.20
N LYS A 54 10.65 1.05 1.63
CA LYS A 54 10.23 1.98 0.61
C LYS A 54 9.78 1.28 -0.66
N HIS A 55 10.50 0.22 -1.03
CA HIS A 55 10.19 -0.58 -2.21
C HIS A 55 8.79 -1.15 -2.08
N LEU A 56 8.55 -1.72 -0.94
CA LEU A 56 7.30 -2.33 -0.70
C LEU A 56 6.20 -1.32 -0.54
N ALA A 57 6.47 -0.22 0.17
CA ALA A 57 5.45 0.85 0.33
C ALA A 57 4.96 1.30 -1.04
N ARG A 58 5.90 1.42 -1.97
CA ARG A 58 5.58 1.81 -3.35
C ARG A 58 4.74 0.72 -4.00
N LYS A 59 5.17 -0.52 -3.82
CA LYS A 59 4.55 -1.64 -4.49
C LYS A 59 3.11 -1.84 -4.02
N LEU A 60 2.90 -1.70 -2.73
CA LEU A 60 1.59 -1.88 -2.13
C LEU A 60 0.66 -0.75 -2.53
N THR A 61 1.20 0.48 -2.54
CA THR A 61 0.42 1.64 -2.98
C THR A 61 -0.06 1.39 -4.38
N HIS A 62 0.83 0.84 -5.15
CA HIS A 62 0.57 0.59 -6.55
C HIS A 62 -0.50 -0.51 -6.73
N GLY A 63 -0.50 -1.50 -5.86
CA GLY A 63 -1.46 -2.59 -5.99
C GLY A 63 -2.88 -2.20 -5.59
N VAL A 64 -3.02 -1.43 -4.51
CA VAL A 64 -4.37 -0.99 -4.06
C VAL A 64 -4.94 -0.05 -5.09
N MET A 65 -4.05 0.77 -5.61
CA MET A 65 -4.38 1.78 -6.60
C MET A 65 -4.88 1.11 -7.86
N ASN A 66 -4.20 0.07 -8.29
CA ASN A 66 -4.59 -0.70 -9.45
C ASN A 66 -5.92 -1.41 -9.24
N LYS A 67 -6.10 -1.98 -8.07
CA LYS A 67 -7.32 -2.69 -7.74
C LYS A 67 -8.51 -1.78 -7.78
N GLU A 68 -8.40 -0.64 -7.17
CA GLU A 68 -9.48 0.23 -7.16
C GLU A 68 -9.68 0.87 -8.48
N LEU A 69 -8.63 1.26 -9.15
CA LEU A 69 -8.80 1.77 -10.52
C LEU A 69 -9.40 0.74 -11.48
N LYS A 70 -9.25 -0.54 -11.20
CA LYS A 70 -9.82 -1.53 -12.07
C LYS A 70 -11.27 -1.81 -11.76
N TYR A 71 -11.66 -1.65 -10.50
CA TYR A 71 -13.05 -1.87 -10.09
C TYR A 71 -13.84 -0.59 -10.10
N CYS A 72 -13.15 0.46 -9.78
CA CYS A 72 -13.69 1.78 -9.79
C CYS A 72 -13.31 2.39 -11.09
N LYS A 73 -14.20 2.31 -12.00
CA LYS A 73 -14.01 2.74 -13.35
C LYS A 73 -13.87 4.25 -13.43
N ASN A 74 -14.35 4.93 -12.43
CA ASN A 74 -14.17 6.34 -12.33
C ASN A 74 -13.25 6.64 -11.15
N PRO A 75 -12.12 7.34 -11.40
CA PRO A 75 -11.19 7.74 -10.33
C PRO A 75 -11.72 8.85 -9.47
N GLU A 76 -12.93 9.19 -9.75
CA GLU A 76 -13.73 10.08 -8.97
C GLU A 76 -14.05 9.36 -7.64
N ASP A 77 -13.71 8.09 -7.61
CA ASP A 77 -13.93 7.23 -6.46
C ASP A 77 -12.57 6.76 -5.95
N LEU A 78 -11.52 7.23 -6.60
CA LEU A 78 -10.18 6.90 -6.26
C LEU A 78 -9.71 7.93 -5.25
N GLU A 79 -9.79 7.55 -4.04
CA GLU A 79 -9.51 8.37 -2.93
C GLU A 79 -8.91 7.50 -1.87
N CYS A 80 -8.02 8.05 -1.09
CA CYS A 80 -7.45 7.33 0.01
C CYS A 80 -8.40 7.49 1.16
N ASN A 81 -9.53 6.85 1.04
CA ASN A 81 -10.57 7.00 2.01
C ASN A 81 -10.52 5.87 2.94
N GLU A 82 -11.38 5.94 3.88
CA GLU A 82 -11.60 5.00 4.92
C GLU A 82 -11.69 3.55 4.40
N ASN A 83 -12.59 3.36 3.46
CA ASN A 83 -12.81 2.10 2.75
C ASN A 83 -11.52 1.65 2.15
N VAL A 84 -10.87 2.56 1.43
CA VAL A 84 -9.61 2.22 0.78
C VAL A 84 -8.56 1.82 1.81
N LYS A 85 -8.45 2.62 2.85
CA LYS A 85 -7.53 2.39 3.95
C LYS A 85 -7.76 1.05 4.55
N HIS A 86 -9.01 0.78 4.85
CA HIS A 86 -9.42 -0.48 5.49
C HIS A 86 -8.91 -1.64 4.67
N LYS A 87 -9.20 -1.58 3.38
CA LYS A 87 -8.80 -2.64 2.46
C LYS A 87 -7.30 -2.73 2.35
N THR A 88 -6.66 -1.62 2.49
CA THR A 88 -5.29 -1.49 2.32
C THR A 88 -4.56 -2.09 3.46
N LYS A 89 -4.78 -1.59 4.65
CA LYS A 89 -4.07 -2.07 5.79
C LYS A 89 -4.36 -3.55 6.04
N GLU A 90 -5.59 -3.98 5.73
CA GLU A 90 -5.93 -5.39 5.83
C GLU A 90 -5.20 -6.20 4.74
N TYR A 91 -5.06 -5.60 3.56
CA TYR A 91 -4.36 -6.23 2.46
C TYR A 91 -2.93 -6.39 2.84
N ILE A 92 -2.36 -5.30 3.35
CA ILE A 92 -0.99 -5.26 3.84
C ILE A 92 -0.72 -6.38 4.80
N LYS A 93 -1.56 -6.50 5.81
CA LYS A 93 -1.40 -7.55 6.79
C LYS A 93 -1.31 -8.88 6.09
N LYS A 94 -2.32 -9.16 5.29
CA LYS A 94 -2.44 -10.47 4.68
C LYS A 94 -1.29 -10.70 3.73
N TYR A 95 -0.85 -9.63 3.12
CA TYR A 95 0.24 -9.67 2.24
C TYR A 95 1.52 -10.04 2.96
N MET A 96 1.85 -9.32 4.00
CA MET A 96 3.07 -9.53 4.71
C MET A 96 3.11 -10.87 5.40
N GLN A 97 1.94 -11.47 5.60
CA GLN A 97 1.85 -12.80 6.19
C GLN A 97 2.52 -13.84 5.31
N LYS A 98 2.68 -13.52 4.03
CA LYS A 98 3.27 -14.46 3.10
C LYS A 98 4.78 -14.51 3.21
N PHE A 99 5.39 -13.47 3.79
CA PHE A 99 6.85 -13.41 3.91
C PHE A 99 7.36 -14.26 5.07
N GLY A 100 6.53 -14.45 6.06
CA GLY A 100 6.92 -15.24 7.17
C GLY A 100 7.30 -14.36 8.30
N ALA A 101 8.50 -14.47 8.72
CA ALA A 101 8.98 -13.67 9.82
C ALA A 101 9.62 -12.41 9.30
N VAL A 102 10.38 -12.52 8.24
CA VAL A 102 11.10 -11.38 7.72
C VAL A 102 10.64 -11.13 6.31
N TYR A 103 10.78 -9.93 5.89
CA TYR A 103 10.38 -9.48 4.62
C TYR A 103 11.46 -9.75 3.59
N LYS A 104 11.22 -10.76 2.84
CA LYS A 104 12.04 -11.12 1.73
C LYS A 104 11.23 -10.96 0.43
N PRO A 105 11.28 -9.77 -0.19
CA PRO A 105 10.51 -9.47 -1.41
C PRO A 105 10.90 -10.36 -2.58
N LYS A 106 12.04 -11.00 -2.48
CA LYS A 106 12.47 -11.98 -3.45
C LYS A 106 11.46 -13.13 -3.60
N GLU A 107 10.58 -13.28 -2.63
CA GLU A 107 9.52 -14.25 -2.75
C GLU A 107 8.14 -13.58 -2.95
N ASP A 108 8.15 -12.29 -3.21
CA ASP A 108 6.96 -11.49 -3.42
C ASP A 108 6.29 -11.78 -4.78
N THR A 109 5.07 -11.34 -4.89
CA THR A 109 4.19 -11.58 -6.02
C THR A 109 4.49 -10.55 -7.11
N THR A 10 -15.55 15.82 -14.54
CA THR A 10 -14.28 16.27 -15.18
C THR A 10 -13.13 15.47 -14.57
N SER A 11 -13.39 14.20 -14.51
CA SER A 11 -12.62 13.24 -13.76
C SER A 11 -11.40 12.79 -14.45
N SER A 12 -11.18 13.27 -15.59
CA SER A 12 -9.97 13.01 -16.20
C SER A 12 -8.91 13.86 -15.49
N GLU A 13 -9.17 15.14 -15.41
CA GLU A 13 -8.29 16.11 -14.78
C GLU A 13 -8.43 16.14 -13.26
N LEU A 14 -9.67 16.11 -12.76
CA LEU A 14 -9.95 16.15 -11.31
C LEU A 14 -9.28 14.99 -10.64
N ALA A 15 -9.32 13.91 -11.32
CA ALA A 15 -8.79 12.70 -10.81
C ALA A 15 -7.34 12.59 -11.09
N LYS A 16 -6.81 13.39 -12.00
CA LYS A 16 -5.36 13.43 -12.20
C LYS A 16 -4.75 13.93 -10.92
N LYS A 17 -5.45 14.85 -10.30
CA LYS A 17 -5.04 15.39 -9.05
C LYS A 17 -5.37 14.39 -7.97
N SER A 18 -6.52 13.75 -8.06
CA SER A 18 -6.93 12.76 -7.06
C SER A 18 -5.98 11.55 -7.08
N LYS A 19 -5.32 11.29 -8.22
CA LYS A 19 -4.33 10.20 -8.35
C LYS A 19 -3.20 10.50 -7.45
N GLU A 20 -2.60 11.66 -7.63
CA GLU A 20 -1.48 12.02 -6.84
C GLU A 20 -1.84 12.25 -5.39
N VAL A 21 -2.98 12.86 -5.13
CA VAL A 21 -3.38 13.10 -3.77
C VAL A 21 -3.62 11.78 -3.07
N PHE A 22 -4.37 10.89 -3.71
CA PHE A 22 -4.64 9.56 -3.18
C PHE A 22 -3.38 8.80 -3.00
N ARG A 23 -2.57 8.70 -4.06
CA ARG A 23 -1.35 7.94 -3.94
C ARG A 23 -0.42 8.52 -2.88
N LYS A 24 -0.46 9.84 -2.65
CA LYS A 24 0.35 10.43 -1.62
C LYS A 24 -0.09 9.99 -0.25
N GLU A 25 -1.38 10.14 0.04
CA GLU A 25 -1.89 9.80 1.34
C GLU A 25 -1.90 8.33 1.61
N MET A 26 -2.07 7.55 0.56
CA MET A 26 -2.03 6.11 0.68
C MET A 26 -0.60 5.65 0.90
N SER A 27 0.36 6.27 0.22
CA SER A 27 1.76 5.94 0.41
C SER A 27 2.12 6.20 1.83
N GLN A 28 1.65 7.32 2.34
CA GLN A 28 1.99 7.71 3.70
C GLN A 28 1.27 6.83 4.71
N PHE A 29 0.03 6.51 4.41
CA PHE A 29 -0.78 5.61 5.20
C PHE A 29 -0.12 4.24 5.27
N ILE A 30 0.29 3.74 4.11
CA ILE A 30 0.97 2.47 3.99
C ILE A 30 2.30 2.52 4.69
N VAL A 31 3.04 3.59 4.49
CA VAL A 31 4.28 3.81 5.24
C VAL A 31 4.04 3.63 6.74
N GLN A 32 3.00 4.27 7.24
CA GLN A 32 2.61 4.19 8.64
C GLN A 32 2.24 2.75 9.01
N CYS A 33 1.58 2.09 8.10
CA CYS A 33 1.19 0.71 8.25
C CYS A 33 2.38 -0.23 8.31
N LEU A 34 3.39 0.07 7.51
CA LEU A 34 4.62 -0.70 7.45
C LEU A 34 5.57 -0.36 8.60
N ASN A 35 5.38 0.82 9.22
CA ASN A 35 6.14 1.21 10.44
C ASN A 35 6.40 0.07 11.44
N PRO A 36 5.35 -0.68 11.89
CA PRO A 36 5.53 -1.79 12.84
C PRO A 36 6.25 -3.00 12.24
N TYR A 37 6.35 -3.06 10.94
CA TYR A 37 6.96 -4.21 10.29
C TYR A 37 8.46 -4.02 10.14
N ARG A 38 8.91 -2.79 10.16
CA ARG A 38 10.35 -2.53 10.00
C ARG A 38 11.06 -2.58 11.35
N LYS A 39 10.28 -2.80 12.39
CA LYS A 39 10.81 -2.92 13.73
C LYS A 39 11.59 -4.22 13.79
N PRO A 40 12.77 -4.22 14.42
CA PRO A 40 13.63 -5.41 14.50
C PRO A 40 12.99 -6.58 15.27
N ASP A 41 11.90 -6.33 15.95
CA ASP A 41 11.22 -7.37 16.70
C ASP A 41 9.86 -7.70 16.08
N CYS A 42 9.67 -7.24 14.83
CA CYS A 42 8.47 -7.54 14.08
C CYS A 42 8.29 -9.06 13.97
N LYS A 43 7.09 -9.49 14.30
CA LYS A 43 6.76 -10.88 14.37
C LYS A 43 6.51 -11.47 12.99
N VAL A 44 5.91 -10.71 12.12
CA VAL A 44 5.56 -11.21 10.81
C VAL A 44 5.79 -10.15 9.75
N GLY A 45 6.52 -10.51 8.72
CA GLY A 45 6.82 -9.59 7.64
C GLY A 45 7.76 -8.50 8.10
N ARG A 46 8.85 -8.86 8.75
CA ARG A 46 9.79 -7.88 9.22
C ARG A 46 10.61 -7.33 8.07
N ILE A 47 10.51 -6.05 7.87
CA ILE A 47 11.21 -5.37 6.82
C ILE A 47 12.69 -5.28 7.13
N THR A 48 13.45 -5.89 6.26
CA THR A 48 14.88 -5.98 6.33
C THR A 48 15.59 -4.64 6.36
N THR A 49 15.25 -3.79 5.42
CA THR A 49 15.95 -2.52 5.28
C THR A 49 14.99 -1.41 4.89
N THR A 50 15.40 -0.19 5.08
CA THR A 50 14.66 0.98 4.72
C THR A 50 14.38 1.01 3.21
N GLU A 51 15.37 0.59 2.42
CA GLU A 51 15.21 0.48 0.96
C GLU A 51 14.07 -0.47 0.62
N ASP A 52 13.95 -1.51 1.42
CA ASP A 52 12.95 -2.53 1.24
C ASP A 52 11.62 -2.00 1.69
N PHE A 53 11.66 -1.27 2.76
CA PHE A 53 10.51 -0.59 3.32
C PHE A 53 9.90 0.34 2.24
N LYS A 54 10.76 1.13 1.63
CA LYS A 54 10.38 2.06 0.58
C LYS A 54 9.85 1.33 -0.63
N HIS A 55 10.50 0.24 -0.98
CA HIS A 55 10.12 -0.59 -2.11
C HIS A 55 8.73 -1.13 -1.88
N LEU A 56 8.53 -1.68 -0.73
CA LEU A 56 7.26 -2.26 -0.41
C LEU A 56 6.17 -1.20 -0.30
N ALA A 57 6.46 -0.05 0.32
CA ALA A 57 5.47 1.02 0.42
C ALA A 57 5.02 1.42 -0.98
N ARG A 58 5.98 1.43 -1.90
CA ARG A 58 5.70 1.73 -3.32
C ARG A 58 4.73 0.72 -3.88
N LYS A 59 5.15 -0.51 -3.80
CA LYS A 59 4.43 -1.67 -4.30
C LYS A 59 3.00 -1.73 -3.79
N LEU A 60 2.83 -1.57 -2.51
CA LEU A 60 1.53 -1.68 -1.88
C LEU A 60 0.61 -0.55 -2.24
N THR A 61 1.17 0.67 -2.25
CA THR A 61 0.39 1.84 -2.65
C THR A 61 -0.13 1.64 -4.03
N HIS A 62 0.72 1.07 -4.83
CA HIS A 62 0.42 0.85 -6.20
C HIS A 62 -0.59 -0.30 -6.37
N GLY A 63 -0.50 -1.32 -5.56
CA GLY A 63 -1.39 -2.46 -5.68
C GLY A 63 -2.83 -2.15 -5.31
N VAL A 64 -3.04 -1.40 -4.22
CA VAL A 64 -4.42 -1.04 -3.80
C VAL A 64 -5.02 -0.13 -4.84
N MET A 65 -4.16 0.69 -5.38
CA MET A 65 -4.47 1.65 -6.39
C MET A 65 -4.93 0.92 -7.65
N ASN A 66 -4.17 -0.11 -8.01
CA ASN A 66 -4.51 -0.96 -9.14
C ASN A 66 -5.80 -1.70 -8.91
N LYS A 67 -6.02 -2.19 -7.70
CA LYS A 67 -7.22 -2.94 -7.36
C LYS A 67 -8.45 -2.11 -7.59
N GLU A 68 -8.45 -0.92 -7.09
CA GLU A 68 -9.57 -0.13 -7.27
C GLU A 68 -9.67 0.44 -8.64
N LEU A 69 -8.59 0.84 -9.21
CA LEU A 69 -8.61 1.27 -10.60
C LEU A 69 -9.06 0.16 -11.57
N LYS A 70 -8.92 -1.09 -11.19
CA LYS A 70 -9.37 -2.18 -12.06
C LYS A 70 -10.82 -2.56 -11.76
N TYR A 71 -11.30 -2.30 -10.54
CA TYR A 71 -12.71 -2.61 -10.17
C TYR A 71 -13.63 -1.40 -10.33
N CYS A 72 -13.05 -0.25 -10.22
CA CYS A 72 -13.76 1.02 -10.28
C CYS A 72 -13.54 1.61 -11.63
N LYS A 73 -12.27 1.59 -12.05
CA LYS A 73 -11.80 2.05 -13.36
C LYS A 73 -11.79 3.56 -13.47
N ASN A 74 -12.83 4.17 -13.00
CA ASN A 74 -12.98 5.59 -12.98
C ASN A 74 -12.39 6.10 -11.67
N PRO A 75 -11.33 6.91 -11.74
CA PRO A 75 -10.66 7.43 -10.52
C PRO A 75 -11.42 8.47 -9.76
N GLU A 76 -12.63 8.61 -10.11
CA GLU A 76 -13.55 9.50 -9.46
C GLU A 76 -13.94 8.89 -8.09
N ASP A 77 -13.45 7.68 -7.89
CA ASP A 77 -13.68 6.90 -6.68
C ASP A 77 -12.36 6.70 -5.95
N LEU A 78 -11.29 6.97 -6.68
CA LEU A 78 -9.96 6.72 -6.24
C LEU A 78 -9.56 7.81 -5.28
N GLU A 79 -9.69 7.48 -4.07
CA GLU A 79 -9.47 8.34 -2.99
C GLU A 79 -8.94 7.51 -1.87
N CYS A 80 -8.06 8.04 -1.07
CA CYS A 80 -7.55 7.31 0.07
C CYS A 80 -8.54 7.52 1.18
N ASN A 81 -9.67 6.91 1.01
CA ASN A 81 -10.76 7.11 1.91
C ASN A 81 -10.79 5.98 2.89
N GLU A 82 -11.84 5.92 3.64
CA GLU A 82 -12.07 4.96 4.69
C GLU A 82 -12.03 3.54 4.13
N ASN A 83 -12.87 3.33 3.12
CA ASN A 83 -13.00 2.09 2.36
C ASN A 83 -11.64 1.69 1.92
N VAL A 84 -10.95 2.62 1.29
CA VAL A 84 -9.64 2.32 0.74
C VAL A 84 -8.64 1.98 1.83
N LYS A 85 -8.62 2.80 2.88
CA LYS A 85 -7.75 2.56 4.02
C LYS A 85 -7.97 1.20 4.59
N HIS A 86 -9.23 0.89 4.81
CA HIS A 86 -9.67 -0.39 5.37
C HIS A 86 -9.05 -1.54 4.57
N LYS A 87 -9.26 -1.46 3.27
CA LYS A 87 -8.79 -2.47 2.32
C LYS A 87 -7.30 -2.58 2.38
N THR A 88 -6.69 -1.47 2.53
CA THR A 88 -5.31 -1.34 2.43
C THR A 88 -4.60 -1.93 3.59
N LYS A 89 -4.85 -1.42 4.76
CA LYS A 89 -4.18 -1.91 5.92
C LYS A 89 -4.46 -3.38 6.18
N GLU A 90 -5.69 -3.82 5.88
CA GLU A 90 -6.00 -5.26 5.99
C GLU A 90 -5.29 -6.07 4.91
N TYR A 91 -5.15 -5.48 3.73
CA TYR A 91 -4.47 -6.14 2.63
C TYR A 91 -3.03 -6.27 2.99
N ILE A 92 -2.46 -5.17 3.47
CA ILE A 92 -1.08 -5.11 3.94
C ILE A 92 -0.80 -6.23 4.91
N LYS A 93 -1.61 -6.33 5.95
CA LYS A 93 -1.43 -7.39 6.95
C LYS A 93 -1.35 -8.71 6.25
N LYS A 94 -2.38 -9.00 5.48
CA LYS A 94 -2.49 -10.31 4.87
C LYS A 94 -1.34 -10.54 3.92
N TYR A 95 -0.95 -9.49 3.27
CA TYR A 95 0.10 -9.54 2.36
C TYR A 95 1.43 -9.87 3.04
N MET A 96 1.75 -9.17 4.09
CA MET A 96 2.99 -9.40 4.76
C MET A 96 3.04 -10.77 5.43
N GLN A 97 1.87 -11.36 5.63
CA GLN A 97 1.81 -12.70 6.22
C GLN A 97 2.43 -13.75 5.30
N LYS A 98 2.56 -13.43 4.02
CA LYS A 98 3.09 -14.38 3.07
C LYS A 98 4.61 -14.48 3.12
N PHE A 99 5.27 -13.41 3.55
CA PHE A 99 6.73 -13.40 3.60
C PHE A 99 7.23 -14.28 4.74
N GLY A 100 6.49 -14.30 5.81
CA GLY A 100 6.83 -15.09 6.93
C GLY A 100 7.36 -14.24 8.02
N ALA A 101 8.53 -14.54 8.45
CA ALA A 101 9.15 -13.81 9.52
C ALA A 101 9.72 -12.50 9.00
N VAL A 102 10.39 -12.57 7.87
CA VAL A 102 11.00 -11.42 7.28
C VAL A 102 10.47 -11.17 5.90
N TYR A 103 10.53 -9.92 5.52
CA TYR A 103 10.06 -9.46 4.27
C TYR A 103 11.08 -9.74 3.19
N LYS A 104 10.72 -10.62 2.32
CA LYS A 104 11.53 -11.02 1.22
C LYS A 104 10.77 -10.85 -0.11
N PRO A 105 10.85 -9.65 -0.71
CA PRO A 105 10.04 -9.27 -1.90
C PRO A 105 10.25 -10.17 -3.11
N LYS A 106 11.35 -10.86 -3.12
CA LYS A 106 11.68 -11.84 -4.13
C LYS A 106 10.59 -12.92 -4.27
N GLU A 107 9.77 -13.06 -3.27
CA GLU A 107 8.66 -13.99 -3.36
C GLU A 107 7.31 -13.28 -3.45
N ASP A 108 7.35 -11.96 -3.65
CA ASP A 108 6.14 -11.14 -3.74
C ASP A 108 5.24 -11.54 -4.91
N THR A 109 3.99 -11.18 -4.76
CA THR A 109 2.89 -11.44 -5.64
C THR A 109 3.06 -10.95 -7.09
N THR A 10 -14.78 16.74 -15.71
CA THR A 10 -13.70 16.01 -16.25
C THR A 10 -12.84 15.39 -15.17
N SER A 11 -13.18 14.20 -14.85
CA SER A 11 -12.52 13.39 -13.86
C SER A 11 -11.23 12.87 -14.40
N SER A 12 -11.08 12.96 -15.67
CA SER A 12 -9.89 12.61 -16.32
C SER A 12 -8.75 13.45 -15.74
N GLU A 13 -8.93 14.75 -15.75
CA GLU A 13 -7.95 15.66 -15.21
C GLU A 13 -8.06 15.81 -13.70
N LEU A 14 -9.28 15.70 -13.17
CA LEU A 14 -9.53 15.83 -11.72
C LEU A 14 -8.77 14.74 -11.00
N ALA A 15 -8.71 13.61 -11.65
CA ALA A 15 -8.09 12.47 -11.10
C ALA A 15 -6.60 12.48 -11.33
N LYS A 16 -6.14 13.38 -12.17
CA LYS A 16 -4.70 13.55 -12.32
C LYS A 16 -4.15 14.04 -10.99
N LYS A 17 -4.93 14.88 -10.34
CA LYS A 17 -4.60 15.34 -9.03
C LYS A 17 -5.00 14.28 -8.00
N SER A 18 -6.17 13.68 -8.15
CA SER A 18 -6.64 12.73 -7.16
C SER A 18 -5.77 11.48 -7.09
N LYS A 19 -5.20 11.02 -8.21
CA LYS A 19 -4.35 9.83 -8.15
C LYS A 19 -3.09 10.13 -7.40
N GLU A 20 -2.52 11.31 -7.62
CA GLU A 20 -1.31 11.65 -6.93
C GLU A 20 -1.57 11.95 -5.44
N VAL A 21 -2.69 12.61 -5.16
CA VAL A 21 -3.07 12.89 -3.77
C VAL A 21 -3.39 11.58 -3.06
N PHE A 22 -4.18 10.74 -3.70
CA PHE A 22 -4.55 9.45 -3.15
C PHE A 22 -3.32 8.62 -2.94
N ARG A 23 -2.50 8.51 -3.98
CA ARG A 23 -1.31 7.70 -3.87
C ARG A 23 -0.39 8.24 -2.78
N LYS A 24 -0.42 9.57 -2.55
CA LYS A 24 0.41 10.16 -1.52
C LYS A 24 -0.08 9.74 -0.14
N GLU A 25 -1.38 9.89 0.12
CA GLU A 25 -1.90 9.56 1.40
C GLU A 25 -1.96 8.08 1.64
N MET A 26 -2.10 7.34 0.58
CA MET A 26 -2.06 5.89 0.67
C MET A 26 -0.63 5.46 0.96
N SER A 27 0.34 6.13 0.33
CA SER A 27 1.74 5.87 0.60
C SER A 27 2.01 6.17 2.04
N GLN A 28 1.46 7.27 2.53
CA GLN A 28 1.67 7.68 3.93
C GLN A 28 1.02 6.71 4.88
N PHE A 29 -0.20 6.33 4.55
CA PHE A 29 -0.98 5.37 5.29
C PHE A 29 -0.25 4.03 5.34
N ILE A 30 0.17 3.57 4.19
CA ILE A 30 0.90 2.32 4.06
C ILE A 30 2.21 2.39 4.76
N VAL A 31 2.95 3.46 4.57
CA VAL A 31 4.19 3.69 5.30
C VAL A 31 3.95 3.52 6.80
N GLN A 32 2.91 4.16 7.30
CA GLN A 32 2.54 4.09 8.69
C GLN A 32 2.24 2.64 9.10
N CYS A 33 1.50 1.98 8.24
CA CYS A 33 1.11 0.60 8.43
C CYS A 33 2.31 -0.35 8.40
N LEU A 34 3.29 -0.03 7.56
CA LEU A 34 4.51 -0.81 7.43
C LEU A 34 5.52 -0.53 8.53
N ASN A 35 5.42 0.64 9.15
CA ASN A 35 6.27 0.97 10.30
C ASN A 35 6.49 -0.14 11.33
N PRO A 36 5.43 -0.83 11.84
CA PRO A 36 5.62 -1.94 12.80
C PRO A 36 6.36 -3.13 12.18
N TYR A 37 6.37 -3.18 10.86
CA TYR A 37 6.98 -4.28 10.16
C TYR A 37 8.46 -4.09 10.03
N ARG A 38 8.91 -2.87 10.03
CA ARG A 38 10.34 -2.60 9.85
C ARG A 38 11.06 -2.60 11.17
N LYS A 39 10.31 -2.84 12.21
CA LYS A 39 10.87 -2.93 13.55
C LYS A 39 11.57 -4.27 13.68
N PRO A 40 12.70 -4.36 14.38
CA PRO A 40 13.42 -5.63 14.56
C PRO A 40 12.65 -6.62 15.44
N ASP A 41 11.58 -6.15 16.05
CA ASP A 41 10.75 -6.93 16.89
C ASP A 41 9.46 -7.34 16.16
N CYS A 42 9.39 -6.99 14.89
CA CYS A 42 8.24 -7.33 14.05
C CYS A 42 7.96 -8.84 14.04
N LYS A 43 6.70 -9.18 14.23
CA LYS A 43 6.27 -10.57 14.29
C LYS A 43 6.26 -11.22 12.92
N VAL A 44 5.72 -10.53 11.96
CA VAL A 44 5.51 -11.10 10.64
C VAL A 44 5.77 -10.06 9.57
N GLY A 45 6.57 -10.44 8.60
CA GLY A 45 6.91 -9.57 7.52
C GLY A 45 7.85 -8.45 7.98
N ARG A 46 8.96 -8.80 8.63
CA ARG A 46 9.88 -7.79 9.08
C ARG A 46 10.66 -7.19 7.92
N ILE A 47 10.52 -5.91 7.74
CA ILE A 47 11.21 -5.19 6.71
C ILE A 47 12.64 -4.95 7.13
N THR A 48 13.55 -5.48 6.36
CA THR A 48 14.97 -5.40 6.61
C THR A 48 15.51 -3.98 6.50
N THR A 49 15.27 -3.35 5.38
CA THR A 49 15.93 -2.10 5.09
C THR A 49 14.91 -1.04 4.72
N THR A 50 15.30 0.19 4.89
CA THR A 50 14.53 1.33 4.50
C THR A 50 14.21 1.29 3.02
N GLU A 51 15.19 0.88 2.23
CA GLU A 51 15.03 0.73 0.80
C GLU A 51 13.94 -0.27 0.51
N ASP A 52 13.91 -1.32 1.31
CA ASP A 52 12.94 -2.38 1.17
C ASP A 52 11.59 -1.88 1.58
N PHE A 53 11.59 -1.13 2.65
CA PHE A 53 10.43 -0.50 3.19
C PHE A 53 9.77 0.41 2.12
N LYS A 54 10.58 1.26 1.54
CA LYS A 54 10.16 2.20 0.51
C LYS A 54 9.64 1.47 -0.72
N HIS A 55 10.32 0.41 -1.08
CA HIS A 55 9.99 -0.40 -2.26
C HIS A 55 8.63 -1.03 -2.08
N LEU A 56 8.43 -1.64 -0.95
CA LEU A 56 7.19 -2.29 -0.67
C LEU A 56 6.08 -1.29 -0.48
N ALA A 57 6.36 -0.18 0.22
CA ALA A 57 5.36 0.87 0.39
C ALA A 57 4.86 1.32 -0.99
N ARG A 58 5.78 1.38 -1.95
CA ARG A 58 5.44 1.73 -3.32
C ARG A 58 4.57 0.69 -3.92
N LYS A 59 4.95 -0.56 -3.71
CA LYS A 59 4.22 -1.65 -4.31
C LYS A 59 2.79 -1.70 -3.83
N LEU A 60 2.64 -1.62 -2.55
CA LEU A 60 1.35 -1.76 -1.92
C LEU A 60 0.44 -0.64 -2.29
N THR A 61 0.99 0.57 -2.25
CA THR A 61 0.25 1.75 -2.64
C THR A 61 -0.26 1.58 -4.04
N HIS A 62 0.61 1.09 -4.88
CA HIS A 62 0.25 1.02 -6.28
C HIS A 62 -0.69 -0.18 -6.54
N GLY A 63 -0.59 -1.22 -5.74
CA GLY A 63 -1.46 -2.36 -5.93
C GLY A 63 -2.88 -2.08 -5.50
N VAL A 64 -3.04 -1.35 -4.40
CA VAL A 64 -4.39 -0.97 -3.91
C VAL A 64 -5.03 -0.07 -4.95
N MET A 65 -4.18 0.75 -5.49
CA MET A 65 -4.51 1.71 -6.50
C MET A 65 -5.06 0.97 -7.73
N ASN A 66 -4.37 -0.06 -8.15
CA ASN A 66 -4.78 -0.90 -9.27
C ASN A 66 -6.10 -1.60 -8.99
N LYS A 67 -6.23 -2.14 -7.79
CA LYS A 67 -7.42 -2.87 -7.39
C LYS A 67 -8.65 -1.99 -7.44
N GLU A 68 -8.53 -0.80 -6.94
CA GLU A 68 -9.63 0.03 -6.98
C GLU A 68 -9.81 0.68 -8.31
N LEU A 69 -8.77 1.01 -9.00
CA LEU A 69 -8.92 1.49 -10.38
C LEU A 69 -9.55 0.44 -11.29
N LYS A 70 -9.45 -0.84 -10.95
CA LYS A 70 -10.10 -1.84 -11.74
C LYS A 70 -11.56 -2.00 -11.35
N TYR A 71 -11.85 -1.80 -10.06
CA TYR A 71 -13.24 -1.89 -9.59
C TYR A 71 -13.97 -0.56 -9.62
N CYS A 72 -13.21 0.47 -9.72
CA CYS A 72 -13.66 1.81 -9.86
C CYS A 72 -13.02 2.38 -11.11
N LYS A 73 -13.72 2.28 -12.20
CA LYS A 73 -13.23 2.74 -13.49
C LYS A 73 -13.29 4.25 -13.56
N ASN A 74 -13.87 4.81 -12.56
CA ASN A 74 -14.01 6.21 -12.45
C ASN A 74 -13.23 6.67 -11.23
N PRO A 75 -12.05 7.29 -11.42
CA PRO A 75 -11.18 7.74 -10.31
C PRO A 75 -11.67 8.91 -9.54
N GLU A 76 -12.84 9.31 -9.85
CA GLU A 76 -13.55 10.30 -9.10
C GLU A 76 -13.97 9.69 -7.75
N ASP A 77 -13.72 8.40 -7.63
CA ASP A 77 -14.02 7.61 -6.44
C ASP A 77 -12.70 7.06 -5.88
N LEU A 78 -11.61 7.41 -6.54
CA LEU A 78 -10.30 6.99 -6.17
C LEU A 78 -9.78 7.98 -5.13
N GLU A 79 -9.91 7.58 -3.93
CA GLU A 79 -9.61 8.37 -2.80
C GLU A 79 -9.04 7.46 -1.77
N CYS A 80 -8.13 7.95 -0.96
CA CYS A 80 -7.62 7.17 0.15
C CYS A 80 -8.60 7.34 1.29
N ASN A 81 -9.75 6.76 1.10
CA ASN A 81 -10.84 6.95 2.03
C ASN A 81 -10.84 5.80 3.01
N GLU A 82 -11.89 5.73 3.80
CA GLU A 82 -12.10 4.72 4.79
C GLU A 82 -12.05 3.31 4.20
N ASN A 83 -12.88 3.10 3.18
CA ASN A 83 -12.97 1.86 2.39
C ASN A 83 -11.62 1.50 1.94
N VAL A 84 -10.94 2.48 1.37
CA VAL A 84 -9.64 2.23 0.83
C VAL A 84 -8.65 1.85 1.92
N LYS A 85 -8.62 2.64 2.98
CA LYS A 85 -7.73 2.39 4.11
C LYS A 85 -7.94 1.01 4.66
N HIS A 86 -9.19 0.71 4.92
CA HIS A 86 -9.63 -0.55 5.50
C HIS A 86 -9.08 -1.71 4.67
N LYS A 87 -9.33 -1.60 3.41
CA LYS A 87 -8.94 -2.58 2.42
C LYS A 87 -7.43 -2.72 2.39
N THR A 88 -6.79 -1.63 2.53
CA THR A 88 -5.42 -1.53 2.39
C THR A 88 -4.71 -2.14 3.53
N LYS A 89 -4.93 -1.64 4.71
CA LYS A 89 -4.26 -2.19 5.86
C LYS A 89 -4.56 -3.69 6.07
N GLU A 90 -5.81 -4.10 5.73
CA GLU A 90 -6.13 -5.55 5.77
C GLU A 90 -5.32 -6.30 4.73
N TYR A 91 -5.17 -5.67 3.56
CA TYR A 91 -4.45 -6.25 2.45
C TYR A 91 -3.02 -6.37 2.83
N ILE A 92 -2.48 -5.29 3.35
CA ILE A 92 -1.09 -5.19 3.80
C ILE A 92 -0.73 -6.29 4.76
N LYS A 93 -1.51 -6.43 5.82
CA LYS A 93 -1.25 -7.47 6.79
C LYS A 93 -1.22 -8.80 6.08
N LYS A 94 -2.27 -9.07 5.33
CA LYS A 94 -2.43 -10.36 4.69
C LYS A 94 -1.32 -10.58 3.68
N TYR A 95 -0.91 -9.51 3.06
CA TYR A 95 0.11 -9.51 2.12
C TYR A 95 1.42 -9.91 2.79
N MET A 96 1.82 -9.19 3.81
CA MET A 96 3.08 -9.43 4.46
C MET A 96 3.17 -10.78 5.13
N GLN A 97 2.01 -11.40 5.35
CA GLN A 97 1.96 -12.75 5.90
C GLN A 97 2.62 -13.74 4.93
N LYS A 98 2.71 -13.35 3.67
CA LYS A 98 3.27 -14.20 2.65
C LYS A 98 4.79 -14.28 2.76
N PHE A 99 5.38 -13.33 3.47
CA PHE A 99 6.82 -13.30 3.64
C PHE A 99 7.26 -14.16 4.81
N GLY A 100 6.45 -14.23 5.81
CA GLY A 100 6.75 -15.02 6.96
C GLY A 100 7.34 -14.17 8.03
N ALA A 101 8.54 -14.45 8.37
CA ALA A 101 9.20 -13.73 9.42
C ALA A 101 9.82 -12.45 8.89
N VAL A 102 10.45 -12.52 7.73
CA VAL A 102 11.15 -11.36 7.20
C VAL A 102 10.57 -11.05 5.83
N TYR A 103 10.66 -9.80 5.45
CA TYR A 103 10.19 -9.34 4.19
C TYR A 103 11.21 -9.64 3.12
N LYS A 104 10.91 -10.63 2.37
CA LYS A 104 11.73 -11.08 1.27
C LYS A 104 10.98 -10.86 -0.05
N PRO A 105 11.16 -9.70 -0.70
CA PRO A 105 10.47 -9.39 -1.98
C PRO A 105 10.92 -10.31 -3.11
N LYS A 106 12.12 -10.85 -2.97
CA LYS A 106 12.63 -11.91 -3.87
C LYS A 106 11.72 -13.15 -3.84
N GLU A 107 10.92 -13.25 -2.82
CA GLU A 107 10.00 -14.34 -2.62
C GLU A 107 8.57 -13.80 -2.52
N ASP A 108 8.36 -12.62 -3.12
CA ASP A 108 7.09 -11.92 -3.12
C ASP A 108 6.09 -12.52 -4.13
N THR A 109 4.86 -12.07 -4.04
CA THR A 109 3.78 -12.57 -4.82
C THR A 109 4.00 -12.32 -6.32
N THR A 10 -14.40 16.66 -16.94
CA THR A 10 -13.17 16.07 -17.31
C THR A 10 -12.49 15.48 -16.09
N SER A 11 -12.88 14.28 -15.76
CA SER A 11 -12.36 13.54 -14.64
C SER A 11 -10.97 13.08 -14.90
N SER A 12 -10.57 13.20 -16.11
CA SER A 12 -9.31 12.84 -16.56
C SER A 12 -8.22 13.72 -15.90
N GLU A 13 -8.43 15.03 -15.90
CA GLU A 13 -7.46 15.96 -15.32
C GLU A 13 -7.59 15.99 -13.80
N LEU A 14 -8.82 15.80 -13.34
CA LEU A 14 -9.15 15.78 -11.93
C LEU A 14 -8.44 14.63 -11.28
N ALA A 15 -8.34 13.58 -12.04
CA ALA A 15 -7.73 12.38 -11.61
C ALA A 15 -6.25 12.46 -11.64
N LYS A 16 -5.69 13.29 -12.50
CA LYS A 16 -4.26 13.48 -12.54
C LYS A 16 -3.81 14.00 -11.18
N LYS A 17 -4.67 14.81 -10.60
CA LYS A 17 -4.47 15.31 -9.26
C LYS A 17 -4.91 14.28 -8.20
N SER A 18 -6.06 13.62 -8.41
CA SER A 18 -6.60 12.74 -7.38
C SER A 18 -5.72 11.55 -7.13
N LYS A 19 -5.25 10.94 -8.19
CA LYS A 19 -4.34 9.80 -8.14
C LYS A 19 -3.11 10.12 -7.34
N GLU A 20 -2.64 11.34 -7.45
CA GLU A 20 -1.44 11.74 -6.74
C GLU A 20 -1.73 11.97 -5.30
N VAL A 21 -2.79 12.69 -5.03
CA VAL A 21 -3.19 12.95 -3.66
C VAL A 21 -3.52 11.62 -3.00
N PHE A 22 -4.18 10.76 -3.75
CA PHE A 22 -4.59 9.47 -3.28
C PHE A 22 -3.38 8.62 -2.98
N ARG A 23 -2.49 8.51 -3.98
CA ARG A 23 -1.30 7.72 -3.79
C ARG A 23 -0.47 8.24 -2.63
N LYS A 24 -0.53 9.55 -2.34
CA LYS A 24 0.21 10.09 -1.24
C LYS A 24 -0.35 9.69 0.09
N GLU A 25 -1.68 9.74 0.21
CA GLU A 25 -2.36 9.39 1.45
C GLU A 25 -2.13 7.95 1.71
N MET A 26 -2.31 7.19 0.68
CA MET A 26 -2.17 5.76 0.76
C MET A 26 -0.73 5.36 1.03
N SER A 27 0.23 6.06 0.42
CA SER A 27 1.63 5.78 0.66
C SER A 27 1.92 6.02 2.10
N GLN A 28 1.37 7.10 2.63
CA GLN A 28 1.71 7.48 4.00
C GLN A 28 1.05 6.54 4.96
N PHE A 29 -0.15 6.21 4.62
CA PHE A 29 -0.96 5.25 5.34
C PHE A 29 -0.27 3.89 5.36
N ILE A 30 0.11 3.42 4.20
CA ILE A 30 0.81 2.16 4.06
C ILE A 30 2.14 2.21 4.76
N VAL A 31 2.84 3.30 4.62
CA VAL A 31 4.07 3.51 5.38
C VAL A 31 3.80 3.35 6.87
N GLN A 32 2.76 4.00 7.37
CA GLN A 32 2.39 3.94 8.78
C GLN A 32 2.10 2.49 9.16
N CYS A 33 1.41 1.81 8.28
CA CYS A 33 1.05 0.41 8.43
C CYS A 33 2.26 -0.51 8.39
N LEU A 34 3.23 -0.19 7.56
CA LEU A 34 4.46 -0.98 7.45
C LEU A 34 5.46 -0.65 8.55
N ASN A 35 5.33 0.53 9.15
CA ASN A 35 6.14 0.91 10.31
C ASN A 35 6.39 -0.17 11.37
N PRO A 36 5.35 -0.89 11.87
CA PRO A 36 5.55 -1.97 12.85
C PRO A 36 6.29 -3.18 12.27
N TYR A 37 6.43 -3.21 10.96
CA TYR A 37 7.10 -4.30 10.30
C TYR A 37 8.56 -4.03 10.14
N ARG A 38 8.93 -2.77 10.13
CA ARG A 38 10.35 -2.44 9.98
C ARG A 38 11.03 -2.40 11.32
N LYS A 39 10.26 -2.61 12.35
CA LYS A 39 10.77 -2.67 13.70
C LYS A 39 11.53 -3.99 13.84
N PRO A 40 12.67 -4.02 14.55
CA PRO A 40 13.47 -5.25 14.72
C PRO A 40 12.75 -6.33 15.52
N ASP A 41 11.63 -5.95 16.10
CA ASP A 41 10.81 -6.80 16.93
C ASP A 41 9.67 -7.43 16.11
N CYS A 42 9.62 -7.10 14.84
CA CYS A 42 8.59 -7.60 13.98
C CYS A 42 8.76 -9.10 13.74
N LYS A 43 7.72 -9.83 14.02
CA LYS A 43 7.69 -11.26 13.91
C LYS A 43 7.37 -11.69 12.49
N VAL A 44 6.51 -10.95 11.84
CA VAL A 44 6.04 -11.35 10.54
C VAL A 44 6.21 -10.24 9.52
N GLY A 45 6.90 -10.55 8.46
CA GLY A 45 7.13 -9.60 7.40
C GLY A 45 8.01 -8.46 7.84
N ARG A 46 9.05 -8.76 8.62
CA ARG A 46 9.94 -7.74 9.10
C ARG A 46 10.74 -7.18 7.96
N ILE A 47 10.62 -5.91 7.78
CA ILE A 47 11.29 -5.21 6.73
C ILE A 47 12.76 -5.05 7.01
N THR A 48 13.53 -5.59 6.11
CA THR A 48 14.96 -5.63 6.14
C THR A 48 15.61 -4.27 6.01
N THR A 49 15.26 -3.54 4.99
CA THR A 49 15.92 -2.30 4.71
C THR A 49 14.88 -1.21 4.56
N THR A 50 15.26 0.00 4.82
CA THR A 50 14.43 1.15 4.61
C THR A 50 14.06 1.25 3.11
N GLU A 51 15.02 0.89 2.25
CA GLU A 51 14.80 0.84 0.81
C GLU A 51 13.78 -0.20 0.46
N ASP A 52 13.79 -1.28 1.19
CA ASP A 52 12.84 -2.36 0.99
C ASP A 52 11.50 -1.90 1.46
N PHE A 53 11.49 -1.20 2.58
CA PHE A 53 10.30 -0.60 3.16
C PHE A 53 9.63 0.32 2.12
N LYS A 54 10.42 1.24 1.60
CA LYS A 54 10.00 2.22 0.60
C LYS A 54 9.48 1.54 -0.67
N HIS A 55 10.16 0.49 -1.08
CA HIS A 55 9.82 -0.29 -2.27
C HIS A 55 8.46 -0.94 -2.07
N LEU A 56 8.30 -1.58 -0.95
CA LEU A 56 7.09 -2.26 -0.64
C LEU A 56 5.95 -1.28 -0.49
N ALA A 57 6.16 -0.21 0.30
CA ALA A 57 5.13 0.77 0.56
C ALA A 57 4.59 1.33 -0.74
N ARG A 58 5.49 1.60 -1.67
CA ARG A 58 5.07 2.17 -2.93
C ARG A 58 4.34 1.12 -3.79
N LYS A 59 4.82 -0.12 -3.76
CA LYS A 59 4.18 -1.19 -4.52
C LYS A 59 2.77 -1.47 -4.01
N LEU A 60 2.62 -1.51 -2.69
CA LEU A 60 1.32 -1.79 -2.06
C LEU A 60 0.35 -0.69 -2.38
N THR A 61 0.87 0.55 -2.34
CA THR A 61 0.08 1.71 -2.72
C THR A 61 -0.41 1.52 -4.12
N HIS A 62 0.47 1.04 -4.94
CA HIS A 62 0.19 0.88 -6.35
C HIS A 62 -0.82 -0.25 -6.60
N GLY A 63 -0.76 -1.31 -5.81
CA GLY A 63 -1.66 -2.42 -6.00
C GLY A 63 -3.08 -2.13 -5.53
N VAL A 64 -3.22 -1.42 -4.40
CA VAL A 64 -4.56 -1.07 -3.90
C VAL A 64 -5.22 -0.12 -4.90
N MET A 65 -4.37 0.76 -5.39
CA MET A 65 -4.73 1.79 -6.34
C MET A 65 -5.27 1.18 -7.61
N ASN A 66 -4.51 0.26 -8.15
CA ASN A 66 -4.86 -0.42 -9.37
C ASN A 66 -6.10 -1.28 -9.23
N LYS A 67 -6.27 -1.92 -8.10
CA LYS A 67 -7.44 -2.73 -7.89
C LYS A 67 -8.69 -1.90 -7.76
N GLU A 68 -8.63 -0.77 -7.12
CA GLU A 68 -9.79 0.01 -7.06
C GLU A 68 -10.03 0.73 -8.35
N LEU A 69 -9.00 1.18 -9.01
CA LEU A 69 -9.15 1.74 -10.35
C LEU A 69 -9.80 0.76 -11.31
N LYS A 70 -9.56 -0.54 -11.13
CA LYS A 70 -10.17 -1.53 -12.00
C LYS A 70 -11.60 -1.84 -11.57
N TYR A 71 -11.89 -1.68 -10.28
CA TYR A 71 -13.24 -1.95 -9.77
C TYR A 71 -14.14 -0.72 -9.80
N CYS A 72 -13.54 0.44 -9.69
CA CYS A 72 -14.24 1.69 -9.69
C CYS A 72 -14.43 2.21 -11.10
N LYS A 73 -13.34 2.23 -11.89
CA LYS A 73 -13.33 2.77 -13.28
C LYS A 73 -13.48 4.31 -13.31
N ASN A 74 -13.62 4.89 -12.13
CA ASN A 74 -13.82 6.32 -11.97
C ASN A 74 -12.86 6.83 -10.90
N PRO A 75 -11.81 7.55 -11.26
CA PRO A 75 -10.88 8.10 -10.27
C PRO A 75 -11.38 9.26 -9.46
N GLU A 76 -12.50 9.79 -9.82
CA GLU A 76 -13.18 10.75 -8.96
C GLU A 76 -13.80 9.96 -7.78
N ASP A 77 -13.64 8.66 -7.83
CA ASP A 77 -14.09 7.77 -6.80
C ASP A 77 -12.85 7.13 -6.18
N LEU A 78 -11.69 7.57 -6.65
CA LEU A 78 -10.44 7.12 -6.18
C LEU A 78 -9.97 8.11 -5.11
N GLU A 79 -10.13 7.69 -3.92
CA GLU A 79 -9.86 8.42 -2.74
C GLU A 79 -9.21 7.46 -1.79
N CYS A 80 -8.37 7.94 -0.93
CA CYS A 80 -7.85 7.11 0.10
C CYS A 80 -8.79 7.25 1.25
N ASN A 81 -9.93 6.62 1.09
CA ASN A 81 -10.97 6.75 2.05
C ASN A 81 -10.90 5.62 3.01
N GLU A 82 -11.83 5.63 3.89
CA GLU A 82 -12.02 4.67 4.92
C GLU A 82 -12.00 3.23 4.37
N ASN A 83 -12.86 3.00 3.41
CA ASN A 83 -13.01 1.73 2.70
C ASN A 83 -11.70 1.35 2.14
N VAL A 84 -11.06 2.32 1.48
CA VAL A 84 -9.76 2.05 0.89
C VAL A 84 -8.76 1.65 1.95
N LYS A 85 -8.69 2.46 2.99
CA LYS A 85 -7.76 2.23 4.10
C LYS A 85 -7.98 0.87 4.69
N HIS A 86 -9.22 0.55 4.92
CA HIS A 86 -9.67 -0.71 5.52
C HIS A 86 -9.08 -1.87 4.73
N LYS A 87 -9.32 -1.83 3.44
CA LYS A 87 -8.89 -2.90 2.56
C LYS A 87 -7.40 -2.94 2.45
N THR A 88 -6.80 -1.81 2.60
CA THR A 88 -5.44 -1.66 2.45
C THR A 88 -4.70 -2.24 3.59
N LYS A 89 -4.95 -1.75 4.77
CA LYS A 89 -4.26 -2.26 5.92
C LYS A 89 -4.54 -3.74 6.17
N GLU A 90 -5.76 -4.19 5.86
CA GLU A 90 -6.09 -5.63 5.97
C GLU A 90 -5.32 -6.43 4.91
N TYR A 91 -5.18 -5.82 3.72
CA TYR A 91 -4.45 -6.45 2.63
C TYR A 91 -3.02 -6.55 3.04
N ILE A 92 -2.49 -5.44 3.52
CA ILE A 92 -1.12 -5.35 4.02
C ILE A 92 -0.82 -6.44 5.02
N LYS A 93 -1.65 -6.59 6.04
CA LYS A 93 -1.47 -7.63 7.03
C LYS A 93 -1.30 -8.95 6.32
N LYS A 94 -2.28 -9.29 5.52
CA LYS A 94 -2.34 -10.60 4.93
C LYS A 94 -1.19 -10.78 3.98
N TYR A 95 -0.81 -9.71 3.34
CA TYR A 95 0.26 -9.72 2.44
C TYR A 95 1.58 -10.02 3.15
N MET A 96 1.87 -9.28 4.20
CA MET A 96 3.11 -9.43 4.93
C MET A 96 3.24 -10.82 5.53
N GLN A 97 2.10 -11.44 5.80
CA GLN A 97 2.07 -12.78 6.37
C GLN A 97 2.75 -13.80 5.46
N LYS A 98 2.77 -13.51 4.17
CA LYS A 98 3.29 -14.46 3.21
C LYS A 98 4.82 -14.51 3.23
N PHE A 99 5.45 -13.44 3.69
CA PHE A 99 6.91 -13.37 3.71
C PHE A 99 7.49 -14.26 4.80
N GLY A 100 6.82 -14.31 5.92
CA GLY A 100 7.28 -15.09 6.99
C GLY A 100 7.84 -14.21 8.03
N ALA A 101 9.04 -14.44 8.40
CA ALA A 101 9.69 -13.66 9.42
C ALA A 101 10.17 -12.35 8.84
N VAL A 102 10.80 -12.41 7.70
CA VAL A 102 11.33 -11.24 7.08
C VAL A 102 10.73 -10.99 5.72
N TYR A 103 10.67 -9.74 5.39
CA TYR A 103 10.15 -9.28 4.16
C TYR A 103 11.20 -9.49 3.07
N LYS A 104 10.88 -10.41 2.22
CA LYS A 104 11.69 -10.79 1.12
C LYS A 104 10.93 -10.58 -0.21
N PRO A 105 11.01 -9.36 -0.79
CA PRO A 105 10.22 -8.97 -1.99
C PRO A 105 10.56 -9.80 -3.22
N LYS A 106 11.77 -10.31 -3.27
CA LYS A 106 12.17 -11.25 -4.31
C LYS A 106 11.31 -12.54 -4.26
N GLU A 107 10.65 -12.74 -3.14
CA GLU A 107 9.80 -13.88 -2.88
C GLU A 107 8.41 -13.36 -2.50
N ASP A 108 8.03 -12.23 -3.09
CA ASP A 108 6.73 -11.61 -2.90
C ASP A 108 5.62 -12.50 -3.52
N THR A 109 4.41 -12.06 -3.54
CA THR A 109 3.32 -12.87 -4.02
C THR A 109 3.33 -12.87 -5.54
N THR A 10 -15.26 16.29 -16.02
CA THR A 10 -14.00 15.91 -16.66
C THR A 10 -13.03 15.28 -15.64
N SER A 11 -13.30 14.05 -15.33
CA SER A 11 -12.62 13.31 -14.27
C SER A 11 -11.28 12.81 -14.71
N SER A 12 -11.01 12.96 -15.93
CA SER A 12 -9.76 12.60 -16.43
C SER A 12 -8.70 13.53 -15.83
N GLU A 13 -8.94 14.82 -15.92
CA GLU A 13 -8.07 15.85 -15.38
C GLU A 13 -8.28 16.09 -13.89
N LEU A 14 -9.54 16.06 -13.45
CA LEU A 14 -9.92 16.28 -12.04
C LEU A 14 -9.18 15.30 -11.16
N ALA A 15 -9.12 14.11 -11.66
CA ALA A 15 -8.58 13.03 -10.95
C ALA A 15 -7.11 12.86 -11.20
N LYS A 16 -6.58 13.64 -12.13
CA LYS A 16 -5.14 13.64 -12.40
C LYS A 16 -4.44 14.12 -11.12
N LYS A 17 -5.10 15.04 -10.46
CA LYS A 17 -4.65 15.55 -9.19
C LYS A 17 -5.04 14.58 -8.09
N SER A 18 -6.27 14.07 -8.15
CA SER A 18 -6.80 13.17 -7.13
C SER A 18 -5.95 11.89 -6.98
N LYS A 19 -5.39 11.36 -8.07
CA LYS A 19 -4.56 10.15 -8.00
C LYS A 19 -3.29 10.45 -7.25
N GLU A 20 -2.84 11.67 -7.34
CA GLU A 20 -1.64 12.10 -6.65
C GLU A 20 -1.94 12.36 -5.22
N VAL A 21 -3.04 13.03 -4.98
CA VAL A 21 -3.51 13.30 -3.64
C VAL A 21 -3.70 11.97 -2.94
N PHE A 22 -4.32 11.04 -3.66
CA PHE A 22 -4.61 9.72 -3.15
C PHE A 22 -3.34 8.97 -2.90
N ARG A 23 -2.48 8.87 -3.93
CA ARG A 23 -1.25 8.13 -3.76
C ARG A 23 -0.38 8.72 -2.65
N LYS A 24 -0.49 10.02 -2.40
CA LYS A 24 0.26 10.65 -1.33
C LYS A 24 -0.27 10.21 0.02
N GLU A 25 -1.58 10.28 0.22
CA GLU A 25 -2.11 9.93 1.48
C GLU A 25 -2.15 8.47 1.70
N MET A 26 -2.25 7.74 0.65
CA MET A 26 -2.27 6.34 0.78
C MET A 26 -0.87 5.80 1.04
N SER A 27 0.13 6.39 0.40
CA SER A 27 1.47 5.99 0.65
C SER A 27 1.84 6.28 2.04
N GLN A 28 1.41 7.43 2.53
CA GLN A 28 1.74 7.83 3.89
C GLN A 28 1.05 6.89 4.88
N PHE A 29 -0.16 6.55 4.54
CA PHE A 29 -0.96 5.58 5.29
C PHE A 29 -0.27 4.22 5.32
N ILE A 30 0.07 3.72 4.15
CA ILE A 30 0.73 2.43 4.00
C ILE A 30 2.08 2.42 4.66
N VAL A 31 2.84 3.48 4.44
CA VAL A 31 4.10 3.67 5.12
C VAL A 31 3.93 3.53 6.62
N GLN A 32 2.92 4.20 7.16
CA GLN A 32 2.61 4.15 8.57
C GLN A 32 2.27 2.72 8.99
N CYS A 33 1.54 2.04 8.13
CA CYS A 33 1.15 0.66 8.34
C CYS A 33 2.33 -0.28 8.33
N LEU A 34 3.31 0.01 7.48
CA LEU A 34 4.54 -0.77 7.40
C LEU A 34 5.53 -0.42 8.49
N ASN A 35 5.38 0.77 9.07
CA ASN A 35 6.21 1.20 10.25
C ASN A 35 6.48 0.09 11.29
N PRO A 36 5.44 -0.63 11.80
CA PRO A 36 5.67 -1.70 12.77
C PRO A 36 6.39 -2.92 12.18
N TYR A 37 6.43 -3.00 10.88
CA TYR A 37 7.03 -4.14 10.22
C TYR A 37 8.52 -3.95 10.06
N ARG A 38 8.95 -2.72 9.98
CA ARG A 38 10.38 -2.44 9.80
C ARG A 38 11.09 -2.43 11.14
N LYS A 39 10.34 -2.66 12.18
CA LYS A 39 10.90 -2.78 13.50
C LYS A 39 11.53 -4.14 13.57
N PRO A 40 12.75 -4.25 14.10
CA PRO A 40 13.49 -5.53 14.16
C PRO A 40 12.78 -6.61 14.99
N ASP A 41 11.78 -6.22 15.74
CA ASP A 41 11.09 -7.10 16.64
C ASP A 41 9.76 -7.60 16.00
N CYS A 42 9.53 -7.17 14.74
CA CYS A 42 8.33 -7.56 14.02
C CYS A 42 8.32 -9.08 13.84
N LYS A 43 7.19 -9.67 14.11
CA LYS A 43 7.07 -11.11 14.10
C LYS A 43 6.76 -11.62 12.71
N VAL A 44 6.05 -10.84 11.95
CA VAL A 44 5.64 -11.26 10.62
C VAL A 44 5.90 -10.16 9.58
N GLY A 45 6.66 -10.50 8.57
CA GLY A 45 6.99 -9.57 7.52
C GLY A 45 7.88 -8.45 8.01
N ARG A 46 8.95 -8.78 8.72
CA ARG A 46 9.85 -7.77 9.24
C ARG A 46 10.65 -7.19 8.09
N ILE A 47 10.51 -5.92 7.89
CA ILE A 47 11.20 -5.25 6.82
C ILE A 47 12.65 -5.06 7.15
N THR A 48 13.46 -5.66 6.34
CA THR A 48 14.88 -5.69 6.45
C THR A 48 15.51 -4.32 6.45
N THR A 49 15.29 -3.60 5.41
CA THR A 49 15.98 -2.37 5.24
C THR A 49 15.04 -1.30 4.73
N THR A 50 15.42 -0.06 4.89
CA THR A 50 14.64 1.09 4.50
C THR A 50 14.29 1.09 3.01
N GLU A 51 15.24 0.74 2.18
CA GLU A 51 15.02 0.66 0.75
C GLU A 51 14.00 -0.41 0.43
N ASP A 52 13.98 -1.47 1.24
CA ASP A 52 13.02 -2.54 1.08
C ASP A 52 11.66 -2.06 1.49
N PHE A 53 11.66 -1.32 2.57
CA PHE A 53 10.47 -0.70 3.11
C PHE A 53 9.84 0.20 2.03
N LYS A 54 10.67 1.03 1.43
CA LYS A 54 10.26 1.97 0.40
C LYS A 54 9.74 1.25 -0.82
N HIS A 55 10.42 0.18 -1.21
CA HIS A 55 10.08 -0.66 -2.36
C HIS A 55 8.68 -1.23 -2.16
N LEU A 56 8.49 -1.81 -1.02
CA LEU A 56 7.26 -2.44 -0.69
C LEU A 56 6.15 -1.42 -0.55
N ALA A 57 6.39 -0.32 0.20
CA ALA A 57 5.37 0.71 0.41
C ALA A 57 4.86 1.23 -0.93
N ARG A 58 5.78 1.39 -1.86
CA ARG A 58 5.43 1.85 -3.22
C ARG A 58 4.51 0.84 -3.88
N LYS A 59 4.94 -0.42 -3.87
CA LYS A 59 4.19 -1.48 -4.51
C LYS A 59 2.77 -1.63 -3.94
N LEU A 60 2.64 -1.54 -2.64
CA LEU A 60 1.35 -1.72 -1.98
C LEU A 60 0.43 -0.57 -2.28
N THR A 61 0.98 0.64 -2.24
CA THR A 61 0.22 1.84 -2.58
C THR A 61 -0.32 1.70 -3.97
N HIS A 62 0.50 1.19 -4.83
CA HIS A 62 0.13 1.08 -6.21
C HIS A 62 -0.83 -0.11 -6.46
N GLY A 63 -0.73 -1.15 -5.63
CA GLY A 63 -1.58 -2.32 -5.81
C GLY A 63 -3.02 -2.05 -5.42
N VAL A 64 -3.21 -1.28 -4.35
CA VAL A 64 -4.55 -0.91 -3.89
C VAL A 64 -5.16 0.06 -4.91
N MET A 65 -4.28 0.90 -5.42
CA MET A 65 -4.60 1.90 -6.42
C MET A 65 -5.10 1.21 -7.68
N ASN A 66 -4.36 0.20 -8.11
CA ASN A 66 -4.72 -0.59 -9.28
C ASN A 66 -6.00 -1.35 -9.06
N LYS A 67 -6.20 -1.85 -7.85
CA LYS A 67 -7.40 -2.60 -7.48
C LYS A 67 -8.63 -1.75 -7.67
N GLU A 68 -8.60 -0.57 -7.13
CA GLU A 68 -9.74 0.25 -7.23
C GLU A 68 -9.89 0.85 -8.58
N LEU A 69 -8.82 1.27 -9.19
CA LEU A 69 -8.92 1.77 -10.57
C LEU A 69 -9.43 0.69 -11.55
N LYS A 70 -9.21 -0.58 -11.24
CA LYS A 70 -9.71 -1.63 -12.11
C LYS A 70 -11.18 -1.93 -11.85
N TYR A 71 -11.61 -1.76 -10.60
CA TYR A 71 -13.00 -2.04 -10.23
C TYR A 71 -13.90 -0.81 -10.13
N CYS A 72 -13.30 0.34 -10.05
CA CYS A 72 -14.02 1.61 -10.01
C CYS A 72 -14.00 2.22 -11.39
N LYS A 73 -12.93 1.89 -12.13
CA LYS A 73 -12.67 2.32 -13.50
C LYS A 73 -12.34 3.81 -13.60
N ASN A 74 -13.12 4.62 -12.97
CA ASN A 74 -12.89 6.05 -12.97
C ASN A 74 -12.45 6.52 -11.61
N PRO A 75 -11.37 7.30 -11.58
CA PRO A 75 -10.77 7.81 -10.33
C PRO A 75 -11.57 8.86 -9.58
N GLU A 76 -12.77 9.06 -9.99
CA GLU A 76 -13.68 9.97 -9.33
C GLU A 76 -14.16 9.29 -8.02
N ASP A 77 -13.70 8.07 -7.84
CA ASP A 77 -14.04 7.25 -6.69
C ASP A 77 -12.75 6.82 -5.99
N LEU A 78 -11.64 7.26 -6.55
CA LEU A 78 -10.32 6.93 -6.10
C LEU A 78 -9.94 7.96 -5.05
N GLU A 79 -9.99 7.55 -3.87
CA GLU A 79 -9.74 8.36 -2.76
C GLU A 79 -9.12 7.51 -1.69
N CYS A 80 -8.25 8.07 -0.91
CA CYS A 80 -7.68 7.38 0.22
C CYS A 80 -8.67 7.48 1.34
N ASN A 81 -9.75 6.78 1.18
CA ASN A 81 -10.78 6.90 2.15
C ASN A 81 -10.71 5.74 3.08
N GLU A 82 -11.60 5.76 4.00
CA GLU A 82 -11.80 4.76 5.01
C GLU A 82 -11.86 3.33 4.46
N ASN A 83 -12.72 3.15 3.49
CA ASN A 83 -12.86 1.89 2.76
C ASN A 83 -11.54 1.49 2.22
N VAL A 84 -10.88 2.44 1.55
CA VAL A 84 -9.58 2.17 0.95
C VAL A 84 -8.56 1.81 2.04
N LYS A 85 -8.54 2.61 3.10
CA LYS A 85 -7.64 2.40 4.25
C LYS A 85 -7.83 1.04 4.82
N HIS A 86 -9.07 0.73 5.08
CA HIS A 86 -9.48 -0.53 5.69
C HIS A 86 -8.94 -1.69 4.87
N LYS A 87 -9.23 -1.66 3.61
CA LYS A 87 -8.85 -2.76 2.71
C LYS A 87 -7.37 -2.86 2.58
N THR A 88 -6.72 -1.76 2.73
CA THR A 88 -5.36 -1.66 2.57
C THR A 88 -4.62 -2.27 3.69
N LYS A 89 -4.83 -1.81 4.87
CA LYS A 89 -4.12 -2.36 5.98
C LYS A 89 -4.46 -3.83 6.20
N GLU A 90 -5.71 -4.20 5.86
CA GLU A 90 -6.10 -5.62 5.86
C GLU A 90 -5.31 -6.39 4.80
N TYR A 91 -5.14 -5.77 3.64
CA TYR A 91 -4.42 -6.37 2.53
C TYR A 91 -2.97 -6.50 2.92
N ILE A 92 -2.42 -5.42 3.44
CA ILE A 92 -1.05 -5.38 3.94
C ILE A 92 -0.78 -6.50 4.89
N LYS A 93 -1.59 -6.65 5.91
CA LYS A 93 -1.38 -7.70 6.87
C LYS A 93 -1.34 -9.03 6.17
N LYS A 94 -2.36 -9.29 5.38
CA LYS A 94 -2.50 -10.58 4.74
C LYS A 94 -1.37 -10.81 3.75
N TYR A 95 -0.89 -9.73 3.18
CA TYR A 95 0.20 -9.77 2.30
C TYR A 95 1.48 -10.13 3.05
N MET A 96 1.80 -9.39 4.10
CA MET A 96 3.02 -9.62 4.85
C MET A 96 3.08 -11.04 5.43
N GLN A 97 1.91 -11.66 5.59
CA GLN A 97 1.84 -13.03 6.12
C GLN A 97 2.53 -14.03 5.19
N LYS A 98 2.71 -13.66 3.94
CA LYS A 98 3.30 -14.56 2.96
C LYS A 98 4.83 -14.59 3.06
N PHE A 99 5.41 -13.55 3.65
CA PHE A 99 6.86 -13.51 3.79
C PHE A 99 7.33 -14.36 4.94
N GLY A 100 6.53 -14.40 5.97
CA GLY A 100 6.86 -15.16 7.12
C GLY A 100 7.37 -14.25 8.17
N ALA A 101 8.53 -14.53 8.66
CA ALA A 101 9.11 -13.74 9.71
C ALA A 101 9.74 -12.45 9.17
N VAL A 102 10.42 -12.54 8.04
CA VAL A 102 11.12 -11.39 7.52
C VAL A 102 10.61 -11.12 6.12
N TYR A 103 10.74 -9.91 5.69
CA TYR A 103 10.28 -9.48 4.42
C TYR A 103 11.33 -9.76 3.37
N LYS A 104 11.11 -10.80 2.66
CA LYS A 104 11.93 -11.18 1.54
C LYS A 104 11.10 -11.07 0.25
N PRO A 105 11.15 -9.89 -0.43
CA PRO A 105 10.35 -9.63 -1.66
C PRO A 105 10.68 -10.58 -2.79
N LYS A 106 11.86 -11.15 -2.73
CA LYS A 106 12.27 -12.22 -3.66
C LYS A 106 11.32 -13.42 -3.58
N GLU A 107 10.59 -13.50 -2.49
CA GLU A 107 9.63 -14.55 -2.24
C GLU A 107 8.22 -14.04 -2.50
N ASP A 108 8.10 -12.80 -2.97
CA ASP A 108 6.82 -12.18 -3.15
C ASP A 108 6.14 -12.68 -4.45
N THR A 109 4.91 -12.32 -4.62
CA THR A 109 4.07 -12.73 -5.68
C THR A 109 4.37 -11.97 -6.97
N THR A 10 -15.00 16.27 -15.19
CA THR A 10 -13.65 16.46 -15.73
C THR A 10 -12.68 15.57 -14.95
N SER A 11 -13.16 14.38 -14.68
CA SER A 11 -12.53 13.39 -13.83
C SER A 11 -11.38 12.72 -14.49
N SER A 12 -11.16 13.09 -15.67
CA SER A 12 -10.04 12.67 -16.33
C SER A 12 -8.86 13.51 -15.81
N GLU A 13 -9.02 14.82 -15.86
CA GLU A 13 -8.01 15.74 -15.41
C GLU A 13 -8.02 15.93 -13.88
N LEU A 14 -9.21 15.91 -13.28
CA LEU A 14 -9.39 16.11 -11.84
C LEU A 14 -8.68 15.02 -11.10
N ALA A 15 -8.78 13.87 -11.67
CA ALA A 15 -8.22 12.71 -11.09
C ALA A 15 -6.74 12.63 -11.34
N LYS A 16 -6.23 13.44 -12.27
CA LYS A 16 -4.80 13.54 -12.48
C LYS A 16 -4.18 14.04 -11.19
N LYS A 17 -4.89 14.93 -10.53
CA LYS A 17 -4.48 15.39 -9.24
C LYS A 17 -4.87 14.38 -8.18
N SER A 18 -6.11 13.89 -8.26
CA SER A 18 -6.66 13.05 -7.22
C SER A 18 -5.89 11.72 -7.02
N LYS A 19 -5.34 11.14 -8.09
CA LYS A 19 -4.59 9.88 -7.96
C LYS A 19 -3.29 10.12 -7.26
N GLU A 20 -2.75 11.29 -7.45
CA GLU A 20 -1.47 11.64 -6.88
C GLU A 20 -1.65 12.03 -5.44
N VAL A 21 -2.72 12.74 -5.17
CA VAL A 21 -3.09 13.08 -3.82
C VAL A 21 -3.44 11.79 -3.09
N PHE A 22 -4.14 10.90 -3.77
CA PHE A 22 -4.53 9.60 -3.20
C PHE A 22 -3.29 8.80 -2.91
N ARG A 23 -2.44 8.66 -3.91
CA ARG A 23 -1.22 7.93 -3.73
C ARG A 23 -0.34 8.57 -2.65
N LYS A 24 -0.48 9.88 -2.45
CA LYS A 24 0.26 10.54 -1.38
C LYS A 24 -0.24 10.09 -0.01
N GLU A 25 -1.52 10.21 0.22
CA GLU A 25 -2.08 9.87 1.51
C GLU A 25 -2.04 8.39 1.77
N MET A 26 -2.19 7.61 0.74
CA MET A 26 -2.15 6.18 0.89
C MET A 26 -0.73 5.67 1.04
N SER A 27 0.23 6.28 0.35
CA SER A 27 1.60 5.87 0.55
C SER A 27 1.99 6.14 1.95
N GLN A 28 1.52 7.25 2.46
CA GLN A 28 1.78 7.63 3.84
C GLN A 28 1.08 6.67 4.80
N PHE A 29 -0.17 6.35 4.51
CA PHE A 29 -0.95 5.42 5.30
C PHE A 29 -0.29 4.04 5.29
N ILE A 30 0.11 3.59 4.13
CA ILE A 30 0.80 2.33 3.97
C ILE A 30 2.14 2.37 4.67
N VAL A 31 2.85 3.48 4.53
CA VAL A 31 4.08 3.70 5.29
C VAL A 31 3.82 3.47 6.78
N GLN A 32 2.75 4.09 7.27
CA GLN A 32 2.33 3.98 8.67
C GLN A 32 2.07 2.51 9.03
N CYS A 33 1.42 1.83 8.12
CA CYS A 33 1.08 0.42 8.23
C CYS A 33 2.32 -0.46 8.22
N LEU A 34 3.30 -0.11 7.41
CA LEU A 34 4.54 -0.87 7.31
C LEU A 34 5.50 -0.57 8.44
N ASN A 35 5.36 0.61 9.05
CA ASN A 35 6.14 0.97 10.23
C ASN A 35 6.36 -0.12 11.30
N PRO A 36 5.31 -0.87 11.74
CA PRO A 36 5.49 -1.96 12.71
C PRO A 36 6.23 -3.16 12.14
N TYR A 37 6.33 -3.22 10.84
CA TYR A 37 6.98 -4.32 10.17
C TYR A 37 8.46 -4.09 10.07
N ARG A 38 8.86 -2.85 10.03
CA ARG A 38 10.28 -2.53 9.90
C ARG A 38 10.96 -2.52 11.27
N LYS A 39 10.18 -2.81 12.27
CA LYS A 39 10.67 -2.94 13.62
C LYS A 39 11.47 -4.25 13.69
N PRO A 40 12.68 -4.22 14.25
CA PRO A 40 13.55 -5.41 14.33
C PRO A 40 12.95 -6.57 15.15
N ASP A 41 11.87 -6.33 15.86
CA ASP A 41 11.22 -7.39 16.63
C ASP A 41 9.85 -7.76 16.01
N CYS A 42 9.64 -7.31 14.77
CA CYS A 42 8.44 -7.70 14.04
C CYS A 42 8.44 -9.20 13.85
N LYS A 43 7.31 -9.81 14.05
CA LYS A 43 7.20 -11.25 13.97
C LYS A 43 6.93 -11.71 12.55
N VAL A 44 6.15 -10.95 11.83
CA VAL A 44 5.73 -11.36 10.53
C VAL A 44 5.90 -10.24 9.52
N GLY A 45 6.61 -10.54 8.46
CA GLY A 45 6.86 -9.56 7.42
C GLY A 45 7.79 -8.46 7.89
N ARG A 46 8.85 -8.82 8.60
CA ARG A 46 9.78 -7.83 9.12
C ARG A 46 10.61 -7.23 8.00
N ILE A 47 10.48 -5.95 7.82
CA ILE A 47 11.19 -5.23 6.80
C ILE A 47 12.62 -5.01 7.21
N THR A 48 13.49 -5.51 6.41
CA THR A 48 14.92 -5.45 6.58
C THR A 48 15.48 -4.03 6.53
N THR A 49 15.27 -3.38 5.42
CA THR A 49 15.93 -2.15 5.16
C THR A 49 14.94 -1.07 4.78
N THR A 50 15.34 0.15 4.93
CA THR A 50 14.56 1.29 4.57
C THR A 50 14.20 1.30 3.08
N GLU A 51 15.17 0.94 2.23
CA GLU A 51 14.93 0.87 0.80
C GLU A 51 13.90 -0.21 0.50
N ASP A 52 13.92 -1.26 1.30
CA ASP A 52 12.98 -2.35 1.16
C ASP A 52 11.63 -1.90 1.60
N PHE A 53 11.61 -1.17 2.69
CA PHE A 53 10.42 -0.56 3.23
C PHE A 53 9.77 0.34 2.15
N LYS A 54 10.59 1.20 1.57
CA LYS A 54 10.18 2.13 0.53
C LYS A 54 9.65 1.41 -0.69
N HIS A 55 10.33 0.33 -1.07
CA HIS A 55 9.98 -0.49 -2.24
C HIS A 55 8.59 -1.04 -2.08
N LEU A 56 8.36 -1.63 -0.94
CA LEU A 56 7.11 -2.25 -0.70
C LEU A 56 6.04 -1.23 -0.43
N ALA A 57 6.36 -0.14 0.27
CA ALA A 57 5.37 0.93 0.51
C ALA A 57 4.84 1.43 -0.83
N ARG A 58 5.75 1.57 -1.76
CA ARG A 58 5.41 1.97 -3.12
C ARG A 58 4.55 0.93 -3.78
N LYS A 59 4.96 -0.32 -3.64
CA LYS A 59 4.35 -1.41 -4.34
C LYS A 59 2.91 -1.60 -3.89
N LEU A 60 2.70 -1.48 -2.60
CA LEU A 60 1.39 -1.65 -2.01
C LEU A 60 0.49 -0.51 -2.33
N THR A 61 1.04 0.71 -2.28
CA THR A 61 0.28 1.90 -2.63
C THR A 61 -0.25 1.76 -4.03
N HIS A 62 0.60 1.25 -4.88
CA HIS A 62 0.24 1.15 -6.26
C HIS A 62 -0.69 -0.06 -6.51
N GLY A 63 -0.55 -1.11 -5.72
CA GLY A 63 -1.40 -2.28 -5.89
C GLY A 63 -2.83 -2.06 -5.41
N VAL A 64 -3.01 -1.26 -4.34
CA VAL A 64 -4.37 -0.90 -3.87
C VAL A 64 -5.00 -0.03 -4.93
N MET A 65 -4.15 0.82 -5.45
CA MET A 65 -4.50 1.80 -6.46
C MET A 65 -4.99 1.08 -7.71
N ASN A 66 -4.25 0.09 -8.13
CA ASN A 66 -4.59 -0.73 -9.28
C ASN A 66 -5.88 -1.48 -9.05
N LYS A 67 -6.02 -2.11 -7.90
CA LYS A 67 -7.19 -2.90 -7.62
C LYS A 67 -8.45 -2.05 -7.63
N GLU A 68 -8.39 -0.89 -7.05
CA GLU A 68 -9.53 -0.08 -7.07
C GLU A 68 -9.76 0.56 -8.38
N LEU A 69 -8.72 1.01 -9.04
CA LEU A 69 -8.90 1.52 -10.41
C LEU A 69 -9.45 0.46 -11.36
N LYS A 70 -9.24 -0.80 -11.07
CA LYS A 70 -9.77 -1.83 -11.93
C LYS A 70 -11.18 -2.24 -11.53
N TYR A 71 -11.51 -2.09 -10.25
CA TYR A 71 -12.85 -2.43 -9.76
C TYR A 71 -13.80 -1.23 -9.79
N CYS A 72 -13.25 -0.08 -9.58
CA CYS A 72 -13.99 1.17 -9.58
C CYS A 72 -14.06 1.75 -10.97
N LYS A 73 -12.98 1.51 -11.74
CA LYS A 73 -12.80 2.00 -13.12
C LYS A 73 -12.53 3.50 -13.15
N ASN A 74 -13.37 4.25 -12.50
CA ASN A 74 -13.29 5.69 -12.44
C ASN A 74 -12.49 6.13 -11.24
N PRO A 75 -11.42 6.94 -11.43
CA PRO A 75 -10.63 7.48 -10.31
C PRO A 75 -11.32 8.55 -9.56
N GLU A 76 -12.50 8.81 -9.97
CA GLU A 76 -13.39 9.73 -9.33
C GLU A 76 -13.82 9.12 -7.98
N ASP A 77 -13.44 7.89 -7.80
CA ASP A 77 -13.75 7.14 -6.60
C ASP A 77 -12.45 6.60 -6.01
N LEU A 78 -11.36 7.01 -6.61
CA LEU A 78 -10.07 6.66 -6.17
C LEU A 78 -9.66 7.74 -5.19
N GLU A 79 -9.85 7.45 -3.97
CA GLU A 79 -9.63 8.34 -2.91
C GLU A 79 -9.12 7.53 -1.76
N CYS A 80 -8.23 8.08 -0.98
CA CYS A 80 -7.71 7.38 0.16
C CYS A 80 -8.68 7.57 1.29
N ASN A 81 -9.79 6.94 1.17
CA ASN A 81 -10.84 7.11 2.13
C ASN A 81 -10.84 5.93 3.06
N GLU A 82 -11.79 5.93 3.94
CA GLU A 82 -12.02 4.87 4.91
C GLU A 82 -12.05 3.47 4.30
N ASN A 83 -12.92 3.31 3.31
CA ASN A 83 -13.09 2.08 2.53
C ASN A 83 -11.74 1.66 2.03
N VAL A 84 -11.06 2.61 1.41
CA VAL A 84 -9.77 2.31 0.84
C VAL A 84 -8.75 1.95 1.93
N LYS A 85 -8.74 2.71 3.01
CA LYS A 85 -7.85 2.45 4.13
C LYS A 85 -8.07 1.09 4.71
N HIS A 86 -9.31 0.78 4.93
CA HIS A 86 -9.75 -0.51 5.48
C HIS A 86 -9.18 -1.63 4.62
N LYS A 87 -9.43 -1.50 3.36
CA LYS A 87 -8.99 -2.42 2.33
C LYS A 87 -7.48 -2.55 2.37
N THR A 88 -6.86 -1.47 2.57
CA THR A 88 -5.49 -1.35 2.47
C THR A 88 -4.81 -1.99 3.60
N LYS A 89 -5.08 -1.55 4.79
CA LYS A 89 -4.40 -2.09 5.92
C LYS A 89 -4.69 -3.59 6.11
N GLU A 90 -5.93 -4.02 5.75
CA GLU A 90 -6.25 -5.47 5.79
C GLU A 90 -5.43 -6.21 4.75
N TYR A 91 -5.27 -5.56 3.58
CA TYR A 91 -4.55 -6.15 2.48
C TYR A 91 -3.12 -6.26 2.86
N ILE A 92 -2.56 -5.17 3.33
CA ILE A 92 -1.17 -5.08 3.77
C ILE A 92 -0.82 -6.15 4.76
N LYS A 93 -1.58 -6.25 5.82
CA LYS A 93 -1.31 -7.24 6.81
C LYS A 93 -1.33 -8.61 6.20
N LYS A 94 -2.38 -8.88 5.43
CA LYS A 94 -2.54 -10.20 4.86
C LYS A 94 -1.42 -10.45 3.86
N TYR A 95 -1.02 -9.40 3.18
CA TYR A 95 0.02 -9.43 2.26
C TYR A 95 1.31 -9.83 2.93
N MET A 96 1.72 -9.09 3.93
CA MET A 96 2.97 -9.31 4.57
C MET A 96 3.05 -10.67 5.24
N GLN A 97 1.88 -11.26 5.53
CA GLN A 97 1.84 -12.61 6.10
C GLN A 97 2.47 -13.63 5.15
N LYS A 98 2.58 -13.27 3.88
CA LYS A 98 3.13 -14.17 2.87
C LYS A 98 4.65 -14.28 3.00
N PHE A 99 5.28 -13.28 3.60
CA PHE A 99 6.75 -13.29 3.71
C PHE A 99 7.22 -14.21 4.82
N GLY A 100 6.43 -14.32 5.84
CA GLY A 100 6.79 -15.14 6.94
C GLY A 100 7.36 -14.28 8.00
N ALA A 101 8.57 -14.52 8.35
CA ALA A 101 9.19 -13.76 9.40
C ALA A 101 9.81 -12.48 8.86
N VAL A 102 10.45 -12.57 7.72
CA VAL A 102 11.16 -11.43 7.18
C VAL A 102 10.63 -11.12 5.80
N TYR A 103 10.72 -9.88 5.44
CA TYR A 103 10.25 -9.38 4.20
C TYR A 103 11.29 -9.63 3.11
N LYS A 104 11.00 -10.64 2.36
CA LYS A 104 11.80 -11.05 1.24
C LYS A 104 11.03 -10.94 -0.08
N PRO A 105 11.13 -9.76 -0.74
CA PRO A 105 10.38 -9.43 -1.98
C PRO A 105 10.68 -10.37 -3.15
N LYS A 106 11.80 -11.01 -3.14
CA LYS A 106 12.10 -12.03 -4.14
C LYS A 106 11.13 -13.21 -4.03
N GLU A 107 10.53 -13.37 -2.87
CA GLU A 107 9.58 -14.43 -2.62
C GLU A 107 8.16 -13.86 -2.68
N ASP A 108 8.05 -12.60 -3.07
CA ASP A 108 6.81 -11.87 -3.07
C ASP A 108 5.83 -12.31 -4.17
N THR A 109 4.55 -11.95 -3.96
CA THR A 109 3.43 -12.23 -4.82
C THR A 109 3.67 -11.68 -6.24
N THR A 10 -15.28 16.50 -15.40
CA THR A 10 -14.03 16.13 -16.01
C THR A 10 -13.08 15.45 -15.03
N SER A 11 -13.49 14.25 -14.67
CA SER A 11 -12.87 13.40 -13.67
C SER A 11 -11.66 12.72 -14.19
N SER A 12 -11.38 12.94 -15.39
CA SER A 12 -10.22 12.45 -15.97
C SER A 12 -9.06 13.33 -15.47
N GLU A 13 -9.23 14.64 -15.63
CA GLU A 13 -8.25 15.63 -15.25
C GLU A 13 -8.29 15.96 -13.77
N LEU A 14 -9.49 15.97 -13.19
CA LEU A 14 -9.67 16.25 -11.76
C LEU A 14 -8.88 15.19 -11.00
N ALA A 15 -8.93 14.02 -11.56
CA ALA A 15 -8.36 12.89 -10.94
C ALA A 15 -6.88 12.80 -11.23
N LYS A 16 -6.39 13.60 -12.16
CA LYS A 16 -4.96 13.68 -12.41
C LYS A 16 -4.32 14.21 -11.14
N LYS A 17 -5.05 15.07 -10.47
CA LYS A 17 -4.65 15.61 -9.19
C LYS A 17 -4.99 14.59 -8.10
N SER A 18 -6.20 14.05 -8.17
CA SER A 18 -6.70 13.15 -7.14
C SER A 18 -5.89 11.86 -7.01
N LYS A 19 -5.31 11.34 -8.10
CA LYS A 19 -4.50 10.13 -8.02
C LYS A 19 -3.25 10.42 -7.24
N GLU A 20 -2.77 11.63 -7.36
CA GLU A 20 -1.58 12.07 -6.66
C GLU A 20 -1.88 12.26 -5.22
N VAL A 21 -2.97 12.93 -4.96
CA VAL A 21 -3.42 13.14 -3.61
C VAL A 21 -3.68 11.78 -2.98
N PHE A 22 -4.30 10.91 -3.75
CA PHE A 22 -4.65 9.57 -3.28
C PHE A 22 -3.41 8.78 -2.98
N ARG A 23 -2.53 8.69 -3.95
CA ARG A 23 -1.31 7.95 -3.77
C ARG A 23 -0.46 8.52 -2.64
N LYS A 24 -0.59 9.81 -2.37
CA LYS A 24 0.15 10.42 -1.27
C LYS A 24 -0.42 9.99 0.08
N GLU A 25 -1.74 10.02 0.20
CA GLU A 25 -2.42 9.67 1.47
C GLU A 25 -2.16 8.23 1.76
N MET A 26 -2.29 7.47 0.73
CA MET A 26 -2.15 6.05 0.84
C MET A 26 -0.70 5.63 1.05
N SER A 27 0.24 6.26 0.39
CA SER A 27 1.61 5.93 0.61
C SER A 27 1.98 6.22 2.01
N GLN A 28 1.50 7.32 2.52
CA GLN A 28 1.80 7.67 3.90
C GLN A 28 1.14 6.74 4.89
N PHE A 29 -0.11 6.48 4.64
CA PHE A 29 -0.92 5.51 5.39
C PHE A 29 -0.25 4.12 5.37
N ILE A 30 0.14 3.65 4.21
CA ILE A 30 0.84 2.38 4.04
C ILE A 30 2.16 2.42 4.75
N VAL A 31 2.90 3.50 4.58
CA VAL A 31 4.15 3.68 5.30
C VAL A 31 3.91 3.52 6.81
N GLN A 32 2.85 4.15 7.30
CA GLN A 32 2.46 4.05 8.69
C GLN A 32 2.17 2.60 9.07
N CYS A 33 1.48 1.93 8.18
CA CYS A 33 1.12 0.55 8.35
C CYS A 33 2.33 -0.38 8.33
N LEU A 34 3.31 -0.05 7.52
CA LEU A 34 4.54 -0.81 7.42
C LEU A 34 5.51 -0.49 8.56
N ASN A 35 5.37 0.68 9.18
CA ASN A 35 6.14 1.04 10.38
C ASN A 35 6.35 -0.08 11.42
N PRO A 36 5.31 -0.80 11.88
CA PRO A 36 5.48 -1.88 12.86
C PRO A 36 6.25 -3.08 12.27
N TYR A 37 6.35 -3.14 10.97
CA TYR A 37 7.01 -4.23 10.29
C TYR A 37 8.47 -3.98 10.16
N ARG A 38 8.85 -2.73 10.14
CA ARG A 38 10.25 -2.39 9.97
C ARG A 38 10.98 -2.40 11.30
N LYS A 39 10.24 -2.68 12.33
CA LYS A 39 10.79 -2.80 13.65
C LYS A 39 11.57 -4.11 13.71
N PRO A 40 12.78 -4.12 14.28
CA PRO A 40 13.67 -5.29 14.30
C PRO A 40 13.09 -6.50 15.05
N ASP A 41 12.02 -6.29 15.81
CA ASP A 41 11.42 -7.38 16.56
C ASP A 41 10.05 -7.76 15.94
N CYS A 42 9.82 -7.30 14.72
CA CYS A 42 8.60 -7.67 14.02
C CYS A 42 8.60 -9.18 13.75
N LYS A 43 7.52 -9.83 14.11
CA LYS A 43 7.42 -11.28 14.03
C LYS A 43 7.01 -11.74 12.65
N VAL A 44 6.36 -10.88 11.92
CA VAL A 44 5.89 -11.23 10.61
C VAL A 44 6.09 -10.08 9.63
N GLY A 45 6.78 -10.37 8.55
CA GLY A 45 7.03 -9.39 7.51
C GLY A 45 7.97 -8.30 7.98
N ARG A 46 9.02 -8.65 8.71
CA ARG A 46 9.95 -7.67 9.25
C ARG A 46 10.76 -7.08 8.11
N ILE A 47 10.62 -5.80 7.92
CA ILE A 47 11.30 -5.12 6.85
C ILE A 47 12.76 -4.90 7.17
N THR A 48 13.55 -5.55 6.37
CA THR A 48 14.98 -5.59 6.46
C THR A 48 15.63 -4.21 6.41
N THR A 49 15.36 -3.50 5.36
CA THR A 49 16.04 -2.25 5.13
C THR A 49 15.10 -1.18 4.63
N THR A 50 15.53 0.05 4.72
CA THR A 50 14.75 1.20 4.35
C THR A 50 14.35 1.18 2.88
N GLU A 51 15.27 0.81 2.02
CA GLU A 51 15.00 0.72 0.61
C GLU A 51 13.97 -0.34 0.33
N ASP A 52 13.97 -1.39 1.16
CA ASP A 52 12.99 -2.45 1.03
C ASP A 52 11.66 -1.97 1.50
N PHE A 53 11.68 -1.24 2.59
CA PHE A 53 10.51 -0.60 3.15
C PHE A 53 9.85 0.31 2.10
N LYS A 54 10.67 1.15 1.48
CA LYS A 54 10.26 2.08 0.45
C LYS A 54 9.72 1.35 -0.77
N HIS A 55 10.40 0.29 -1.16
CA HIS A 55 10.03 -0.51 -2.33
C HIS A 55 8.66 -1.10 -2.12
N LEU A 56 8.49 -1.71 -0.99
CA LEU A 56 7.26 -2.36 -0.67
C LEU A 56 6.14 -1.34 -0.51
N ALA A 57 6.40 -0.23 0.20
CA ALA A 57 5.39 0.81 0.40
C ALA A 57 4.87 1.29 -0.94
N ARG A 58 5.79 1.42 -1.89
CA ARG A 58 5.43 1.85 -3.25
C ARG A 58 4.53 0.82 -3.90
N LYS A 59 4.96 -0.43 -3.86
CA LYS A 59 4.22 -1.52 -4.49
C LYS A 59 2.79 -1.61 -3.97
N LEU A 60 2.66 -1.55 -2.66
CA LEU A 60 1.37 -1.71 -2.01
C LEU A 60 0.45 -0.56 -2.32
N THR A 61 1.01 0.66 -2.30
CA THR A 61 0.26 1.85 -2.64
C THR A 61 -0.27 1.70 -4.05
N HIS A 62 0.60 1.23 -4.88
CA HIS A 62 0.32 1.16 -6.29
C HIS A 62 -0.63 -0.01 -6.62
N GLY A 63 -0.63 -1.04 -5.83
CA GLY A 63 -1.51 -2.18 -6.06
C GLY A 63 -2.93 -1.91 -5.62
N VAL A 64 -3.11 -1.18 -4.51
CA VAL A 64 -4.45 -0.79 -4.04
C VAL A 64 -5.03 0.21 -5.07
N MET A 65 -4.14 0.99 -5.57
CA MET A 65 -4.45 2.00 -6.57
C MET A 65 -4.93 1.33 -7.84
N ASN A 66 -4.17 0.37 -8.33
CA ASN A 66 -4.49 -0.34 -9.54
C ASN A 66 -5.75 -1.16 -9.42
N LYS A 67 -5.95 -1.78 -8.27
CA LYS A 67 -7.14 -2.60 -8.07
C LYS A 67 -8.37 -1.73 -8.17
N GLU A 68 -8.37 -0.63 -7.46
CA GLU A 68 -9.52 0.14 -7.48
C GLU A 68 -9.70 0.88 -8.75
N LEU A 69 -8.65 1.32 -9.37
CA LEU A 69 -8.77 1.88 -10.71
C LEU A 69 -9.35 0.87 -11.70
N LYS A 70 -9.06 -0.41 -11.49
CA LYS A 70 -9.54 -1.41 -12.42
C LYS A 70 -10.95 -1.91 -12.08
N TYR A 71 -11.42 -1.60 -10.88
CA TYR A 71 -12.79 -1.93 -10.46
C TYR A 71 -13.71 -0.76 -10.25
N CYS A 72 -13.14 0.39 -10.10
CA CYS A 72 -13.91 1.62 -10.04
C CYS A 72 -14.06 2.15 -11.44
N LYS A 73 -13.06 1.81 -12.27
CA LYS A 73 -12.93 2.21 -13.69
C LYS A 73 -12.67 3.71 -13.87
N ASN A 74 -13.29 4.50 -13.06
CA ASN A 74 -13.07 5.93 -13.08
C ASN A 74 -12.50 6.35 -11.76
N PRO A 75 -11.44 7.18 -11.77
CA PRO A 75 -10.79 7.65 -10.53
C PRO A 75 -11.58 8.65 -9.74
N GLU A 76 -12.76 8.88 -10.13
CA GLU A 76 -13.71 9.73 -9.43
C GLU A 76 -14.07 9.07 -8.08
N ASP A 77 -13.64 7.84 -7.94
CA ASP A 77 -13.88 7.05 -6.73
C ASP A 77 -12.58 6.73 -6.09
N LEU A 78 -11.52 7.18 -6.69
CA LEU A 78 -10.20 6.89 -6.25
C LEU A 78 -9.84 7.91 -5.19
N GLU A 79 -10.02 7.51 -4.00
CA GLU A 79 -9.77 8.30 -2.87
C GLU A 79 -9.20 7.39 -1.84
N CYS A 80 -8.28 7.89 -1.09
CA CYS A 80 -7.72 7.13 -0.01
C CYS A 80 -8.61 7.32 1.16
N ASN A 81 -9.75 6.71 1.07
CA ASN A 81 -10.71 6.91 2.11
C ASN A 81 -10.59 5.77 3.07
N GLU A 82 -11.44 5.77 4.01
CA GLU A 82 -11.55 4.76 5.03
C GLU A 82 -11.72 3.36 4.48
N ASN A 83 -12.68 3.18 3.60
CA ASN A 83 -12.91 1.93 2.86
C ASN A 83 -11.63 1.49 2.23
N VAL A 84 -10.99 2.42 1.51
CA VAL A 84 -9.74 2.10 0.86
C VAL A 84 -8.68 1.72 1.89
N LYS A 85 -8.56 2.53 2.91
CA LYS A 85 -7.60 2.31 3.98
C LYS A 85 -7.82 0.99 4.68
N HIS A 86 -9.06 0.69 4.97
CA HIS A 86 -9.47 -0.53 5.63
C HIS A 86 -8.97 -1.72 4.82
N LYS A 87 -9.28 -1.70 3.55
CA LYS A 87 -8.91 -2.78 2.68
C LYS A 87 -7.42 -2.83 2.49
N THR A 88 -6.79 -1.70 2.63
CA THR A 88 -5.42 -1.56 2.43
C THR A 88 -4.65 -2.18 3.53
N LYS A 89 -4.85 -1.71 4.73
CA LYS A 89 -4.12 -2.24 5.83
C LYS A 89 -4.44 -3.72 6.07
N GLU A 90 -5.69 -4.10 5.79
CA GLU A 90 -6.06 -5.53 5.85
C GLU A 90 -5.31 -6.33 4.79
N TYR A 91 -5.15 -5.72 3.61
CA TYR A 91 -4.44 -6.33 2.51
C TYR A 91 -3.00 -6.45 2.90
N ILE A 92 -2.45 -5.35 3.38
CA ILE A 92 -1.08 -5.27 3.87
C ILE A 92 -0.77 -6.35 4.86
N LYS A 93 -1.55 -6.44 5.92
CA LYS A 93 -1.33 -7.45 6.93
C LYS A 93 -1.30 -8.81 6.28
N LYS A 94 -2.32 -9.10 5.51
CA LYS A 94 -2.47 -10.42 4.95
C LYS A 94 -1.32 -10.69 3.98
N TYR A 95 -0.90 -9.64 3.32
CA TYR A 95 0.17 -9.71 2.42
C TYR A 95 1.47 -10.04 3.14
N MET A 96 1.80 -9.29 4.16
CA MET A 96 3.03 -9.48 4.88
C MET A 96 3.11 -10.86 5.51
N GLN A 97 1.94 -11.45 5.78
CA GLN A 97 1.90 -12.79 6.38
C GLN A 97 2.48 -13.85 5.43
N LYS A 98 2.55 -13.52 4.14
CA LYS A 98 3.04 -14.47 3.15
C LYS A 98 4.58 -14.54 3.15
N PHE A 99 5.22 -13.53 3.73
CA PHE A 99 6.67 -13.49 3.78
C PHE A 99 7.19 -14.36 4.90
N GLY A 100 6.51 -14.34 6.00
CA GLY A 100 6.91 -15.08 7.13
C GLY A 100 7.43 -14.14 8.16
N ALA A 101 8.54 -14.45 8.71
CA ALA A 101 9.14 -13.62 9.73
C ALA A 101 9.74 -12.35 9.14
N VAL A 102 10.45 -12.48 8.05
CA VAL A 102 11.12 -11.32 7.48
C VAL A 102 10.52 -11.02 6.12
N TYR A 103 10.62 -9.79 5.71
CA TYR A 103 10.14 -9.34 4.45
C TYR A 103 11.15 -9.70 3.39
N LYS A 104 10.85 -10.76 2.71
CA LYS A 104 11.67 -11.25 1.66
C LYS A 104 10.90 -11.09 0.33
N PRO A 105 11.05 -9.95 -0.38
CA PRO A 105 10.29 -9.65 -1.62
C PRO A 105 10.51 -10.66 -2.74
N LYS A 106 11.60 -11.43 -2.68
CA LYS A 106 11.75 -12.53 -3.61
C LYS A 106 10.68 -13.64 -3.39
N GLU A 107 9.97 -13.56 -2.28
CA GLU A 107 8.83 -14.43 -2.01
C GLU A 107 7.56 -13.85 -2.61
N ASP A 108 7.56 -12.50 -2.81
CA ASP A 108 6.41 -11.74 -3.28
C ASP A 108 5.72 -12.37 -4.46
N THR A 109 4.43 -12.30 -4.40
CA THR A 109 3.51 -12.95 -5.30
C THR A 109 3.70 -12.56 -6.76
N THR A 10 -15.90 15.98 -15.80
CA THR A 10 -14.50 16.22 -16.11
C THR A 10 -13.58 15.67 -15.02
N SER A 11 -13.73 14.39 -14.81
CA SER A 11 -13.00 13.64 -13.83
C SER A 11 -11.68 13.26 -14.34
N SER A 12 -11.49 13.46 -15.59
CA SER A 12 -10.25 13.26 -16.18
C SER A 12 -9.23 14.23 -15.56
N GLU A 13 -9.58 15.52 -15.52
CA GLU A 13 -8.69 16.51 -14.93
C GLU A 13 -8.81 16.52 -13.40
N LEU A 14 -10.00 16.25 -12.89
CA LEU A 14 -10.25 16.30 -11.44
C LEU A 14 -9.39 15.27 -10.76
N ALA A 15 -9.34 14.15 -11.38
CA ALA A 15 -8.68 13.04 -10.82
C ALA A 15 -7.24 13.02 -11.20
N LYS A 16 -6.86 13.86 -12.16
CA LYS A 16 -5.47 13.99 -12.57
C LYS A 16 -4.64 14.43 -11.37
N LYS A 17 -5.25 15.29 -10.57
CA LYS A 17 -4.65 15.70 -9.32
C LYS A 17 -4.89 14.66 -8.26
N SER A 18 -6.10 14.08 -8.24
CA SER A 18 -6.49 13.11 -7.22
C SER A 18 -5.62 11.84 -7.25
N LYS A 19 -5.04 11.51 -8.40
CA LYS A 19 -4.11 10.38 -8.52
C LYS A 19 -2.91 10.64 -7.66
N GLU A 20 -2.51 11.87 -7.61
CA GLU A 20 -1.36 12.27 -6.87
C GLU A 20 -1.72 12.44 -5.45
N VAL A 21 -2.83 13.08 -5.20
CA VAL A 21 -3.30 13.31 -3.85
C VAL A 21 -3.49 11.97 -3.19
N PHE A 22 -4.12 11.07 -3.92
CA PHE A 22 -4.43 9.75 -3.41
C PHE A 22 -3.19 8.96 -3.21
N ARG A 23 -2.35 8.85 -4.26
CA ARG A 23 -1.14 8.08 -4.09
C ARG A 23 -0.27 8.61 -2.96
N LYS A 24 -0.29 9.93 -2.74
CA LYS A 24 0.51 10.50 -1.68
C LYS A 24 -0.01 10.10 -0.30
N GLU A 25 -1.31 10.26 -0.07
CA GLU A 25 -1.84 9.97 1.23
C GLU A 25 -1.88 8.50 1.49
N MET A 26 -2.04 7.74 0.45
CA MET A 26 -2.10 6.34 0.59
C MET A 26 -0.74 5.72 0.82
N SER A 27 0.26 6.24 0.13
CA SER A 27 1.61 5.79 0.32
C SER A 27 2.03 6.08 1.70
N GLN A 28 1.65 7.25 2.19
CA GLN A 28 1.94 7.64 3.56
C GLN A 28 1.21 6.72 4.55
N PHE A 29 -0.05 6.42 4.27
CA PHE A 29 -0.86 5.50 5.07
C PHE A 29 -0.22 4.11 5.09
N ILE A 30 0.17 3.66 3.95
CA ILE A 30 0.83 2.38 3.80
C ILE A 30 2.16 2.39 4.50
N VAL A 31 2.90 3.47 4.35
CA VAL A 31 4.13 3.67 5.12
C VAL A 31 3.86 3.48 6.61
N GLN A 32 2.80 4.13 7.09
CA GLN A 32 2.35 4.06 8.48
C GLN A 32 2.05 2.61 8.86
N CYS A 33 1.43 1.92 7.94
CA CYS A 33 1.09 0.53 8.09
C CYS A 33 2.33 -0.37 8.15
N LEU A 34 3.32 -0.04 7.37
CA LEU A 34 4.57 -0.81 7.32
C LEU A 34 5.51 -0.46 8.47
N ASN A 35 5.31 0.71 9.07
CA ASN A 35 6.06 1.14 10.29
C ASN A 35 6.31 0.03 11.34
N PRO A 36 5.26 -0.74 11.79
CA PRO A 36 5.46 -1.81 12.77
C PRO A 36 6.23 -3.03 12.21
N TYR A 37 6.31 -3.14 10.91
CA TYR A 37 6.95 -4.30 10.29
C TYR A 37 8.43 -4.12 10.22
N ARG A 38 8.88 -2.90 10.21
CA ARG A 38 10.32 -2.64 10.11
C ARG A 38 10.98 -2.66 11.49
N LYS A 39 10.18 -2.87 12.50
CA LYS A 39 10.66 -2.98 13.85
C LYS A 39 11.40 -4.30 14.00
N PRO A 40 12.49 -4.34 14.76
CA PRO A 40 13.31 -5.55 14.89
C PRO A 40 12.60 -6.67 15.66
N ASP A 41 11.50 -6.34 16.30
CA ASP A 41 10.77 -7.31 17.09
C ASP A 41 9.55 -7.81 16.32
N CYS A 42 9.42 -7.35 15.06
CA CYS A 42 8.29 -7.73 14.23
C CYS A 42 8.33 -9.23 14.00
N LYS A 43 7.19 -9.87 14.22
CA LYS A 43 7.09 -11.31 14.13
C LYS A 43 6.84 -11.77 12.70
N VAL A 44 6.19 -10.93 11.93
CA VAL A 44 5.80 -11.32 10.61
C VAL A 44 6.06 -10.20 9.61
N GLY A 45 6.76 -10.54 8.54
CA GLY A 45 7.05 -9.59 7.50
C GLY A 45 7.96 -8.48 7.99
N ARG A 46 8.97 -8.83 8.77
CA ARG A 46 9.89 -7.86 9.31
C ARG A 46 10.74 -7.25 8.22
N ILE A 47 10.59 -5.97 8.01
CA ILE A 47 11.28 -5.26 6.97
C ILE A 47 12.74 -5.03 7.31
N THR A 48 13.55 -5.63 6.50
CA THR A 48 14.98 -5.61 6.57
C THR A 48 15.57 -4.21 6.53
N THR A 49 15.35 -3.54 5.45
CA THR A 49 16.02 -2.29 5.21
C THR A 49 15.01 -1.24 4.81
N THR A 50 15.39 0.00 4.98
CA THR A 50 14.58 1.11 4.60
C THR A 50 14.27 1.10 3.11
N GLU A 51 15.24 0.69 2.29
CA GLU A 51 15.02 0.59 0.84
C GLU A 51 13.97 -0.44 0.53
N ASP A 52 13.92 -1.48 1.35
CA ASP A 52 12.94 -2.55 1.20
C ASP A 52 11.61 -2.04 1.60
N PHE A 53 11.61 -1.32 2.70
CA PHE A 53 10.44 -0.68 3.24
C PHE A 53 9.81 0.24 2.15
N LYS A 54 10.65 1.09 1.58
CA LYS A 54 10.27 2.04 0.56
C LYS A 54 9.76 1.35 -0.69
N HIS A 55 10.43 0.29 -1.09
CA HIS A 55 10.08 -0.49 -2.28
C HIS A 55 8.70 -1.09 -2.11
N LEU A 56 8.48 -1.67 -0.98
CA LEU A 56 7.23 -2.30 -0.72
C LEU A 56 6.14 -1.31 -0.53
N ALA A 57 6.43 -0.20 0.18
CA ALA A 57 5.42 0.85 0.36
C ALA A 57 4.92 1.31 -1.00
N ARG A 58 5.85 1.42 -1.94
CA ARG A 58 5.52 1.79 -3.31
C ARG A 58 4.63 0.73 -3.92
N LYS A 59 5.04 -0.52 -3.76
CA LYS A 59 4.37 -1.64 -4.40
C LYS A 59 2.94 -1.80 -3.89
N LEU A 60 2.77 -1.66 -2.61
CA LEU A 60 1.47 -1.82 -2.00
C LEU A 60 0.55 -0.69 -2.37
N THR A 61 1.09 0.54 -2.37
CA THR A 61 0.32 1.71 -2.78
C THR A 61 -0.16 1.51 -4.18
N HIS A 62 0.71 0.96 -4.99
CA HIS A 62 0.45 0.80 -6.39
C HIS A 62 -0.57 -0.33 -6.64
N GLY A 63 -0.55 -1.37 -5.83
CA GLY A 63 -1.45 -2.49 -6.02
C GLY A 63 -2.87 -2.18 -5.60
N VAL A 64 -3.04 -1.44 -4.50
CA VAL A 64 -4.38 -1.05 -4.02
C VAL A 64 -5.00 -0.10 -5.04
N MET A 65 -4.14 0.77 -5.52
CA MET A 65 -4.47 1.79 -6.51
C MET A 65 -5.05 1.15 -7.76
N ASN A 66 -4.35 0.16 -8.25
CA ASN A 66 -4.73 -0.59 -9.42
C ASN A 66 -5.99 -1.39 -9.19
N LYS A 67 -6.12 -1.98 -8.01
CA LYS A 67 -7.29 -2.77 -7.69
C LYS A 67 -8.53 -1.89 -7.67
N GLU A 68 -8.43 -0.73 -7.10
CA GLU A 68 -9.56 0.10 -7.08
C GLU A 68 -9.81 0.72 -8.41
N LEU A 69 -8.79 1.10 -9.11
CA LEU A 69 -8.98 1.58 -10.49
C LEU A 69 -9.64 0.53 -11.39
N LYS A 70 -9.42 -0.75 -11.11
CA LYS A 70 -10.02 -1.80 -11.92
C LYS A 70 -11.46 -2.07 -11.49
N TYR A 71 -11.75 -1.82 -10.21
CA TYR A 71 -13.11 -2.05 -9.68
C TYR A 71 -13.94 -0.79 -9.47
N CYS A 72 -13.34 0.34 -9.66
CA CYS A 72 -14.04 1.61 -9.64
C CYS A 72 -14.16 2.16 -11.04
N LYS A 73 -13.22 1.75 -11.90
CA LYS A 73 -13.11 2.16 -13.33
C LYS A 73 -12.67 3.61 -13.47
N ASN A 74 -13.35 4.48 -12.79
CA ASN A 74 -13.09 5.90 -12.84
C ASN A 74 -12.42 6.33 -11.55
N PRO A 75 -11.40 7.21 -11.63
CA PRO A 75 -10.68 7.72 -10.44
C PRO A 75 -11.47 8.72 -9.64
N GLU A 76 -12.66 8.90 -10.03
CA GLU A 76 -13.61 9.76 -9.40
C GLU A 76 -14.04 9.11 -8.07
N ASP A 77 -13.53 7.93 -7.86
CA ASP A 77 -13.83 7.14 -6.68
C ASP A 77 -12.52 6.60 -6.11
N LEU A 78 -11.44 7.13 -6.65
CA LEU A 78 -10.12 6.80 -6.26
C LEU A 78 -9.70 7.83 -5.23
N GLU A 79 -9.77 7.44 -4.02
CA GLU A 79 -9.50 8.29 -2.93
C GLU A 79 -8.93 7.46 -1.82
N CYS A 80 -8.04 8.04 -1.05
CA CYS A 80 -7.50 7.38 0.12
C CYS A 80 -8.50 7.54 1.22
N ASN A 81 -9.59 6.85 1.07
CA ASN A 81 -10.66 7.00 2.02
C ASN A 81 -10.62 5.84 2.96
N GLU A 82 -11.62 5.78 3.77
CA GLU A 82 -11.81 4.79 4.80
C GLU A 82 -11.85 3.37 4.23
N ASN A 83 -12.70 3.18 3.23
CA ASN A 83 -12.84 1.94 2.45
C ASN A 83 -11.48 1.56 1.95
N VAL A 84 -10.83 2.52 1.32
CA VAL A 84 -9.52 2.25 0.75
C VAL A 84 -8.50 1.88 1.84
N LYS A 85 -8.52 2.61 2.93
CA LYS A 85 -7.67 2.33 4.08
C LYS A 85 -7.91 0.94 4.60
N HIS A 86 -9.18 0.60 4.79
CA HIS A 86 -9.62 -0.71 5.30
C HIS A 86 -9.00 -1.81 4.48
N LYS A 87 -9.21 -1.67 3.21
CA LYS A 87 -8.78 -2.58 2.18
C LYS A 87 -7.28 -2.73 2.24
N THR A 88 -6.65 -1.66 2.50
CA THR A 88 -5.29 -1.59 2.46
C THR A 88 -4.63 -2.20 3.63
N LYS A 89 -4.89 -1.73 4.82
CA LYS A 89 -4.23 -2.25 5.98
C LYS A 89 -4.54 -3.73 6.19
N GLU A 90 -5.76 -4.14 5.82
CA GLU A 90 -6.11 -5.56 5.84
C GLU A 90 -5.33 -6.33 4.77
N TYR A 91 -5.16 -5.71 3.59
CA TYR A 91 -4.42 -6.34 2.52
C TYR A 91 -2.98 -6.46 2.92
N ILE A 92 -2.43 -5.36 3.40
CA ILE A 92 -1.05 -5.27 3.86
C ILE A 92 -0.72 -6.35 4.82
N LYS A 93 -1.51 -6.46 5.87
CA LYS A 93 -1.26 -7.48 6.86
C LYS A 93 -1.24 -8.82 6.20
N LYS A 94 -2.28 -9.11 5.45
CA LYS A 94 -2.41 -10.43 4.87
C LYS A 94 -1.28 -10.67 3.88
N TYR A 95 -0.87 -9.62 3.24
CA TYR A 95 0.19 -9.67 2.32
C TYR A 95 1.49 -10.00 3.00
N MET A 96 1.85 -9.27 4.02
CA MET A 96 3.09 -9.46 4.68
C MET A 96 3.18 -10.81 5.37
N GLN A 97 2.01 -11.41 5.62
CA GLN A 97 1.97 -12.74 6.23
C GLN A 97 2.64 -13.78 5.36
N LYS A 98 2.71 -13.51 4.07
CA LYS A 98 3.26 -14.48 3.14
C LYS A 98 4.77 -14.50 3.16
N PHE A 99 5.37 -13.44 3.70
CA PHE A 99 6.82 -13.38 3.82
C PHE A 99 7.31 -14.27 4.94
N GLY A 100 6.50 -14.40 5.95
CA GLY A 100 6.86 -15.19 7.06
C GLY A 100 7.36 -14.33 8.14
N ALA A 101 8.53 -14.56 8.57
CA ALA A 101 9.12 -13.81 9.63
C ALA A 101 9.75 -12.54 9.08
N VAL A 102 10.47 -12.67 7.99
CA VAL A 102 11.19 -11.51 7.45
C VAL A 102 10.61 -11.18 6.09
N TYR A 103 10.73 -9.95 5.73
CA TYR A 103 10.25 -9.45 4.49
C TYR A 103 11.29 -9.68 3.41
N LYS A 104 11.02 -10.67 2.64
CA LYS A 104 11.81 -11.04 1.51
C LYS A 104 11.05 -10.88 0.19
N PRO A 105 11.14 -9.69 -0.43
CA PRO A 105 10.39 -9.33 -1.65
C PRO A 105 10.71 -10.23 -2.84
N LYS A 106 11.91 -10.77 -2.86
CA LYS A 106 12.31 -11.75 -3.88
C LYS A 106 11.39 -12.99 -3.87
N GLU A 107 10.71 -13.19 -2.76
CA GLU A 107 9.82 -14.31 -2.58
C GLU A 107 8.39 -13.84 -2.57
N ASP A 108 8.15 -12.67 -3.16
CA ASP A 108 6.83 -12.08 -3.15
C ASP A 108 5.83 -12.91 -3.96
N THR A 109 4.62 -12.51 -3.86
CA THR A 109 3.48 -13.20 -4.40
C THR A 109 3.43 -13.14 -5.94
N THR A 10 -15.88 16.70 -14.28
CA THR A 10 -14.62 16.67 -15.00
C THR A 10 -13.59 15.78 -14.28
N SER A 11 -14.03 14.60 -13.97
CA SER A 11 -13.27 13.63 -13.19
C SER A 11 -12.15 12.96 -13.94
N SER A 12 -12.03 13.25 -15.19
CA SER A 12 -10.93 12.74 -15.91
C SER A 12 -9.71 13.57 -15.49
N GLU A 13 -9.84 14.88 -15.53
CA GLU A 13 -8.75 15.77 -15.18
C GLU A 13 -8.58 15.95 -13.68
N LEU A 14 -9.72 15.97 -12.97
CA LEU A 14 -9.78 16.13 -11.51
C LEU A 14 -8.94 15.04 -10.86
N ALA A 15 -9.03 13.89 -11.47
CA ALA A 15 -8.48 12.74 -10.92
C ALA A 15 -7.02 12.62 -11.22
N LYS A 16 -6.54 13.38 -12.18
CA LYS A 16 -5.12 13.37 -12.48
C LYS A 16 -4.39 13.98 -11.29
N LYS A 17 -5.09 14.88 -10.63
CA LYS A 17 -4.62 15.46 -9.40
C LYS A 17 -4.93 14.49 -8.25
N SER A 18 -6.15 13.93 -8.26
CA SER A 18 -6.59 13.05 -7.20
C SER A 18 -5.73 11.80 -7.06
N LYS A 19 -5.17 11.29 -8.15
CA LYS A 19 -4.33 10.11 -8.06
C LYS A 19 -3.08 10.42 -7.30
N GLU A 20 -2.61 11.66 -7.41
CA GLU A 20 -1.40 12.08 -6.72
C GLU A 20 -1.70 12.27 -5.27
N VAL A 21 -2.81 12.94 -5.02
CA VAL A 21 -3.27 13.18 -3.68
C VAL A 21 -3.53 11.84 -3.03
N PHE A 22 -4.13 10.94 -3.78
CA PHE A 22 -4.48 9.61 -3.32
C PHE A 22 -3.24 8.81 -3.03
N ARG A 23 -2.36 8.74 -4.03
CA ARG A 23 -1.16 7.97 -3.88
C ARG A 23 -0.31 8.51 -2.74
N LYS A 24 -0.42 9.81 -2.46
CA LYS A 24 0.32 10.41 -1.38
C LYS A 24 -0.23 9.95 -0.05
N GLU A 25 -1.57 10.00 0.10
CA GLU A 25 -2.23 9.61 1.34
C GLU A 25 -1.90 8.20 1.59
N MET A 26 -2.13 7.42 0.58
CA MET A 26 -1.94 5.99 0.64
C MET A 26 -0.49 5.61 0.90
N SER A 27 0.45 6.30 0.28
CA SER A 27 1.84 6.03 0.51
C SER A 27 2.16 6.29 1.93
N GLN A 28 1.61 7.36 2.49
CA GLN A 28 1.96 7.74 3.85
C GLN A 28 1.29 6.83 4.82
N PHE A 29 0.09 6.49 4.47
CA PHE A 29 -0.72 5.55 5.20
C PHE A 29 -0.04 4.18 5.24
N ILE A 30 0.37 3.71 4.07
CA ILE A 30 1.06 2.44 3.94
C ILE A 30 2.39 2.47 4.62
N VAL A 31 3.13 3.53 4.42
CA VAL A 31 4.38 3.72 5.13
C VAL A 31 4.16 3.55 6.63
N GLN A 32 3.14 4.20 7.14
CA GLN A 32 2.78 4.11 8.54
C GLN A 32 2.42 2.67 8.91
N CYS A 33 1.68 2.04 8.04
CA CYS A 33 1.27 0.66 8.20
C CYS A 33 2.46 -0.28 8.23
N LEU A 34 3.47 0.02 7.44
CA LEU A 34 4.69 -0.76 7.36
C LEU A 34 5.65 -0.45 8.49
N ASN A 35 5.49 0.72 9.12
CA ASN A 35 6.28 1.09 10.32
C ASN A 35 6.48 -0.04 11.35
N PRO A 36 5.40 -0.75 11.80
CA PRO A 36 5.55 -1.87 12.74
C PRO A 36 6.24 -3.08 12.13
N TYR A 37 6.30 -3.12 10.82
CA TYR A 37 6.91 -4.25 10.14
C TYR A 37 8.40 -4.07 10.04
N ARG A 38 8.84 -2.84 10.02
CA ARG A 38 10.28 -2.56 9.90
C ARG A 38 10.94 -2.59 11.26
N LYS A 39 10.14 -2.86 12.24
CA LYS A 39 10.59 -3.02 13.59
C LYS A 39 11.34 -4.33 13.70
N PRO A 40 12.46 -4.36 14.38
CA PRO A 40 13.27 -5.58 14.54
C PRO A 40 12.56 -6.62 15.43
N ASP A 41 11.49 -6.19 16.07
CA ASP A 41 10.71 -7.03 16.91
C ASP A 41 9.44 -7.47 16.20
N CYS A 42 9.29 -7.09 14.94
CA CYS A 42 8.10 -7.43 14.15
C CYS A 42 7.88 -8.94 14.12
N LYS A 43 6.63 -9.34 14.24
CA LYS A 43 6.27 -10.74 14.31
C LYS A 43 6.28 -11.37 12.94
N VAL A 44 5.67 -10.70 12.00
CA VAL A 44 5.46 -11.24 10.67
C VAL A 44 5.70 -10.15 9.64
N GLY A 45 6.50 -10.48 8.63
CA GLY A 45 6.80 -9.53 7.60
C GLY A 45 7.73 -8.44 8.08
N ARG A 46 8.78 -8.83 8.78
CA ARG A 46 9.72 -7.89 9.32
C ARG A 46 10.59 -7.33 8.21
N ILE A 47 10.50 -6.05 7.98
CA ILE A 47 11.24 -5.40 6.93
C ILE A 47 12.70 -5.26 7.28
N THR A 48 13.50 -5.82 6.42
CA THR A 48 14.93 -5.79 6.51
C THR A 48 15.51 -4.40 6.40
N THR A 49 15.35 -3.81 5.25
CA THR A 49 16.05 -2.61 4.95
C THR A 49 15.08 -1.49 4.75
N THR A 50 15.52 -0.30 5.01
CA THR A 50 14.76 0.88 4.73
C THR A 50 14.42 0.94 3.23
N GLU A 51 15.38 0.56 2.40
CA GLU A 51 15.20 0.49 0.96
C GLU A 51 14.11 -0.50 0.61
N ASP A 52 14.08 -1.58 1.35
CA ASP A 52 13.08 -2.62 1.16
C ASP A 52 11.74 -2.14 1.60
N PHE A 53 11.75 -1.41 2.69
CA PHE A 53 10.57 -0.77 3.23
C PHE A 53 9.97 0.18 2.15
N LYS A 54 10.82 1.02 1.60
CA LYS A 54 10.47 1.99 0.59
C LYS A 54 9.95 1.34 -0.67
N HIS A 55 10.60 0.26 -1.08
CA HIS A 55 10.26 -0.49 -2.28
C HIS A 55 8.88 -1.10 -2.13
N LEU A 56 8.65 -1.66 -1.01
CA LEU A 56 7.40 -2.27 -0.77
C LEU A 56 6.31 -1.28 -0.60
N ALA A 57 6.59 -0.16 0.10
CA ALA A 57 5.59 0.91 0.25
C ALA A 57 5.14 1.36 -1.15
N ARG A 58 6.10 1.40 -2.07
CA ARG A 58 5.84 1.70 -3.47
C ARG A 58 4.85 0.71 -4.04
N LYS A 59 5.22 -0.57 -3.94
CA LYS A 59 4.43 -1.62 -4.57
C LYS A 59 3.02 -1.68 -4.01
N LEU A 60 2.89 -1.57 -2.72
CA LEU A 60 1.61 -1.69 -2.05
C LEU A 60 0.70 -0.54 -2.38
N THR A 61 1.25 0.67 -2.38
CA THR A 61 0.49 1.86 -2.73
C THR A 61 -0.03 1.71 -4.13
N HIS A 62 0.80 1.14 -4.96
CA HIS A 62 0.44 1.01 -6.34
C HIS A 62 -0.56 -0.13 -6.58
N GLY A 63 -0.48 -1.18 -5.81
CA GLY A 63 -1.37 -2.32 -6.01
C GLY A 63 -2.80 -2.05 -5.60
N VAL A 64 -2.99 -1.33 -4.48
CA VAL A 64 -4.36 -0.97 -4.02
C VAL A 64 -4.98 -0.05 -5.05
N MET A 65 -4.12 0.78 -5.58
CA MET A 65 -4.46 1.76 -6.57
C MET A 65 -4.97 1.07 -7.83
N ASN A 66 -4.25 0.06 -8.26
CA ASN A 66 -4.61 -0.75 -9.40
C ASN A 66 -5.93 -1.47 -9.18
N LYS A 67 -6.10 -2.07 -8.02
CA LYS A 67 -7.31 -2.80 -7.67
C LYS A 67 -8.52 -1.89 -7.71
N GLU A 68 -8.40 -0.73 -7.16
CA GLU A 68 -9.51 0.14 -7.18
C GLU A 68 -9.71 0.75 -8.52
N LEU A 69 -8.66 1.13 -9.19
CA LEU A 69 -8.79 1.62 -10.58
C LEU A 69 -9.50 0.60 -11.46
N LYS A 70 -9.32 -0.67 -11.19
CA LYS A 70 -9.95 -1.67 -11.99
C LYS A 70 -11.38 -1.95 -11.56
N TYR A 71 -11.68 -1.78 -10.28
CA TYR A 71 -13.04 -2.03 -9.78
C TYR A 71 -13.90 -0.80 -9.86
N CYS A 72 -13.30 0.33 -9.67
CA CYS A 72 -13.96 1.59 -9.67
C CYS A 72 -14.08 2.06 -11.08
N LYS A 73 -12.99 1.86 -11.84
CA LYS A 73 -12.88 2.19 -13.27
C LYS A 73 -12.78 3.69 -13.48
N ASN A 74 -13.60 4.42 -12.79
CA ASN A 74 -13.55 5.86 -12.79
C ASN A 74 -12.81 6.30 -11.52
N PRO A 75 -11.79 7.14 -11.65
CA PRO A 75 -11.03 7.64 -10.49
C PRO A 75 -11.76 8.67 -9.67
N GLU A 76 -12.95 8.90 -10.05
CA GLU A 76 -13.89 9.73 -9.34
C GLU A 76 -14.26 9.02 -8.02
N ASP A 77 -13.84 7.79 -7.93
CA ASP A 77 -14.10 6.95 -6.79
C ASP A 77 -12.77 6.53 -6.16
N LEU A 78 -11.69 7.06 -6.74
CA LEU A 78 -10.35 6.84 -6.31
C LEU A 78 -9.99 7.92 -5.33
N GLU A 79 -9.97 7.54 -4.12
CA GLU A 79 -9.65 8.36 -3.04
C GLU A 79 -9.10 7.47 -1.98
N CYS A 80 -8.18 7.96 -1.20
CA CYS A 80 -7.69 7.20 -0.09
C CYS A 80 -8.65 7.45 1.05
N ASN A 81 -9.77 6.83 0.92
CA ASN A 81 -10.83 7.02 1.87
C ASN A 81 -10.82 5.87 2.85
N GLU A 82 -11.85 5.80 3.61
CA GLU A 82 -12.09 4.79 4.63
C GLU A 82 -12.04 3.38 4.06
N ASN A 83 -12.86 3.16 3.03
CA ASN A 83 -12.92 1.91 2.24
C ASN A 83 -11.56 1.56 1.84
N VAL A 84 -10.89 2.53 1.22
CA VAL A 84 -9.57 2.28 0.70
C VAL A 84 -8.60 1.91 1.80
N LYS A 85 -8.59 2.69 2.85
CA LYS A 85 -7.72 2.45 3.99
C LYS A 85 -7.92 1.08 4.52
N HIS A 86 -9.17 0.72 4.69
CA HIS A 86 -9.51 -0.60 5.22
C HIS A 86 -8.90 -1.68 4.34
N LYS A 87 -9.11 -1.54 3.04
CA LYS A 87 -8.60 -2.46 2.04
C LYS A 87 -7.12 -2.56 2.14
N THR A 88 -6.52 -1.45 2.32
CA THR A 88 -5.16 -1.32 2.23
C THR A 88 -4.46 -1.90 3.39
N LYS A 89 -4.74 -1.42 4.56
CA LYS A 89 -4.06 -1.92 5.69
C LYS A 89 -4.32 -3.41 5.93
N GLU A 90 -5.55 -3.87 5.62
CA GLU A 90 -5.86 -5.30 5.74
C GLU A 90 -5.16 -6.11 4.65
N TYR A 91 -5.01 -5.49 3.49
CA TYR A 91 -4.31 -6.13 2.39
C TYR A 91 -2.88 -6.27 2.79
N ILE A 92 -2.32 -5.18 3.31
CA ILE A 92 -0.97 -5.14 3.83
C ILE A 92 -0.73 -6.26 4.81
N LYS A 93 -1.65 -6.39 5.79
CA LYS A 93 -1.55 -7.43 6.80
C LYS A 93 -1.34 -8.75 6.10
N LYS A 94 -2.31 -9.06 5.26
CA LYS A 94 -2.38 -10.38 4.68
C LYS A 94 -1.22 -10.58 3.74
N TYR A 95 -0.82 -9.52 3.09
CA TYR A 95 0.25 -9.57 2.19
C TYR A 95 1.54 -9.90 2.89
N MET A 96 1.84 -9.19 3.94
CA MET A 96 3.07 -9.41 4.62
C MET A 96 3.10 -10.74 5.33
N GLN A 97 1.91 -11.31 5.56
CA GLN A 97 1.83 -12.63 6.17
C GLN A 97 2.40 -13.69 5.25
N LYS A 98 2.49 -13.38 3.96
CA LYS A 98 2.99 -14.36 3.00
C LYS A 98 4.51 -14.48 3.05
N PHE A 99 5.17 -13.43 3.54
CA PHE A 99 6.62 -13.43 3.61
C PHE A 99 7.13 -14.33 4.72
N GLY A 100 6.42 -14.30 5.82
CA GLY A 100 6.77 -15.09 6.93
C GLY A 100 7.26 -14.22 8.03
N ALA A 101 8.36 -14.57 8.59
CA ALA A 101 8.93 -13.80 9.67
C ALA A 101 9.55 -12.52 9.14
N VAL A 102 10.26 -12.63 8.04
CA VAL A 102 10.95 -11.47 7.52
C VAL A 102 10.40 -11.17 6.14
N TYR A 103 10.48 -9.94 5.77
CA TYR A 103 10.04 -9.49 4.52
C TYR A 103 11.11 -9.75 3.50
N LYS A 104 10.86 -10.75 2.73
CA LYS A 104 11.72 -11.17 1.67
C LYS A 104 11.01 -10.94 0.35
N PRO A 105 11.19 -9.78 -0.30
CA PRO A 105 10.51 -9.45 -1.58
C PRO A 105 10.97 -10.38 -2.71
N LYS A 106 12.13 -10.98 -2.52
CA LYS A 106 12.62 -12.06 -3.38
C LYS A 106 11.66 -13.26 -3.40
N GLU A 107 10.77 -13.27 -2.45
CA GLU A 107 9.77 -14.30 -2.30
C GLU A 107 8.38 -13.67 -2.24
N ASP A 108 8.23 -12.53 -2.92
CA ASP A 108 6.96 -11.83 -3.05
C ASP A 108 6.06 -12.56 -4.07
N THR A 109 4.85 -12.10 -4.25
CA THR A 109 3.91 -12.71 -5.15
C THR A 109 4.45 -12.60 -6.57
N THR A 10 -15.94 16.69 -14.46
CA THR A 10 -14.58 17.15 -14.32
C THR A 10 -13.66 16.07 -13.71
N SER A 11 -14.11 14.84 -13.78
CA SER A 11 -13.44 13.72 -13.17
C SER A 11 -12.28 13.20 -13.96
N SER A 12 -12.00 13.78 -15.06
CA SER A 12 -10.82 13.39 -15.71
C SER A 12 -9.72 14.26 -15.12
N GLU A 13 -9.96 15.55 -15.01
CA GLU A 13 -8.95 16.48 -14.53
C GLU A 13 -8.82 16.47 -13.01
N LEU A 14 -9.96 16.35 -12.32
CA LEU A 14 -10.01 16.30 -10.85
C LEU A 14 -9.21 15.11 -10.41
N ALA A 15 -9.33 14.09 -11.20
CA ALA A 15 -8.74 12.85 -10.90
C ALA A 15 -7.26 12.86 -11.17
N LYS A 16 -6.82 13.69 -12.11
CA LYS A 16 -5.39 13.82 -12.36
C LYS A 16 -4.67 14.21 -11.09
N LYS A 17 -5.31 15.07 -10.31
CA LYS A 17 -4.78 15.43 -9.02
C LYS A 17 -5.09 14.33 -8.02
N SER A 18 -6.32 13.76 -8.11
CA SER A 18 -6.79 12.81 -7.12
C SER A 18 -5.94 11.55 -7.09
N LYS A 19 -5.37 11.13 -8.22
CA LYS A 19 -4.55 9.93 -8.25
C LYS A 19 -3.24 10.19 -7.58
N GLU A 20 -2.74 11.42 -7.70
CA GLU A 20 -1.46 11.78 -7.09
C GLU A 20 -1.64 11.96 -5.63
N VAL A 21 -2.70 12.66 -5.29
CA VAL A 21 -3.03 12.88 -3.91
C VAL A 21 -3.31 11.55 -3.29
N PHE A 22 -4.03 10.69 -4.00
CA PHE A 22 -4.36 9.35 -3.51
C PHE A 22 -3.12 8.55 -3.30
N ARG A 23 -2.31 8.45 -4.34
CA ARG A 23 -1.10 7.65 -4.27
C ARG A 23 -0.19 8.14 -3.15
N LYS A 24 -0.23 9.42 -2.87
CA LYS A 24 0.58 10.00 -1.84
C LYS A 24 0.03 9.69 -0.45
N GLU A 25 -1.32 9.79 -0.30
CA GLU A 25 -1.97 9.49 0.97
C GLU A 25 -1.70 8.07 1.29
N MET A 26 -1.99 7.27 0.33
CA MET A 26 -1.85 5.83 0.45
C MET A 26 -0.41 5.43 0.70
N SER A 27 0.54 6.08 0.06
CA SER A 27 1.93 5.79 0.29
C SER A 27 2.23 6.07 1.72
N GLN A 28 1.72 7.17 2.24
CA GLN A 28 2.07 7.57 3.59
C GLN A 28 1.36 6.72 4.61
N PHE A 29 0.15 6.44 4.28
CA PHE A 29 -0.71 5.55 5.05
C PHE A 29 -0.07 4.16 5.12
N ILE A 30 0.31 3.63 3.97
CA ILE A 30 0.97 2.35 3.88
C ILE A 30 2.29 2.39 4.60
N VAL A 31 3.02 3.48 4.44
CA VAL A 31 4.24 3.69 5.20
C VAL A 31 3.98 3.48 6.69
N GLN A 32 2.93 4.12 7.20
CA GLN A 32 2.56 4.01 8.59
C GLN A 32 2.18 2.58 8.95
N CYS A 33 1.51 1.93 8.03
CA CYS A 33 1.10 0.56 8.17
C CYS A 33 2.31 -0.37 8.23
N LEU A 34 3.31 -0.07 7.43
CA LEU A 34 4.54 -0.85 7.37
C LEU A 34 5.50 -0.51 8.50
N ASN A 35 5.31 0.66 9.13
CA ASN A 35 6.11 1.04 10.32
C ASN A 35 6.32 -0.07 11.35
N PRO A 36 5.26 -0.80 11.82
CA PRO A 36 5.44 -1.90 12.77
C PRO A 36 6.20 -3.09 12.17
N TYR A 37 6.26 -3.15 10.86
CA TYR A 37 6.90 -4.26 10.18
C TYR A 37 8.37 -4.03 10.04
N ARG A 38 8.79 -2.78 10.04
CA ARG A 38 10.21 -2.45 9.89
C ARG A 38 10.92 -2.49 11.23
N LYS A 39 10.15 -2.70 12.25
CA LYS A 39 10.67 -2.80 13.59
C LYS A 39 11.42 -4.13 13.70
N PRO A 40 12.58 -4.16 14.36
CA PRO A 40 13.35 -5.39 14.56
C PRO A 40 12.60 -6.43 15.40
N ASP A 41 11.52 -6.00 16.06
CA ASP A 41 10.72 -6.84 16.88
C ASP A 41 9.59 -7.49 16.09
N CYS A 42 9.51 -7.15 14.81
CA CYS A 42 8.43 -7.62 13.94
C CYS A 42 8.43 -9.14 13.86
N LYS A 43 7.25 -9.71 13.99
CA LYS A 43 7.07 -11.15 14.03
C LYS A 43 6.87 -11.69 12.63
N VAL A 44 6.09 -10.96 11.86
CA VAL A 44 5.68 -11.40 10.55
C VAL A 44 5.85 -10.28 9.56
N GLY A 45 6.61 -10.54 8.53
CA GLY A 45 6.87 -9.55 7.52
C GLY A 45 7.80 -8.47 8.03
N ARG A 46 8.90 -8.85 8.64
CA ARG A 46 9.83 -7.88 9.16
C ARG A 46 10.65 -7.29 8.04
N ILE A 47 10.53 -6.01 7.87
CA ILE A 47 11.23 -5.30 6.84
C ILE A 47 12.67 -5.07 7.25
N THR A 48 13.55 -5.63 6.47
CA THR A 48 14.97 -5.59 6.66
C THR A 48 15.55 -4.19 6.63
N THR A 49 15.32 -3.50 5.56
CA THR A 49 15.99 -2.25 5.33
C THR A 49 14.99 -1.19 4.94
N THR A 50 15.37 0.05 5.12
CA THR A 50 14.57 1.17 4.72
C THR A 50 14.30 1.13 3.23
N GLU A 51 15.29 0.71 2.46
CA GLU A 51 15.19 0.58 1.00
C GLU A 51 14.07 -0.38 0.67
N ASP A 52 13.98 -1.42 1.46
CA ASP A 52 12.98 -2.45 1.31
C ASP A 52 11.65 -1.94 1.72
N PHE A 53 11.65 -1.22 2.81
CA PHE A 53 10.48 -0.58 3.35
C PHE A 53 9.85 0.34 2.29
N LYS A 54 10.68 1.21 1.74
CA LYS A 54 10.28 2.18 0.76
C LYS A 54 9.79 1.50 -0.50
N HIS A 55 10.48 0.44 -0.91
CA HIS A 55 10.13 -0.29 -2.13
C HIS A 55 8.76 -0.91 -1.97
N LEU A 56 8.55 -1.56 -0.86
CA LEU A 56 7.31 -2.22 -0.62
C LEU A 56 6.20 -1.25 -0.40
N ALA A 57 6.48 -0.15 0.31
CA ALA A 57 5.46 0.89 0.51
C ALA A 57 4.96 1.37 -0.85
N ARG A 58 5.90 1.50 -1.77
CA ARG A 58 5.58 1.90 -3.13
C ARG A 58 4.77 0.85 -3.81
N LYS A 59 5.17 -0.38 -3.62
CA LYS A 59 4.60 -1.47 -4.34
C LYS A 59 3.16 -1.74 -3.89
N LEU A 60 2.95 -1.65 -2.60
CA LEU A 60 1.63 -1.87 -2.03
C LEU A 60 0.69 -0.75 -2.39
N THR A 61 1.22 0.47 -2.35
CA THR A 61 0.45 1.63 -2.78
C THR A 61 0.00 1.43 -4.20
N HIS A 62 0.91 0.91 -4.97
CA HIS A 62 0.67 0.73 -6.38
C HIS A 62 -0.34 -0.42 -6.62
N GLY A 63 -0.29 -1.45 -5.80
CA GLY A 63 -1.20 -2.57 -5.95
C GLY A 63 -2.63 -2.25 -5.55
N VAL A 64 -2.81 -1.50 -4.45
CA VAL A 64 -4.18 -1.09 -4.01
C VAL A 64 -4.77 -0.21 -5.09
N MET A 65 -3.90 0.61 -5.62
CA MET A 65 -4.21 1.56 -6.65
C MET A 65 -4.69 0.83 -7.90
N ASN A 66 -3.93 -0.16 -8.32
CA ASN A 66 -4.26 -0.98 -9.47
C ASN A 66 -5.57 -1.74 -9.28
N LYS A 67 -5.74 -2.30 -8.11
CA LYS A 67 -6.94 -3.03 -7.81
C LYS A 67 -8.16 -2.15 -7.87
N GLU A 68 -8.09 -1.00 -7.28
CA GLU A 68 -9.22 -0.18 -7.34
C GLU A 68 -9.39 0.43 -8.69
N LEU A 69 -8.33 0.81 -9.34
CA LEU A 69 -8.42 1.28 -10.74
C LEU A 69 -9.09 0.23 -11.63
N LYS A 70 -8.91 -1.05 -11.32
CA LYS A 70 -9.51 -2.06 -12.13
C LYS A 70 -10.94 -2.39 -11.70
N TYR A 71 -11.30 -2.09 -10.45
CA TYR A 71 -12.69 -2.35 -9.96
C TYR A 71 -13.55 -1.08 -10.02
N CYS A 72 -12.91 0.04 -9.85
CA CYS A 72 -13.54 1.35 -9.83
C CYS A 72 -13.65 1.83 -11.23
N LYS A 73 -12.54 1.67 -11.98
CA LYS A 73 -12.44 2.02 -13.39
C LYS A 73 -12.40 3.54 -13.61
N ASN A 74 -13.22 4.25 -12.88
CA ASN A 74 -13.22 5.68 -12.89
C ASN A 74 -12.49 6.18 -11.63
N PRO A 75 -11.52 7.10 -11.78
CA PRO A 75 -10.78 7.67 -10.64
C PRO A 75 -11.57 8.63 -9.83
N GLU A 76 -12.77 8.83 -10.23
CA GLU A 76 -13.75 9.67 -9.56
C GLU A 76 -14.11 8.98 -8.23
N ASP A 77 -13.63 7.77 -8.09
CA ASP A 77 -13.87 6.94 -6.93
C ASP A 77 -12.53 6.63 -6.25
N LEU A 78 -11.46 7.05 -6.89
CA LEU A 78 -10.13 6.78 -6.46
C LEU A 78 -9.67 7.85 -5.50
N GLU A 79 -9.76 7.54 -4.28
CA GLU A 79 -9.39 8.34 -3.19
C GLU A 79 -8.86 7.43 -2.13
N CYS A 80 -7.93 7.89 -1.35
CA CYS A 80 -7.44 7.12 -0.26
C CYS A 80 -8.35 7.40 0.89
N ASN A 81 -9.53 6.87 0.78
CA ASN A 81 -10.55 7.12 1.76
C ASN A 81 -10.57 5.96 2.73
N GLU A 82 -11.58 5.92 3.53
CA GLU A 82 -11.80 4.92 4.55
C GLU A 82 -11.91 3.50 3.98
N ASN A 83 -12.74 3.35 2.94
CA ASN A 83 -12.91 2.11 2.17
C ASN A 83 -11.56 1.64 1.80
N VAL A 84 -10.82 2.58 1.19
CA VAL A 84 -9.51 2.25 0.72
C VAL A 84 -8.58 1.91 1.86
N LYS A 85 -8.55 2.76 2.88
CA LYS A 85 -7.68 2.56 4.05
C LYS A 85 -7.90 1.21 4.67
N HIS A 86 -9.16 0.90 4.93
CA HIS A 86 -9.56 -0.39 5.51
C HIS A 86 -8.96 -1.51 4.70
N LYS A 87 -9.23 -1.44 3.43
CA LYS A 87 -8.84 -2.44 2.48
C LYS A 87 -7.33 -2.55 2.42
N THR A 88 -6.68 -1.45 2.52
CA THR A 88 -5.33 -1.34 2.35
C THR A 88 -4.58 -1.91 3.49
N LYS A 89 -4.79 -1.38 4.67
CA LYS A 89 -4.06 -1.87 5.79
C LYS A 89 -4.34 -3.34 6.07
N GLU A 90 -5.60 -3.76 5.87
CA GLU A 90 -5.95 -5.18 6.03
C GLU A 90 -5.30 -6.03 4.95
N TYR A 91 -5.15 -5.44 3.77
CA TYR A 91 -4.48 -6.10 2.67
C TYR A 91 -3.04 -6.25 3.05
N ILE A 92 -2.45 -5.16 3.51
CA ILE A 92 -1.08 -5.14 4.01
C ILE A 92 -0.84 -6.23 5.01
N LYS A 93 -1.73 -6.34 6.01
CA LYS A 93 -1.61 -7.36 7.04
C LYS A 93 -1.44 -8.69 6.36
N LYS A 94 -2.42 -9.02 5.55
CA LYS A 94 -2.50 -10.34 4.96
C LYS A 94 -1.39 -10.56 3.98
N TYR A 95 -0.99 -9.49 3.34
CA TYR A 95 0.04 -9.52 2.40
C TYR A 95 1.35 -9.88 3.05
N MET A 96 1.70 -9.19 4.09
CA MET A 96 2.94 -9.44 4.73
C MET A 96 2.96 -10.77 5.43
N GLN A 97 1.76 -11.32 5.68
CA GLN A 97 1.67 -12.64 6.28
C GLN A 97 2.23 -13.71 5.34
N LYS A 98 2.29 -13.39 4.04
CA LYS A 98 2.76 -14.37 3.06
C LYS A 98 4.28 -14.50 3.07
N PHE A 99 4.96 -13.44 3.51
CA PHE A 99 6.42 -13.44 3.55
C PHE A 99 6.91 -14.38 4.62
N GLY A 100 6.32 -14.28 5.78
CA GLY A 100 6.72 -15.10 6.87
C GLY A 100 7.29 -14.25 7.94
N ALA A 101 8.46 -14.56 8.37
CA ALA A 101 9.10 -13.81 9.43
C ALA A 101 9.69 -12.53 8.89
N VAL A 102 10.36 -12.61 7.77
CA VAL A 102 11.03 -11.46 7.23
C VAL A 102 10.41 -11.13 5.89
N TYR A 103 10.54 -9.90 5.52
CA TYR A 103 10.05 -9.40 4.29
C TYR A 103 11.06 -9.68 3.21
N LYS A 104 10.77 -10.68 2.47
CA LYS A 104 11.58 -11.10 1.35
C LYS A 104 10.79 -10.84 0.06
N PRO A 105 10.95 -9.66 -0.58
CA PRO A 105 10.20 -9.29 -1.80
C PRO A 105 10.50 -10.23 -2.98
N LYS A 106 11.65 -10.89 -2.94
CA LYS A 106 11.96 -11.96 -3.90
C LYS A 106 10.90 -13.06 -3.84
N GLU A 107 10.18 -13.08 -2.77
CA GLU A 107 9.15 -14.03 -2.49
C GLU A 107 7.86 -13.28 -2.20
N ASP A 108 7.64 -12.16 -2.90
CA ASP A 108 6.38 -11.40 -2.74
C ASP A 108 5.23 -12.09 -3.47
N THR A 109 4.10 -11.41 -3.61
CA THR A 109 2.92 -11.97 -4.26
C THR A 109 3.20 -12.39 -5.72
#